data_7MEM
#
_entry.id   7MEM
#
loop_
_entity.id
_entity.type
_entity.pdbx_description
1 polymer 'Hemagglutinin HA1 chain'
2 polymer 'Light chain of monoclonal antibody 045-09 2B05'
3 polymer 'Heavy chain of monoclonal antibody 045-09 2B05'
4 polymer 'Hemagglutinin HA2 chain'
5 branched alpha-L-fucopyranose-(1-6)-2-acetamido-2-deoxy-beta-D-glucopyranose
6 branched 2-acetamido-2-deoxy-beta-D-glucopyranose-(1-4)-2-acetamido-2-deoxy-beta-D-glucopyranose
7 non-polymer 2-acetamido-2-deoxy-beta-D-glucopyranose
#
loop_
_entity_poly.entity_id
_entity_poly.type
_entity_poly.pdbx_seq_one_letter_code
_entity_poly.pdbx_strand_id
1 'polypeptide(L)'
;ADPGDTLCIGYHANNSTDTVDTVLEKNVTVTHSVNLLEDKHNGKLCKLRGVAPLHLGKCNIAGWILGNPECESLSTASSW
SYIVETPSSDNGTCYPGDFIDYEELREQLSSVSSFERFEIFPKTSSWPNHDSNKGVTAACPHAGAKSFYKNLIWLVKKGN
SYPKLSKSYINDKGKEVLVLWGIHHPSTSADQQSLYQNADTYVFVGSSRYSKKFKPEIAIRPKVRDQEGRMNYYWTLVEP
GDKITFEATGNLVVPRYAFAMERNAGSGIIISDTPVHDCNTTCQTPKGAINTSLPFQNIHPITIGKCPKYVKSTKLRLAT
GLRNIPSIQSR
;
E,C,F
2 'polypeptide(L)'
;DIQMTQSPSSLSAFVGDRVTIACQASQDIRIHLNWYQQKPGKAPKLLIYDASNLEAGVPSRFSGSGSGTDFTFTISSLQP
EDIATYYCQHYHNLPRTFGGGTKVEIK
;
L,J,K
3 'polypeptide(L)'
;VQLLESGGGLVQPGGSLSLSCAASGFTFSSFAMSWVRQAPVKGLEWVSMISAGGGNTYYADSVKGRFTISRDNSKSTLYL
QMSSLTAEDTAVYYCAKSDSSGFQYGRREFWGQGTLVTVS
;
H,G,I
4 'polypeptide(L)'
;GLFGAIAGFIEGGWTGMVDGWYGYHHQNEQGSGYAADLKSTQNAIDGITNKVNSVIEKMNTQFTAVGKEFNHLEKRIENL
NKKVDDGFLDIWTYNAELLVLLENERTLDYHDSNVKNLYEKVRSQLKNNAKEIGNGCFEFYHKCDNTCMESVKNGTYDYP
KYSEEAKLNREEID
;
D,A,B
#
# COMPACT_ATOMS: atom_id res chain seq x y z
N THR A 6 56.90 39.12 23.13
CA THR A 6 55.82 38.16 23.36
C THR A 6 55.29 37.51 22.07
N LEU A 7 55.04 36.20 22.13
CA LEU A 7 54.41 35.45 21.02
C LEU A 7 53.07 34.90 21.51
N CYS A 8 51.96 35.14 20.75
CA CYS A 8 50.60 34.73 21.15
C CYS A 8 49.92 33.89 20.07
N ILE A 9 49.25 32.82 20.51
CA ILE A 9 48.43 32.01 19.61
C ILE A 9 46.98 32.44 19.72
N GLY A 10 46.37 32.75 18.58
CA GLY A 10 45.00 33.17 18.52
C GLY A 10 44.28 32.51 17.35
N TYR A 11 43.16 33.12 16.98
CA TYR A 11 42.33 32.61 15.92
C TYR A 11 41.58 33.72 15.23
N HIS A 12 41.07 33.42 14.06
CA HIS A 12 40.28 34.25 13.17
C HIS A 12 38.96 34.75 13.71
N ALA A 13 38.65 36.00 13.44
CA ALA A 13 37.33 36.50 13.77
C ALA A 13 36.91 37.37 12.59
N ASN A 14 35.63 37.54 12.40
CA ASN A 14 35.18 38.35 11.28
C ASN A 14 33.88 39.06 11.59
N ASN A 15 33.21 39.50 10.55
CA ASN A 15 31.97 40.24 10.70
C ASN A 15 30.72 39.39 10.48
N SER A 16 30.88 38.06 10.49
CA SER A 16 29.74 37.17 10.30
C SER A 16 28.72 37.31 11.40
N THR A 17 27.46 37.28 11.00
CA THR A 17 26.32 37.33 11.89
C THR A 17 25.54 36.04 11.81
N ASP A 18 26.12 35.05 11.14
CA ASP A 18 25.49 33.75 10.96
C ASP A 18 25.51 32.93 12.22
N THR A 19 24.34 32.45 12.67
CA THR A 19 24.35 31.61 13.84
C THR A 19 23.84 30.22 13.59
N VAL A 20 24.34 29.30 14.40
CA VAL A 20 23.95 27.91 14.37
C VAL A 20 23.55 27.43 15.75
N ASP A 21 22.84 26.32 15.81
CA ASP A 21 22.50 25.75 17.11
C ASP A 21 23.28 24.48 17.30
N THR A 22 23.53 24.11 18.54
CA THR A 22 24.23 22.87 18.81
C THR A 22 23.45 22.11 19.87
N VAL A 23 23.87 20.91 20.19
CA VAL A 23 23.18 20.19 21.26
C VAL A 23 23.29 20.85 22.66
N LEU A 24 24.39 21.55 22.98
CA LEU A 24 24.50 22.18 24.30
C LEU A 24 24.14 23.67 24.37
N GLU A 25 24.22 24.38 23.25
CA GLU A 25 23.97 25.83 23.24
C GLU A 25 23.21 26.29 22.01
N LYS A 26 22.57 27.45 22.10
CA LYS A 26 21.78 27.97 20.98
C LYS A 26 22.30 29.32 20.50
N ASN A 27 21.91 29.83 19.34
CA ASN A 27 22.51 30.98 18.65
C ASN A 27 23.97 31.28 18.69
N VAL A 28 24.75 30.33 18.41
CA VAL A 28 26.19 30.51 18.30
C VAL A 28 26.66 31.14 17.02
N THR A 29 27.32 32.28 17.11
CA THR A 29 27.75 32.92 15.88
C THR A 29 29.02 32.26 15.42
N VAL A 30 29.11 31.93 14.14
CA VAL A 30 30.31 31.29 13.58
C VAL A 30 30.84 32.08 12.40
N THR A 31 32.12 31.91 12.09
CA THR A 31 32.75 32.67 11.01
C THR A 31 32.44 32.16 9.61
N HIS A 32 32.16 30.87 9.48
CA HIS A 32 31.86 30.24 8.20
C HIS A 32 30.73 29.23 8.38
N SER A 33 29.79 29.19 7.43
CA SER A 33 28.62 28.32 7.56
C SER A 33 27.97 27.96 6.24
N VAL A 34 27.44 26.72 6.13
CA VAL A 34 26.75 26.26 4.91
C VAL A 34 25.37 25.67 5.20
N ASN A 35 24.52 25.58 4.20
CA ASN A 35 23.25 24.92 4.42
C ASN A 35 23.30 23.49 3.97
N LEU A 36 22.48 22.65 4.60
CA LEU A 36 22.23 21.31 4.12
C LEU A 36 20.83 21.25 3.52
N LEU A 37 20.13 22.37 3.63
CA LEU A 37 18.75 22.50 3.22
C LEU A 37 18.50 23.49 2.11
N GLU A 38 17.81 23.02 1.08
CA GLU A 38 17.42 23.84 -0.06
C GLU A 38 16.06 24.45 0.16
N ASP A 39 15.95 25.76 0.04
CA ASP A 39 14.67 26.43 0.19
C ASP A 39 14.32 27.29 -1.03
N LYS A 40 15.01 27.04 -2.14
CA LYS A 40 14.79 27.78 -3.37
C LYS A 40 14.48 26.87 -4.53
N HIS A 41 13.74 27.39 -5.46
CA HIS A 41 13.41 26.71 -6.70
C HIS A 41 13.34 27.80 -7.73
N ASN A 42 13.37 27.45 -9.00
CA ASN A 42 13.39 28.51 -9.99
C ASN A 42 12.05 29.00 -10.50
N GLY A 43 10.92 28.51 -9.98
CA GLY A 43 9.63 28.99 -10.46
C GLY A 43 9.23 28.46 -11.84
N LYS A 44 9.92 27.45 -12.35
CA LYS A 44 9.64 26.97 -13.69
C LYS A 44 9.43 25.47 -13.78
N LEU A 45 8.61 25.03 -14.73
CA LEU A 45 8.55 23.60 -14.98
C LEU A 45 9.55 23.37 -16.13
N CYS A 46 10.57 22.51 -15.88
CA CYS A 46 11.72 22.26 -16.76
C CYS A 46 11.69 20.87 -17.39
N LYS A 47 12.52 20.68 -18.41
CA LYS A 47 12.68 19.37 -19.01
C LYS A 47 13.27 18.52 -17.92
N LEU A 48 12.82 17.31 -17.78
CA LEU A 48 13.38 16.45 -16.75
C LEU A 48 14.29 15.43 -17.39
N ARG A 49 15.55 15.46 -16.98
CA ARG A 49 16.57 14.58 -17.54
C ARG A 49 16.67 14.73 -19.07
N GLY A 50 16.54 15.95 -19.56
CA GLY A 50 16.66 16.25 -20.97
C GLY A 50 15.38 16.12 -21.80
N VAL A 51 14.28 15.67 -21.20
CA VAL A 51 13.05 15.53 -21.96
C VAL A 51 11.92 16.42 -21.45
N ALA A 52 11.31 17.12 -22.37
CA ALA A 52 10.22 18.03 -22.07
C ALA A 52 9.01 17.30 -21.51
N PRO A 53 8.21 17.94 -20.66
CA PRO A 53 6.96 17.45 -20.17
C PRO A 53 5.89 17.55 -21.21
N LEU A 54 4.83 16.81 -21.00
CA LEU A 54 3.64 16.96 -21.80
C LEU A 54 2.64 17.82 -21.08
N HIS A 55 2.48 19.05 -21.55
CA HIS A 55 1.54 19.94 -20.89
C HIS A 55 0.21 19.78 -21.61
N LEU A 56 -0.86 19.63 -20.86
CA LEU A 56 -2.17 19.47 -21.49
C LEU A 56 -3.07 20.69 -21.49
N GLY A 57 -2.54 21.85 -21.14
CA GLY A 57 -3.36 23.04 -21.14
C GLY A 57 -4.51 22.89 -20.16
N LYS A 58 -5.71 23.18 -20.65
CA LYS A 58 -6.95 23.09 -19.87
C LYS A 58 -7.61 21.70 -19.82
N CYS A 59 -7.00 20.69 -20.47
CA CYS A 59 -7.47 19.32 -20.56
C CYS A 59 -6.80 18.43 -19.53
N ASN A 60 -7.50 17.41 -19.13
CA ASN A 60 -6.91 16.40 -18.30
C ASN A 60 -6.58 15.20 -19.19
N ILE A 61 -6.02 14.15 -18.63
CA ILE A 61 -5.68 12.99 -19.44
C ILE A 61 -6.90 12.35 -20.10
N ALA A 62 -8.02 12.16 -19.41
CA ALA A 62 -9.13 11.53 -20.12
C ALA A 62 -9.54 12.33 -21.34
N GLY A 63 -9.54 13.64 -21.23
CA GLY A 63 -9.92 14.50 -22.34
C GLY A 63 -8.98 14.31 -23.51
N TRP A 64 -7.69 14.37 -23.20
CA TRP A 64 -6.64 14.23 -24.18
C TRP A 64 -6.62 12.90 -24.90
N ILE A 65 -6.74 11.80 -24.16
CA ILE A 65 -6.64 10.49 -24.77
C ILE A 65 -7.94 10.12 -25.53
N LEU A 66 -9.11 10.56 -25.05
CA LEU A 66 -10.35 10.26 -25.76
C LEU A 66 -10.56 11.19 -26.94
N GLY A 67 -10.04 12.41 -26.87
CA GLY A 67 -10.26 13.33 -27.96
C GLY A 67 -11.41 14.30 -27.70
N ASN A 68 -11.51 14.81 -26.48
CA ASN A 68 -12.52 15.81 -26.20
C ASN A 68 -12.30 16.90 -27.24
N PRO A 69 -13.34 17.41 -27.93
CA PRO A 69 -13.23 18.44 -28.95
C PRO A 69 -12.38 19.64 -28.51
N GLU A 70 -12.37 19.97 -27.23
CA GLU A 70 -11.59 21.13 -26.80
C GLU A 70 -10.07 20.90 -26.61
N CYS A 71 -9.60 19.65 -26.81
CA CYS A 71 -8.23 19.21 -26.65
C CYS A 71 -7.65 19.05 -28.04
N GLU A 72 -8.44 19.40 -29.07
CA GLU A 72 -7.98 19.23 -30.45
C GLU A 72 -6.79 20.13 -30.75
N SER A 73 -6.74 21.28 -30.13
CA SER A 73 -5.67 22.24 -30.32
C SER A 73 -4.34 21.80 -29.70
N LEU A 74 -4.33 20.75 -28.87
CA LEU A 74 -3.08 20.32 -28.26
C LEU A 74 -2.21 19.62 -29.29
N SER A 75 -0.90 19.82 -29.19
CA SER A 75 0.03 19.13 -30.07
C SER A 75 0.24 17.71 -29.59
N THR A 76 0.80 16.87 -30.44
CA THR A 76 1.12 15.53 -30.03
C THR A 76 2.59 15.42 -29.75
N ALA A 77 2.91 14.99 -28.54
CA ALA A 77 4.29 14.81 -28.14
C ALA A 77 4.72 13.43 -28.54
N SER A 78 5.96 13.28 -29.01
CA SER A 78 6.47 11.97 -29.35
C SER A 78 6.98 11.24 -28.13
N SER A 79 7.39 12.01 -27.13
CA SER A 79 7.88 11.45 -25.88
C SER A 79 7.71 12.51 -24.84
N TRP A 80 7.69 12.10 -23.59
CA TRP A 80 7.66 13.07 -22.51
C TRP A 80 8.17 12.49 -21.22
N SER A 81 8.67 13.39 -20.38
CA SER A 81 9.20 12.98 -19.08
C SER A 81 8.22 12.94 -17.93
N TYR A 82 7.16 13.73 -18.02
CA TYR A 82 6.13 13.81 -17.00
C TYR A 82 4.91 14.47 -17.60
N ILE A 83 3.79 14.40 -16.91
CA ILE A 83 2.59 15.10 -17.39
C ILE A 83 2.21 16.25 -16.51
N VAL A 84 1.91 17.37 -17.15
CA VAL A 84 1.48 18.55 -16.43
C VAL A 84 0.06 18.94 -16.79
N GLU A 85 -0.74 19.07 -15.76
CA GLU A 85 -2.13 19.49 -15.86
C GLU A 85 -2.25 20.70 -14.97
N THR A 86 -3.15 21.59 -15.25
CA THR A 86 -3.34 22.71 -14.36
C THR A 86 -4.37 22.30 -13.32
N PRO A 87 -4.53 23.00 -12.19
CA PRO A 87 -5.58 22.79 -11.20
C PRO A 87 -6.97 23.01 -11.79
N SER A 88 -7.03 23.68 -12.94
CA SER A 88 -8.22 24.02 -13.70
C SER A 88 -8.39 23.15 -14.93
N SER A 89 -7.70 22.00 -14.98
CA SER A 89 -7.78 21.08 -16.12
C SER A 89 -9.11 20.33 -16.10
N ASP A 90 -10.16 21.08 -16.39
CA ASP A 90 -11.53 20.60 -16.35
C ASP A 90 -12.05 19.81 -17.55
N ASN A 91 -11.44 19.92 -18.77
CA ASN A 91 -11.96 19.25 -19.96
C ASN A 91 -11.46 17.79 -20.02
N GLY A 92 -12.39 16.87 -19.67
CA GLY A 92 -12.19 15.43 -19.55
C GLY A 92 -13.25 14.72 -20.33
N THR A 93 -13.95 13.83 -19.69
CA THR A 93 -15.01 13.15 -20.38
C THR A 93 -16.19 14.14 -20.50
N CYS A 94 -16.74 14.35 -21.73
CA CYS A 94 -17.86 15.25 -22.03
C CYS A 94 -19.18 14.49 -22.15
N TYR A 95 -19.13 13.18 -22.34
CA TYR A 95 -20.36 12.40 -22.36
C TYR A 95 -20.27 11.58 -21.08
N PRO A 96 -21.09 11.85 -20.07
CA PRO A 96 -20.93 11.33 -18.73
C PRO A 96 -20.95 9.83 -18.67
N GLY A 97 -20.10 9.28 -17.80
CA GLY A 97 -19.98 7.85 -17.60
C GLY A 97 -18.76 7.52 -16.76
N ASP A 98 -18.54 6.22 -16.57
CA ASP A 98 -17.45 5.70 -15.76
C ASP A 98 -16.17 5.43 -16.55
N PHE A 99 -15.09 6.16 -16.29
CA PHE A 99 -13.86 5.88 -17.03
C PHE A 99 -13.15 4.85 -16.17
N ILE A 100 -13.10 3.64 -16.66
CA ILE A 100 -12.61 2.49 -15.92
C ILE A 100 -11.11 2.37 -15.91
N ASP A 101 -10.57 2.13 -14.72
CA ASP A 101 -9.14 1.99 -14.52
C ASP A 101 -8.42 3.23 -15.03
N TYR A 102 -9.00 4.38 -14.72
CA TYR A 102 -8.47 5.64 -15.13
C TYR A 102 -7.15 5.91 -14.47
N GLU A 103 -7.05 5.60 -13.19
CA GLU A 103 -5.81 5.86 -12.48
C GLU A 103 -4.65 5.02 -13.02
N GLU A 104 -4.92 3.76 -13.37
CA GLU A 104 -3.85 2.93 -13.94
C GLU A 104 -3.44 3.45 -15.30
N LEU A 105 -4.39 3.94 -16.09
CA LEU A 105 -4.02 4.46 -17.39
C LEU A 105 -3.15 5.70 -17.23
N ARG A 106 -3.52 6.56 -16.27
CA ARG A 106 -2.76 7.78 -16.03
C ARG A 106 -1.34 7.46 -15.62
N GLU A 107 -1.16 6.40 -14.83
CA GLU A 107 0.18 6.01 -14.41
C GLU A 107 0.99 5.51 -15.62
N GLN A 108 0.37 4.70 -16.48
CA GLN A 108 1.08 4.14 -17.63
C GLN A 108 1.56 5.21 -18.61
N LEU A 109 0.77 6.25 -18.77
CA LEU A 109 1.08 7.33 -19.68
C LEU A 109 1.95 8.42 -19.05
N SER A 110 2.30 8.29 -17.77
CA SER A 110 3.03 9.37 -17.11
C SER A 110 4.39 9.65 -17.67
N SER A 111 5.07 8.65 -18.20
CA SER A 111 6.40 8.83 -18.76
C SER A 111 6.51 7.93 -19.95
N VAL A 112 6.67 8.50 -21.12
CA VAL A 112 6.63 7.71 -22.33
C VAL A 112 7.87 7.93 -23.18
N SER A 113 8.53 6.83 -23.56
CA SER A 113 9.74 6.86 -24.36
C SER A 113 9.42 7.15 -25.80
N SER A 114 8.28 6.65 -26.23
CA SER A 114 7.84 6.84 -27.59
C SER A 114 6.33 6.79 -27.65
N PHE A 115 5.73 7.69 -28.41
CA PHE A 115 4.29 7.69 -28.57
C PHE A 115 3.88 8.21 -29.93
N GLU A 116 2.99 7.49 -30.59
CA GLU A 116 2.46 7.97 -31.85
C GLU A 116 1.01 7.58 -32.00
N ARG A 117 0.25 8.38 -32.71
CA ARG A 117 -1.14 8.02 -32.94
C ARG A 117 -1.29 7.55 -34.35
N PHE A 118 -2.17 6.59 -34.57
CA PHE A 118 -2.46 6.16 -35.92
C PHE A 118 -3.92 5.86 -36.09
N GLU A 119 -4.45 6.00 -37.31
CA GLU A 119 -5.84 5.65 -37.45
C GLU A 119 -5.83 4.13 -37.42
N ILE A 120 -6.77 3.52 -36.71
CA ILE A 120 -6.82 2.07 -36.59
C ILE A 120 -7.93 1.44 -37.42
N PHE A 121 -9.11 2.00 -37.37
CA PHE A 121 -10.26 1.50 -38.12
C PHE A 121 -10.81 2.65 -38.93
N PRO A 122 -10.34 2.88 -40.15
CA PRO A 122 -10.65 4.06 -40.92
C PRO A 122 -12.12 4.36 -40.97
N LYS A 123 -12.42 5.62 -40.68
CA LYS A 123 -13.80 6.09 -40.58
C LYS A 123 -14.69 5.79 -41.75
N THR A 124 -14.16 5.91 -42.95
CA THR A 124 -14.94 5.74 -44.15
C THR A 124 -14.98 4.36 -44.76
N SER A 125 -14.08 3.44 -44.36
CA SER A 125 -14.06 2.15 -45.03
C SER A 125 -14.29 0.98 -44.11
N SER A 126 -14.18 1.17 -42.79
CA SER A 126 -14.30 0.03 -41.91
C SER A 126 -15.73 -0.39 -41.63
N TRP A 127 -16.70 0.51 -41.72
CA TRP A 127 -18.04 0.13 -41.36
C TRP A 127 -19.06 0.51 -42.41
N PRO A 128 -19.07 -0.11 -43.59
CA PRO A 128 -19.94 0.21 -44.70
C PRO A 128 -21.40 -0.07 -44.41
N ASN A 129 -21.66 -0.88 -43.38
CA ASN A 129 -23.00 -1.27 -43.01
C ASN A 129 -23.53 -0.54 -41.79
N HIS A 130 -22.81 0.47 -41.32
CA HIS A 130 -23.26 1.17 -40.13
C HIS A 130 -23.14 2.65 -40.35
N ASP A 131 -23.96 3.43 -39.67
CA ASP A 131 -23.92 4.86 -39.85
C ASP A 131 -22.93 5.51 -38.89
N SER A 132 -21.87 6.08 -39.47
CA SER A 132 -20.79 6.70 -38.71
C SER A 132 -20.89 8.23 -38.66
N ASN A 133 -21.98 8.79 -39.22
CA ASN A 133 -22.16 10.24 -39.27
C ASN A 133 -23.20 10.80 -38.30
N LYS A 134 -24.13 9.97 -37.86
CA LYS A 134 -25.19 10.45 -36.95
C LYS A 134 -24.82 10.37 -35.49
N GLY A 135 -23.67 9.80 -35.20
CA GLY A 135 -23.19 9.60 -33.85
C GLY A 135 -22.61 10.86 -33.21
N VAL A 136 -23.47 11.85 -32.99
CA VAL A 136 -23.07 13.12 -32.38
C VAL A 136 -23.98 13.50 -31.23
N THR A 137 -23.50 14.40 -30.39
CA THR A 137 -24.27 14.85 -29.25
C THR A 137 -24.02 16.26 -28.76
N ALA A 138 -25.06 16.82 -28.14
CA ALA A 138 -25.02 18.15 -27.56
C ALA A 138 -24.18 18.16 -26.31
N ALA A 139 -23.89 16.99 -25.76
CA ALA A 139 -23.04 16.87 -24.58
C ALA A 139 -21.56 17.20 -24.88
N CYS A 140 -21.11 17.13 -26.17
CA CYS A 140 -19.73 17.34 -26.61
C CYS A 140 -19.74 18.32 -27.79
N PRO A 141 -20.25 19.55 -27.62
CA PRO A 141 -20.45 20.47 -28.69
C PRO A 141 -19.12 20.99 -29.17
N HIS A 142 -19.05 21.38 -30.43
CA HIS A 142 -17.86 22.00 -30.96
C HIS A 142 -18.24 23.20 -31.77
N ALA A 143 -17.88 24.37 -31.29
CA ALA A 143 -18.24 25.62 -31.97
C ALA A 143 -19.75 25.70 -32.19
N GLY A 144 -20.53 25.18 -31.24
CA GLY A 144 -21.97 25.19 -31.30
C GLY A 144 -22.60 23.99 -32.02
N ALA A 145 -21.81 23.18 -32.70
CA ALA A 145 -22.32 22.03 -33.42
C ALA A 145 -22.36 20.81 -32.55
N LYS A 146 -23.27 19.88 -32.81
CA LYS A 146 -23.20 18.63 -32.07
C LYS A 146 -21.97 17.91 -32.54
N SER A 147 -21.26 17.26 -31.64
CA SER A 147 -20.07 16.55 -32.04
C SER A 147 -19.80 15.37 -31.13
N PHE A 148 -18.60 14.83 -31.20
CA PHE A 148 -18.27 13.68 -30.40
C PHE A 148 -16.77 13.60 -30.24
N TYR A 149 -16.29 12.61 -29.52
CA TYR A 149 -14.88 12.45 -29.28
C TYR A 149 -14.12 12.20 -30.56
N LYS A 150 -12.99 12.85 -30.71
CA LYS A 150 -12.21 12.72 -31.92
C LYS A 150 -11.59 11.36 -32.14
N ASN A 151 -11.30 10.59 -31.10
CA ASN A 151 -10.67 9.32 -31.34
C ASN A 151 -11.67 8.15 -31.41
N LEU A 152 -12.98 8.45 -31.31
CA LEU A 152 -14.03 7.43 -31.29
C LEU A 152 -15.16 7.62 -32.30
N ILE A 153 -15.74 6.54 -32.77
CA ILE A 153 -16.92 6.61 -33.60
C ILE A 153 -18.11 5.93 -33.00
N TRP A 154 -19.18 6.65 -32.88
CA TRP A 154 -20.39 6.10 -32.33
C TRP A 154 -21.27 5.63 -33.46
N LEU A 155 -21.32 4.32 -33.63
CA LEU A 155 -22.07 3.77 -34.75
C LEU A 155 -23.50 3.57 -34.38
N VAL A 156 -24.37 3.91 -35.30
CA VAL A 156 -25.80 3.74 -35.13
C VAL A 156 -26.37 2.98 -36.32
N LYS A 157 -27.62 2.58 -36.19
CA LYS A 157 -28.28 1.81 -37.23
C LYS A 157 -28.29 2.55 -38.54
N LYS A 158 -28.09 1.79 -39.59
CA LYS A 158 -28.10 2.31 -40.94
C LYS A 158 -29.48 2.05 -41.48
N GLY A 159 -30.19 3.05 -41.94
CA GLY A 159 -31.52 2.73 -42.39
C GLY A 159 -32.31 2.22 -41.18
N ASN A 160 -32.85 1.02 -41.28
CA ASN A 160 -33.63 0.44 -40.21
C ASN A 160 -33.01 -0.84 -39.65
N SER A 161 -31.69 -0.98 -39.71
CA SER A 161 -31.06 -2.17 -39.15
C SER A 161 -29.64 -1.95 -38.62
N TYR A 162 -29.24 -2.86 -37.74
CA TYR A 162 -27.89 -2.84 -37.19
C TYR A 162 -27.31 -4.23 -37.33
N PRO A 163 -26.71 -4.55 -38.48
CA PRO A 163 -26.17 -5.84 -38.80
C PRO A 163 -25.12 -6.16 -37.78
N LYS A 164 -24.96 -7.44 -37.49
CA LYS A 164 -23.93 -7.81 -36.54
C LYS A 164 -22.58 -7.32 -37.01
N LEU A 165 -21.87 -6.69 -36.10
CA LEU A 165 -20.57 -6.13 -36.33
C LEU A 165 -19.46 -7.07 -35.90
N SER A 166 -18.46 -7.23 -36.77
CA SER A 166 -17.27 -8.03 -36.44
C SER A 166 -16.01 -7.45 -37.05
N LYS A 167 -15.07 -7.00 -36.20
CA LYS A 167 -13.84 -6.36 -36.67
C LYS A 167 -12.60 -6.79 -35.92
N SER A 168 -11.46 -6.70 -36.56
CA SER A 168 -10.21 -7.01 -35.87
C SER A 168 -9.04 -6.23 -36.38
N TYR A 169 -8.01 -6.18 -35.54
CA TYR A 169 -6.74 -5.55 -35.86
C TYR A 169 -5.57 -6.35 -35.35
N ILE A 170 -4.53 -6.49 -36.16
CA ILE A 170 -3.36 -7.22 -35.73
C ILE A 170 -2.18 -6.31 -35.54
N ASN A 171 -1.61 -6.34 -34.37
CA ASN A 171 -0.51 -5.47 -34.07
C ASN A 171 0.83 -6.06 -34.46
N ASP A 172 1.10 -6.11 -35.75
CA ASP A 172 2.33 -6.77 -36.18
C ASP A 172 3.50 -5.81 -36.44
N LYS A 173 3.41 -4.57 -35.96
CA LYS A 173 4.47 -3.59 -36.17
C LYS A 173 5.48 -3.43 -35.00
N GLY A 174 5.27 -4.09 -33.85
CA GLY A 174 6.27 -4.02 -32.75
C GLY A 174 6.08 -3.14 -31.48
N LYS A 175 5.16 -2.17 -31.42
CA LYS A 175 5.01 -1.38 -30.20
C LYS A 175 3.74 -1.81 -29.49
N GLU A 176 3.57 -1.44 -28.22
CA GLU A 176 2.33 -1.84 -27.57
C GLU A 176 1.26 -0.92 -28.06
N VAL A 177 0.07 -1.45 -28.27
CA VAL A 177 -1.00 -0.59 -28.74
C VAL A 177 -2.14 -0.40 -27.76
N LEU A 178 -2.43 0.85 -27.50
CA LEU A 178 -3.48 1.25 -26.59
C LEU A 178 -4.77 1.52 -27.33
N VAL A 179 -5.76 0.72 -27.00
CA VAL A 179 -7.03 0.82 -27.65
C VAL A 179 -8.08 1.17 -26.64
N LEU A 180 -8.88 2.18 -26.97
CA LEU A 180 -9.96 2.60 -26.09
C LEU A 180 -11.26 2.47 -26.81
N TRP A 181 -12.32 2.21 -26.08
CA TRP A 181 -13.65 2.09 -26.66
C TRP A 181 -14.67 2.43 -25.62
N GLY A 182 -15.93 2.51 -26.01
CA GLY A 182 -16.92 2.77 -24.99
C GLY A 182 -18.24 2.09 -25.26
N ILE A 183 -19.09 2.09 -24.25
CA ILE A 183 -20.40 1.45 -24.38
C ILE A 183 -21.52 2.37 -23.96
N HIS A 184 -22.53 2.44 -24.81
CA HIS A 184 -23.66 3.31 -24.55
C HIS A 184 -24.78 2.60 -23.81
N HIS A 185 -25.27 3.29 -22.79
CA HIS A 185 -26.36 2.88 -21.92
C HIS A 185 -27.51 3.91 -22.00
N PRO A 186 -28.50 3.69 -22.88
CA PRO A 186 -29.62 4.57 -23.18
C PRO A 186 -30.49 4.76 -21.97
N SER A 187 -31.22 5.88 -21.93
CA SER A 187 -32.10 6.03 -20.80
C SER A 187 -33.39 5.30 -21.02
N THR A 188 -33.78 5.17 -22.27
CA THR A 188 -35.02 4.49 -22.55
C THR A 188 -34.98 3.53 -23.71
N SER A 189 -35.96 2.66 -23.77
CA SER A 189 -36.08 1.70 -24.86
C SER A 189 -36.35 2.41 -26.17
N ALA A 190 -36.86 3.64 -26.06
CA ALA A 190 -37.13 4.46 -27.22
C ALA A 190 -35.83 4.93 -27.86
N ASP A 191 -34.73 4.97 -27.09
CA ASP A 191 -33.46 5.39 -27.64
C ASP A 191 -32.85 4.16 -28.25
N GLN A 192 -33.06 3.01 -27.62
CA GLN A 192 -32.46 1.79 -28.13
C GLN A 192 -32.99 1.53 -29.55
N GLN A 193 -34.27 1.82 -29.76
CA GLN A 193 -34.89 1.65 -31.06
C GLN A 193 -34.46 2.69 -32.09
N SER A 194 -33.98 3.83 -31.62
CA SER A 194 -33.63 4.94 -32.49
C SER A 194 -32.18 4.86 -32.91
N LEU A 195 -31.35 4.34 -32.02
CA LEU A 195 -29.94 4.26 -32.27
C LEU A 195 -29.46 2.90 -32.69
N TYR A 196 -29.98 1.83 -32.13
CA TYR A 196 -29.42 0.53 -32.49
C TYR A 196 -30.42 -0.39 -33.17
N GLN A 197 -31.72 -0.12 -33.04
CA GLN A 197 -32.81 -0.93 -33.62
C GLN A 197 -33.03 -2.24 -32.88
N ASN A 198 -31.98 -3.01 -32.71
CA ASN A 198 -32.06 -4.26 -32.02
C ASN A 198 -32.40 -3.97 -30.57
N ALA A 199 -33.47 -4.60 -30.06
CA ALA A 199 -33.89 -4.39 -28.68
C ALA A 199 -33.05 -5.13 -27.66
N ASP A 200 -32.50 -6.26 -28.05
CA ASP A 200 -31.72 -7.10 -27.16
C ASP A 200 -30.32 -7.23 -27.73
N THR A 201 -29.38 -6.50 -27.15
CA THR A 201 -28.04 -6.44 -27.70
C THR A 201 -26.97 -6.80 -26.71
N TYR A 202 -25.76 -6.97 -27.24
CA TYR A 202 -24.57 -7.20 -26.44
C TYR A 202 -23.34 -6.70 -27.17
N VAL A 203 -22.28 -6.52 -26.41
CA VAL A 203 -20.98 -6.14 -26.91
C VAL A 203 -19.89 -7.06 -26.40
N PHE A 204 -18.99 -7.51 -27.26
CA PHE A 204 -17.88 -8.35 -26.81
C PHE A 204 -16.55 -7.85 -27.31
N VAL A 205 -15.57 -7.79 -26.43
CA VAL A 205 -14.23 -7.37 -26.83
C VAL A 205 -13.19 -8.34 -26.32
N GLY A 206 -12.14 -8.60 -27.11
CA GLY A 206 -11.08 -9.47 -26.60
C GLY A 206 -9.74 -9.44 -27.31
N SER A 207 -8.75 -10.05 -26.66
CA SER A 207 -7.34 -10.15 -27.07
C SER A 207 -6.78 -11.37 -26.34
N SER A 208 -5.51 -11.72 -26.52
CA SER A 208 -5.03 -12.92 -25.84
C SER A 208 -5.05 -12.80 -24.32
N ARG A 209 -5.12 -11.58 -23.80
CA ARG A 209 -5.13 -11.35 -22.37
C ARG A 209 -6.38 -10.62 -21.93
N TYR A 210 -7.42 -10.62 -22.75
CA TYR A 210 -8.62 -9.89 -22.38
C TYR A 210 -9.88 -10.47 -22.98
N SER A 211 -10.91 -10.57 -22.18
CA SER A 211 -12.17 -11.02 -22.71
C SER A 211 -13.31 -10.55 -21.89
N LYS A 212 -14.20 -9.79 -22.48
CA LYS A 212 -15.33 -9.35 -21.71
C LYS A 212 -16.58 -9.15 -22.51
N LYS A 213 -17.67 -9.73 -22.02
CA LYS A 213 -18.96 -9.49 -22.63
C LYS A 213 -19.67 -8.46 -21.79
N PHE A 214 -20.20 -7.47 -22.44
CA PHE A 214 -20.87 -6.38 -21.80
C PHE A 214 -22.34 -6.40 -22.20
N LYS A 215 -23.18 -5.88 -21.34
CA LYS A 215 -24.61 -5.79 -21.62
C LYS A 215 -25.02 -4.37 -21.27
N PRO A 216 -25.87 -3.69 -22.06
CA PRO A 216 -26.36 -2.36 -21.76
C PRO A 216 -27.35 -2.32 -20.60
N GLU A 217 -27.32 -1.23 -19.87
CA GLU A 217 -28.27 -0.95 -18.79
C GLU A 217 -29.21 0.17 -19.17
N ILE A 218 -30.44 -0.15 -19.51
CA ILE A 218 -31.35 0.93 -19.87
C ILE A 218 -32.11 1.36 -18.64
N ALA A 219 -31.94 2.62 -18.28
CA ALA A 219 -32.55 3.19 -17.08
C ALA A 219 -32.59 4.70 -17.14
N ILE A 220 -33.54 5.34 -16.48
CA ILE A 220 -33.52 6.78 -16.46
C ILE A 220 -32.63 7.22 -15.34
N ARG A 221 -31.61 7.98 -15.66
CA ARG A 221 -30.66 8.43 -14.68
C ARG A 221 -30.84 9.92 -14.48
N PRO A 222 -30.32 10.53 -13.41
CA PRO A 222 -30.32 11.97 -13.21
C PRO A 222 -29.61 12.56 -14.40
N LYS A 223 -30.03 13.73 -14.85
CA LYS A 223 -29.36 14.31 -15.99
C LYS A 223 -28.02 14.89 -15.65
N VAL A 224 -27.05 14.55 -16.45
CA VAL A 224 -25.72 15.11 -16.35
C VAL A 224 -25.38 15.65 -17.73
N ARG A 225 -25.09 16.94 -17.85
CA ARG A 225 -24.84 17.55 -19.16
C ARG A 225 -26.00 17.24 -20.09
N ASP A 226 -27.20 17.31 -19.52
CA ASP A 226 -28.49 17.07 -20.14
C ASP A 226 -28.73 15.65 -20.64
N GLN A 227 -27.86 14.70 -20.30
CA GLN A 227 -28.06 13.34 -20.75
C GLN A 227 -28.70 12.49 -19.67
N GLU A 228 -29.73 11.73 -20.05
CA GLU A 228 -30.40 10.82 -19.10
C GLU A 228 -29.77 9.44 -19.10
N GLY A 229 -28.80 9.25 -19.99
CA GLY A 229 -28.10 7.97 -20.12
C GLY A 229 -26.63 8.17 -19.77
N ARG A 230 -25.82 7.16 -20.06
CA ARG A 230 -24.39 7.19 -19.75
C ARG A 230 -23.56 6.46 -20.78
N MET A 231 -22.28 6.78 -20.87
CA MET A 231 -21.39 6.04 -21.75
C MET A 231 -20.10 5.73 -21.03
N ASN A 232 -19.77 4.45 -20.91
CA ASN A 232 -18.58 4.08 -20.15
C ASN A 232 -17.37 3.94 -21.03
N TYR A 233 -16.19 4.09 -20.44
CA TYR A 233 -14.97 3.99 -21.21
C TYR A 233 -14.10 2.88 -20.69
N TYR A 234 -13.59 2.12 -21.62
CA TYR A 234 -12.79 0.95 -21.37
C TYR A 234 -11.50 1.02 -22.17
N TRP A 235 -10.44 0.37 -21.70
CA TRP A 235 -9.22 0.33 -22.48
C TRP A 235 -8.38 -0.89 -22.20
N THR A 236 -7.49 -1.21 -23.14
CA THR A 236 -6.54 -2.31 -22.94
C THR A 236 -5.29 -2.14 -23.78
N LEU A 237 -4.20 -2.78 -23.36
CA LEU A 237 -2.99 -2.77 -24.16
C LEU A 237 -2.82 -4.07 -24.90
N VAL A 238 -2.68 -3.95 -26.22
CA VAL A 238 -2.50 -5.08 -27.10
C VAL A 238 -1.01 -5.26 -27.31
N GLU A 239 -0.50 -6.41 -26.92
CA GLU A 239 0.91 -6.67 -27.01
C GLU A 239 1.28 -6.81 -28.47
N PRO A 240 2.52 -6.52 -28.86
CA PRO A 240 2.96 -6.70 -30.20
C PRO A 240 2.85 -8.16 -30.52
N GLY A 241 2.33 -8.45 -31.69
CA GLY A 241 2.15 -9.80 -32.16
C GLY A 241 0.74 -10.29 -31.87
N ASP A 242 -0.02 -9.56 -31.05
CA ASP A 242 -1.36 -10.01 -30.74
C ASP A 242 -2.42 -9.40 -31.63
N LYS A 243 -3.66 -9.80 -31.40
CA LYS A 243 -4.81 -9.34 -32.13
C LYS A 243 -5.91 -8.90 -31.18
N ILE A 244 -6.60 -7.83 -31.55
CA ILE A 244 -7.74 -7.35 -30.79
C ILE A 244 -8.97 -7.44 -31.65
N THR A 245 -10.05 -7.93 -31.07
CA THR A 245 -11.28 -8.05 -31.81
C THR A 245 -12.42 -7.36 -31.11
N PHE A 246 -13.41 -6.98 -31.91
CA PHE A 246 -14.66 -6.40 -31.46
C PHE A 246 -15.84 -7.08 -32.11
N GLU A 247 -16.88 -7.29 -31.34
CA GLU A 247 -18.12 -7.84 -31.85
C GLU A 247 -19.31 -7.18 -31.21
N ALA A 248 -20.33 -6.84 -31.98
CA ALA A 248 -21.48 -6.25 -31.33
C ALA A 248 -22.77 -6.34 -32.13
N THR A 249 -23.87 -6.30 -31.42
CA THR A 249 -25.18 -6.21 -32.03
C THR A 249 -25.81 -4.88 -31.70
N GLY A 250 -25.02 -4.01 -31.10
CA GLY A 250 -25.46 -2.69 -30.75
C GLY A 250 -24.75 -2.13 -29.53
N ASN A 251 -24.91 -0.83 -29.34
CA ASN A 251 -24.40 -0.07 -28.21
C ASN A 251 -22.89 0.04 -28.10
N LEU A 252 -22.17 -0.27 -29.17
CA LEU A 252 -20.72 -0.14 -29.13
C LEU A 252 -20.19 1.10 -29.84
N VAL A 253 -19.31 1.80 -29.14
CA VAL A 253 -18.58 2.93 -29.69
C VAL A 253 -17.20 2.39 -29.99
N VAL A 254 -16.82 2.43 -31.25
CA VAL A 254 -15.61 1.80 -31.74
C VAL A 254 -14.47 2.79 -31.83
N PRO A 255 -13.24 2.37 -31.61
CA PRO A 255 -12.10 3.24 -31.75
C PRO A 255 -11.94 3.62 -33.19
N ARG A 256 -11.48 4.83 -33.42
CA ARG A 256 -11.15 5.28 -34.74
C ARG A 256 -9.66 5.34 -34.81
N TYR A 257 -9.08 5.88 -33.74
CA TYR A 257 -7.65 6.04 -33.58
C TYR A 257 -7.15 5.23 -32.41
N ALA A 258 -5.89 4.84 -32.47
CA ALA A 258 -5.24 4.08 -31.41
C ALA A 258 -3.82 4.53 -31.28
N PHE A 259 -3.21 4.25 -30.14
CA PHE A 259 -1.85 4.72 -29.97
C PHE A 259 -0.83 3.62 -29.88
N ALA A 260 0.33 3.85 -30.46
CA ALA A 260 1.43 2.91 -30.34
C ALA A 260 2.43 3.50 -29.38
N MET A 261 2.98 2.67 -28.49
CA MET A 261 3.91 3.24 -27.53
C MET A 261 4.87 2.32 -26.80
N GLU A 262 5.80 2.99 -26.12
CA GLU A 262 6.75 2.38 -25.22
C GLU A 262 6.86 3.20 -23.93
N ARG A 263 6.64 2.55 -22.77
CA ARG A 263 6.66 3.23 -21.45
C ARG A 263 8.05 3.40 -20.86
N ASN A 264 8.36 4.62 -20.41
CA ASN A 264 9.66 4.90 -19.82
C ASN A 264 9.65 4.70 -18.32
N ALA A 265 9.42 3.46 -17.89
CA ALA A 265 9.38 3.05 -16.46
C ALA A 265 8.22 3.68 -15.68
N GLY A 266 8.27 5.00 -15.52
CA GLY A 266 7.26 5.80 -14.85
C GLY A 266 7.82 6.96 -14.03
N SER A 267 7.07 8.04 -14.06
CA SER A 267 7.28 9.30 -13.36
C SER A 267 5.91 9.53 -12.79
N GLY A 268 5.39 10.69 -13.11
CA GLY A 268 4.56 11.33 -12.13
C GLY A 268 3.78 12.42 -12.83
N ILE A 269 2.79 12.95 -12.13
CA ILE A 269 1.96 13.98 -12.70
C ILE A 269 1.99 15.19 -11.76
N ILE A 270 2.22 16.34 -12.34
CA ILE A 270 2.23 17.59 -11.61
C ILE A 270 1.03 18.41 -11.93
N ILE A 271 0.34 18.85 -10.88
CA ILE A 271 -0.81 19.70 -11.07
C ILE A 271 -0.38 21.09 -10.70
N SER A 272 -0.26 21.97 -11.68
CA SER A 272 0.31 23.27 -11.42
C SER A 272 0.08 24.31 -12.48
N ASP A 273 0.05 25.58 -12.06
CA ASP A 273 -0.03 26.71 -12.98
C ASP A 273 1.34 27.32 -13.28
N THR A 274 2.38 26.69 -12.77
CA THR A 274 3.75 27.10 -13.00
C THR A 274 3.99 26.85 -14.48
N PRO A 275 4.47 27.81 -15.28
CA PRO A 275 4.67 27.69 -16.71
C PRO A 275 5.82 26.78 -17.07
N VAL A 276 5.74 26.17 -18.25
CA VAL A 276 6.82 25.37 -18.79
C VAL A 276 7.77 26.25 -19.54
N HIS A 277 9.05 26.07 -19.28
CA HIS A 277 10.11 26.83 -19.88
C HIS A 277 11.19 25.98 -20.49
N ASP A 278 11.93 26.57 -21.42
CA ASP A 278 13.02 25.85 -22.05
C ASP A 278 14.26 25.89 -21.15
N CYS A 279 14.25 25.01 -20.14
CA CYS A 279 15.21 24.83 -19.07
C CYS A 279 15.25 23.35 -18.77
N ASN A 280 16.23 22.91 -18.00
CA ASN A 280 16.34 21.49 -17.68
C ASN A 280 16.79 21.31 -16.22
N THR A 281 16.22 20.27 -15.57
CA THR A 281 16.49 19.86 -14.20
C THR A 281 16.69 18.38 -13.98
N THR A 282 17.09 18.08 -12.76
CA THR A 282 17.23 16.73 -12.23
C THR A 282 16.11 16.34 -11.22
N CYS A 283 15.41 17.38 -10.64
CA CYS A 283 14.33 17.30 -9.66
C CYS A 283 13.31 18.39 -9.94
N GLN A 284 12.05 18.01 -10.02
CA GLN A 284 10.97 18.94 -10.33
C GLN A 284 9.85 18.93 -9.29
N THR A 285 9.44 20.12 -8.79
CA THR A 285 8.29 20.13 -7.88
C THR A 285 7.22 20.96 -8.61
N PRO A 286 5.95 20.96 -8.18
CA PRO A 286 4.89 21.80 -8.73
C PRO A 286 5.13 23.30 -8.65
N LYS A 287 6.02 23.76 -7.77
CA LYS A 287 6.23 25.19 -7.67
C LYS A 287 7.36 25.65 -8.54
N GLY A 288 8.05 24.70 -9.13
CA GLY A 288 9.22 24.96 -9.92
C GLY A 288 10.31 23.93 -9.66
N ALA A 289 11.22 23.85 -10.59
CA ALA A 289 12.33 22.93 -10.52
C ALA A 289 13.37 23.30 -9.49
N ILE A 290 14.02 22.28 -8.95
CA ILE A 290 15.11 22.48 -8.02
C ILE A 290 16.41 22.26 -8.79
N ASN A 291 17.27 23.27 -8.81
CA ASN A 291 18.54 23.40 -9.55
C ASN A 291 19.76 22.65 -8.90
N THR A 292 19.54 22.23 -7.64
CA THR A 292 20.59 22.16 -6.61
C THR A 292 20.85 20.76 -6.07
N SER A 293 21.95 20.61 -5.30
CA SER A 293 22.40 19.32 -4.76
C SER A 293 22.46 19.04 -3.24
N LEU A 294 21.94 19.89 -2.35
CA LEU A 294 22.06 19.58 -0.92
C LEU A 294 21.08 18.43 -0.59
N PRO A 295 21.34 17.62 0.46
CA PRO A 295 20.54 16.47 0.87
C PRO A 295 19.08 16.68 1.27
N PHE A 296 18.71 17.88 1.71
CA PHE A 296 17.33 18.08 2.12
C PHE A 296 16.71 19.28 1.45
N GLN A 297 15.39 19.27 1.36
CA GLN A 297 14.66 20.41 0.84
C GLN A 297 13.40 20.64 1.66
N ASN A 298 12.94 21.87 1.71
CA ASN A 298 11.69 22.16 2.41
C ASN A 298 10.73 22.89 1.51
N ILE A 299 10.80 22.57 0.23
CA ILE A 299 10.00 23.23 -0.77
C ILE A 299 8.69 22.51 -0.95
N HIS A 300 8.72 21.20 -1.13
CA HIS A 300 7.45 20.50 -1.34
C HIS A 300 7.62 18.99 -1.14
N PRO A 301 6.69 18.27 -0.48
CA PRO A 301 6.75 16.84 -0.32
C PRO A 301 6.55 16.01 -1.59
N ILE A 302 5.92 16.53 -2.62
CA ILE A 302 5.71 15.73 -3.82
C ILE A 302 6.62 16.12 -4.93
N THR A 303 7.56 15.25 -5.25
CA THR A 303 8.53 15.57 -6.26
C THR A 303 8.71 14.46 -7.29
N ILE A 304 9.28 14.81 -8.44
CA ILE A 304 9.66 13.84 -9.45
C ILE A 304 11.16 14.04 -9.74
N GLY A 305 11.96 12.98 -9.69
CA GLY A 305 13.37 13.16 -10.00
C GLY A 305 14.31 12.65 -8.93
N LYS A 306 15.60 12.92 -9.12
CA LYS A 306 16.62 12.50 -8.15
C LYS A 306 16.70 13.60 -7.09
N CYS A 307 15.64 13.67 -6.26
CA CYS A 307 15.35 14.74 -5.32
C CYS A 307 15.94 14.59 -3.90
N PRO A 308 16.22 15.72 -3.22
CA PRO A 308 16.57 15.84 -1.82
C PRO A 308 15.37 15.38 -1.02
N LYS A 309 15.58 14.93 0.21
CA LYS A 309 14.42 14.49 0.97
C LYS A 309 13.70 15.67 1.54
N TYR A 310 12.38 15.61 1.53
CA TYR A 310 11.59 16.68 2.11
C TYR A 310 11.65 16.64 3.61
N VAL A 311 11.86 17.79 4.22
CA VAL A 311 11.85 17.92 5.67
C VAL A 311 10.90 19.02 6.10
N LYS A 312 10.52 18.99 7.38
CA LYS A 312 9.64 20.02 7.92
C LYS A 312 10.41 21.19 8.49
N SER A 313 11.72 21.03 8.57
CA SER A 313 12.62 22.03 9.13
C SER A 313 12.77 23.23 8.26
N THR A 314 12.99 24.38 8.88
CA THR A 314 13.20 25.62 8.19
C THR A 314 14.66 26.01 8.14
N LYS A 315 15.50 25.27 8.83
CA LYS A 315 16.91 25.59 8.89
C LYS A 315 17.81 24.40 9.29
N LEU A 316 18.74 24.07 8.41
CA LEU A 316 19.72 23.02 8.68
C LEU A 316 21.04 23.63 8.34
N ARG A 317 21.48 24.49 9.24
CA ARG A 317 22.65 25.28 9.02
C ARG A 317 23.81 24.62 9.74
N LEU A 318 24.76 24.14 8.95
CA LEU A 318 25.89 23.38 9.45
C LEU A 318 27.13 24.27 9.49
N ALA A 319 27.70 24.42 10.66
CA ALA A 319 28.87 25.28 10.82
C ALA A 319 30.05 24.65 10.13
N THR A 320 30.89 25.48 9.54
CA THR A 320 32.12 24.94 9.00
C THR A 320 33.26 25.59 9.73
N GLY A 321 33.00 26.78 10.26
CA GLY A 321 34.01 27.57 10.92
C GLY A 321 33.92 27.51 12.44
N LEU A 322 34.71 28.36 13.06
CA LEU A 322 34.86 28.51 14.49
C LEU A 322 33.92 29.56 15.04
N ARG A 323 33.76 29.61 16.37
CA ARG A 323 32.87 30.63 16.93
C ARG A 323 33.41 32.01 16.62
N ASN A 324 32.55 32.89 16.15
CA ASN A 324 32.95 34.24 15.78
C ASN A 324 32.93 35.18 16.96
N ILE A 325 33.88 34.99 17.84
CA ILE A 325 33.97 35.80 19.02
C ILE A 325 35.21 36.66 18.93
N PRO A 326 35.12 37.95 18.58
CA PRO A 326 36.23 38.87 18.40
C PRO A 326 36.80 39.30 19.74
N ASP B 1 17.11 -2.82 -48.24
CA ASP B 1 15.86 -2.34 -48.80
C ASP B 1 15.05 -3.51 -49.40
N ILE B 2 13.71 -3.37 -49.42
CA ILE B 2 12.78 -4.35 -49.98
C ILE B 2 12.19 -3.80 -51.25
N GLN B 3 12.46 -4.48 -52.35
CA GLN B 3 12.00 -4.02 -53.66
C GLN B 3 10.92 -4.88 -54.25
N MET B 4 9.80 -4.25 -54.54
CA MET B 4 8.68 -4.97 -55.12
C MET B 4 8.91 -5.21 -56.62
N THR B 5 8.56 -6.39 -57.08
CA THR B 5 8.65 -6.72 -58.50
C THR B 5 7.25 -6.88 -59.02
N GLN B 6 6.92 -6.13 -60.05
CA GLN B 6 5.56 -6.16 -60.55
C GLN B 6 5.50 -6.74 -61.94
N SER B 7 4.52 -7.61 -62.19
CA SER B 7 4.40 -8.25 -63.48
C SER B 7 2.96 -8.61 -63.88
N PRO B 8 2.58 -8.42 -65.14
CA PRO B 8 3.30 -7.89 -66.30
C PRO B 8 3.47 -6.39 -66.17
N SER B 9 4.40 -5.79 -66.91
CA SER B 9 4.54 -4.33 -66.92
C SER B 9 3.49 -3.66 -67.80
N SER B 10 2.86 -4.45 -68.64
CA SER B 10 1.83 -4.00 -69.56
C SER B 10 0.82 -5.11 -69.78
N LEU B 11 -0.44 -4.75 -69.65
CA LEU B 11 -1.56 -5.66 -69.78
C LEU B 11 -2.66 -5.06 -70.62
N SER B 12 -3.29 -5.87 -71.46
CA SER B 12 -4.45 -5.36 -72.15
C SER B 12 -5.51 -6.44 -72.22
N ALA B 13 -6.76 -5.98 -72.21
CA ALA B 13 -7.91 -6.87 -72.33
C ALA B 13 -9.13 -6.08 -72.79
N PHE B 14 -10.14 -6.78 -73.26
CA PHE B 14 -11.37 -6.14 -73.70
C PHE B 14 -12.34 -5.95 -72.55
N VAL B 15 -13.29 -5.04 -72.71
CA VAL B 15 -14.24 -4.79 -71.65
C VAL B 15 -15.07 -6.01 -71.32
N GLY B 16 -15.12 -6.31 -70.04
CA GLY B 16 -15.84 -7.44 -69.50
C GLY B 16 -14.92 -8.62 -69.23
N ASP B 17 -13.69 -8.58 -69.73
CA ASP B 17 -12.75 -9.67 -69.49
C ASP B 17 -12.18 -9.55 -68.09
N ARG B 18 -11.67 -10.65 -67.56
CA ARG B 18 -11.11 -10.63 -66.21
C ARG B 18 -9.64 -10.28 -66.19
N VAL B 19 -9.32 -9.26 -65.40
CA VAL B 19 -7.96 -8.79 -65.32
C VAL B 19 -7.28 -8.90 -63.98
N THR B 20 -6.12 -9.56 -63.99
CA THR B 20 -5.31 -9.69 -62.79
C THR B 20 -3.86 -9.38 -63.06
N ILE B 21 -3.19 -8.90 -62.02
CA ILE B 21 -1.77 -8.64 -62.04
C ILE B 21 -1.14 -9.28 -60.80
N ALA B 22 0.17 -9.45 -60.80
CA ALA B 22 0.84 -10.01 -59.63
C ALA B 22 2.03 -9.12 -59.24
N CYS B 23 2.42 -9.16 -57.94
CA CYS B 23 3.54 -8.39 -57.42
C CYS B 23 4.22 -9.16 -56.30
N GLN B 24 5.55 -9.22 -56.32
CA GLN B 24 6.27 -9.96 -55.30
C GLN B 24 7.24 -9.13 -54.50
N ALA B 25 7.42 -9.52 -53.26
CA ALA B 25 8.37 -8.84 -52.38
C ALA B 25 9.67 -9.59 -52.34
N SER B 26 10.75 -8.88 -52.12
CA SER B 26 12.06 -9.51 -51.97
C SER B 26 12.28 -10.06 -50.57
N GLN B 27 11.41 -9.64 -49.66
CA GLN B 27 11.41 -10.04 -48.25
C GLN B 27 9.99 -10.28 -47.82
N ASP B 28 9.81 -11.05 -46.77
CA ASP B 28 8.48 -11.28 -46.25
C ASP B 28 7.97 -10.02 -45.60
N ILE B 29 6.89 -9.47 -46.14
CA ILE B 29 6.34 -8.22 -45.68
C ILE B 29 4.94 -8.39 -45.14
N ARG B 30 4.62 -9.60 -44.71
CA ARG B 30 3.31 -9.86 -44.13
C ARG B 30 2.25 -9.42 -45.11
N ILE B 31 1.43 -8.44 -44.76
CA ILE B 31 0.39 -7.95 -45.65
C ILE B 31 0.47 -6.44 -45.80
N HIS B 32 1.65 -5.89 -45.60
CA HIS B 32 1.82 -4.45 -45.61
C HIS B 32 1.90 -3.83 -46.99
N LEU B 33 0.81 -3.92 -47.73
CA LEU B 33 0.68 -3.37 -49.09
C LEU B 33 -0.39 -2.34 -49.33
N ASN B 34 -0.06 -1.41 -50.21
CA ASN B 34 -0.95 -0.40 -50.70
C ASN B 34 -0.98 -0.38 -52.23
N TRP B 35 -2.09 -0.76 -52.82
CA TRP B 35 -2.18 -0.78 -54.27
C TRP B 35 -2.76 0.55 -54.74
N TYR B 36 -2.14 1.13 -55.76
CA TYR B 36 -2.55 2.42 -56.32
C TYR B 36 -2.97 2.38 -57.77
N GLN B 37 -3.86 3.29 -58.16
CA GLN B 37 -4.30 3.47 -59.53
C GLN B 37 -4.01 4.86 -60.06
N GLN B 38 -3.17 4.97 -61.07
CA GLN B 38 -2.87 6.30 -61.59
C GLN B 38 -3.46 6.57 -62.93
N LYS B 39 -4.47 7.42 -62.94
CA LYS B 39 -5.11 7.76 -64.18
C LYS B 39 -4.19 8.81 -64.79
N PRO B 40 -4.11 8.94 -66.12
CA PRO B 40 -3.28 9.94 -66.74
C PRO B 40 -3.60 11.32 -66.23
N GLY B 41 -2.58 12.08 -65.89
CA GLY B 41 -2.76 13.44 -65.41
C GLY B 41 -3.10 13.59 -63.93
N LYS B 42 -3.21 12.47 -63.21
CA LYS B 42 -3.59 12.53 -61.80
C LYS B 42 -2.56 11.95 -60.85
N ALA B 43 -2.58 12.41 -59.59
CA ALA B 43 -1.77 11.76 -58.56
C ALA B 43 -2.38 10.37 -58.43
N PRO B 44 -1.64 9.32 -58.10
CA PRO B 44 -2.19 8.01 -57.95
C PRO B 44 -3.19 7.94 -56.81
N LYS B 45 -4.27 7.21 -57.01
CA LYS B 45 -5.28 7.03 -56.00
C LYS B 45 -5.08 5.73 -55.26
N LEU B 46 -5.16 5.75 -53.94
CA LEU B 46 -5.04 4.50 -53.22
C LEU B 46 -6.32 3.71 -53.39
N LEU B 47 -6.24 2.45 -53.82
CA LEU B 47 -7.45 1.67 -53.95
C LEU B 47 -7.58 0.58 -52.92
N ILE B 48 -6.47 -0.09 -52.60
CA ILE B 48 -6.50 -1.19 -51.63
C ILE B 48 -5.44 -1.04 -50.58
N TYR B 49 -5.80 -1.19 -49.31
CA TYR B 49 -4.80 -1.03 -48.26
C TYR B 49 -4.67 -2.27 -47.39
N ASP B 50 -3.52 -2.42 -46.76
CA ASP B 50 -3.23 -3.58 -45.90
C ASP B 50 -3.47 -4.86 -46.70
N ALA B 51 -3.01 -4.83 -47.96
CA ALA B 51 -3.06 -5.89 -48.98
C ALA B 51 -4.45 -6.19 -49.53
N SER B 52 -5.46 -6.40 -48.67
CA SER B 52 -6.79 -6.77 -49.13
C SER B 52 -7.99 -5.90 -48.72
N ASN B 53 -7.81 -4.79 -47.99
CA ASN B 53 -8.95 -4.00 -47.57
C ASN B 53 -9.34 -2.97 -48.61
N LEU B 54 -10.49 -3.15 -49.22
CA LEU B 54 -10.87 -2.24 -50.28
C LEU B 54 -11.16 -0.88 -49.68
N GLU B 55 -10.60 0.18 -50.28
CA GLU B 55 -10.76 1.54 -49.81
C GLU B 55 -12.14 2.12 -50.14
N ALA B 56 -12.55 3.09 -49.35
CA ALA B 56 -13.84 3.70 -49.53
C ALA B 56 -13.96 4.35 -50.88
N GLY B 57 -15.10 4.17 -51.52
CA GLY B 57 -15.35 4.79 -52.80
C GLY B 57 -14.83 3.98 -53.98
N VAL B 58 -14.17 2.87 -53.71
CA VAL B 58 -13.63 2.05 -54.76
C VAL B 58 -14.65 0.95 -55.02
N PRO B 59 -15.08 0.72 -56.26
CA PRO B 59 -16.09 -0.25 -56.59
C PRO B 59 -15.62 -1.65 -56.35
N SER B 60 -16.60 -2.55 -56.19
CA SER B 60 -16.45 -3.98 -55.86
C SER B 60 -15.67 -4.79 -56.86
N ARG B 61 -15.42 -4.22 -58.02
CA ARG B 61 -14.62 -4.87 -59.04
C ARG B 61 -13.22 -5.12 -58.49
N PHE B 62 -12.74 -4.21 -57.67
CA PHE B 62 -11.40 -4.29 -57.15
C PHE B 62 -11.29 -5.20 -55.95
N SER B 63 -10.25 -6.01 -55.95
CA SER B 63 -9.97 -6.91 -54.83
C SER B 63 -8.50 -7.28 -54.75
N GLY B 64 -8.01 -7.50 -53.54
CA GLY B 64 -6.62 -7.89 -53.41
C GLY B 64 -6.49 -9.06 -52.47
N SER B 65 -5.36 -9.73 -52.54
CA SER B 65 -5.09 -10.86 -51.65
C SER B 65 -3.62 -11.24 -51.63
N GLY B 66 -3.26 -12.13 -50.72
CA GLY B 66 -1.91 -12.65 -50.64
C GLY B 66 -1.23 -12.26 -49.37
N SER B 67 -0.07 -12.86 -49.12
CA SER B 67 0.72 -12.61 -47.93
C SER B 67 2.18 -12.99 -48.15
N GLY B 68 3.03 -12.52 -47.26
CA GLY B 68 4.42 -12.91 -47.31
C GLY B 68 5.11 -12.24 -48.47
N THR B 69 5.48 -13.04 -49.47
CA THR B 69 6.15 -12.48 -50.62
C THR B 69 5.37 -12.49 -51.92
N ASP B 70 4.13 -12.98 -51.94
CA ASP B 70 3.42 -13.02 -53.23
C ASP B 70 1.99 -12.52 -53.12
N PHE B 71 1.74 -11.38 -53.77
CA PHE B 71 0.48 -10.68 -53.69
C PHE B 71 -0.17 -10.53 -55.06
N THR B 72 -1.49 -10.44 -55.05
CA THR B 72 -2.20 -10.23 -56.29
C THR B 72 -3.19 -9.11 -56.19
N PHE B 73 -3.64 -8.68 -57.35
CA PHE B 73 -4.64 -7.66 -57.49
C PHE B 73 -5.53 -7.96 -58.67
N THR B 74 -6.82 -7.80 -58.48
CA THR B 74 -7.75 -8.01 -59.57
C THR B 74 -8.65 -6.84 -59.68
N ILE B 75 -9.11 -6.62 -60.89
CA ILE B 75 -10.07 -5.57 -61.13
C ILE B 75 -11.32 -6.19 -61.71
N SER B 76 -11.45 -7.51 -61.52
CA SER B 76 -12.58 -8.29 -61.96
C SER B 76 -12.84 -8.04 -63.43
N SER B 77 -14.12 -7.84 -63.77
CA SER B 77 -14.51 -7.62 -65.16
C SER B 77 -14.24 -6.16 -65.48
N LEU B 78 -13.28 -5.98 -66.37
CA LEU B 78 -12.70 -4.70 -66.78
C LEU B 78 -13.64 -3.71 -67.40
N GLN B 79 -13.64 -2.47 -66.91
CA GLN B 79 -14.49 -1.44 -67.50
C GLN B 79 -13.59 -0.33 -68.04
N PRO B 80 -13.99 0.49 -69.04
CA PRO B 80 -13.22 1.59 -69.63
C PRO B 80 -12.63 2.59 -68.61
N GLU B 81 -13.31 2.77 -67.50
CA GLU B 81 -12.90 3.68 -66.45
C GLU B 81 -11.63 3.25 -65.74
N ASP B 82 -11.26 1.99 -65.91
CA ASP B 82 -10.15 1.39 -65.24
C ASP B 82 -8.82 1.54 -65.98
N ILE B 83 -8.77 2.32 -67.07
CA ILE B 83 -7.46 2.50 -67.70
C ILE B 83 -6.63 3.29 -66.74
N ALA B 84 -5.49 2.74 -66.38
CA ALA B 84 -4.60 3.35 -65.42
C ALA B 84 -3.30 2.59 -65.34
N THR B 85 -2.28 3.20 -64.74
CA THR B 85 -1.11 2.42 -64.39
C THR B 85 -1.29 2.01 -62.94
N TYR B 86 -1.18 0.73 -62.67
CA TYR B 86 -1.36 0.27 -61.30
C TYR B 86 0.00 0.08 -60.64
N TYR B 87 0.13 0.49 -59.39
CA TYR B 87 1.41 0.39 -58.70
C TYR B 87 1.35 -0.38 -57.39
N CYS B 88 2.47 -1.06 -57.06
CA CYS B 88 2.70 -1.76 -55.80
C CYS B 88 3.35 -0.75 -54.89
N GLN B 89 3.09 -0.88 -53.63
CA GLN B 89 3.78 -0.13 -52.62
C GLN B 89 3.73 -0.90 -51.34
N HIS B 90 4.79 -0.89 -50.60
CA HIS B 90 4.70 -1.57 -49.33
C HIS B 90 5.28 -0.69 -48.29
N TYR B 91 4.89 -0.96 -47.06
CA TYR B 91 5.35 -0.17 -45.94
C TYR B 91 5.87 -1.01 -44.80
N HIS B 92 6.52 -2.10 -45.13
CA HIS B 92 6.97 -2.98 -44.08
C HIS B 92 8.01 -2.31 -43.20
N ASN B 93 8.93 -1.62 -43.83
CA ASN B 93 10.00 -0.97 -43.13
C ASN B 93 10.38 0.27 -43.89
N LEU B 94 11.43 0.93 -43.47
CA LEU B 94 11.86 2.07 -44.22
C LEU B 94 13.07 1.69 -45.06
N PRO B 95 13.19 2.25 -46.26
CA PRO B 95 12.31 3.18 -46.94
C PRO B 95 11.09 2.49 -47.48
N ARG B 96 10.01 3.22 -47.61
CA ARG B 96 8.85 2.67 -48.28
C ARG B 96 9.20 2.63 -49.74
N THR B 97 8.91 1.51 -50.39
CA THR B 97 9.27 1.31 -51.79
C THR B 97 8.11 0.96 -52.70
N PHE B 98 8.19 1.44 -53.93
CA PHE B 98 7.21 1.22 -54.97
C PHE B 98 7.65 0.21 -56.01
N GLY B 99 6.67 -0.39 -56.66
CA GLY B 99 6.88 -1.31 -57.76
C GLY B 99 7.07 -0.50 -59.03
N GLY B 100 7.21 -1.17 -60.17
CA GLY B 100 7.45 -0.48 -61.43
C GLY B 100 6.23 0.14 -62.09
N GLY B 101 5.07 -0.42 -61.85
CA GLY B 101 3.85 0.07 -62.49
C GLY B 101 3.42 -0.82 -63.65
N THR B 102 2.15 -1.19 -63.66
CA THR B 102 1.59 -2.01 -64.74
C THR B 102 0.61 -1.21 -65.53
N LYS B 103 0.84 -1.05 -66.81
CA LYS B 103 -0.09 -0.26 -67.56
C LYS B 103 -1.23 -1.11 -68.04
N VAL B 104 -2.46 -0.74 -67.69
CA VAL B 104 -3.64 -1.48 -68.12
C VAL B 104 -4.42 -0.72 -69.15
N GLU B 105 -4.49 -1.30 -70.35
CA GLU B 105 -5.19 -0.75 -71.49
C GLU B 105 -6.43 -1.54 -71.82
N ILE B 106 -7.43 -0.86 -72.38
CA ILE B 106 -8.68 -1.53 -72.66
C ILE B 106 -9.06 -1.45 -74.15
N LYS B 107 -9.37 -2.60 -74.77
CA LYS B 107 -9.76 -2.75 -76.20
C LYS B 107 -10.09 -4.22 -76.54
N VAL C 1 -10.15 16.31 -48.06
CA VAL C 1 -9.14 17.29 -47.67
C VAL C 1 -8.47 17.80 -48.96
N GLN C 2 -7.51 18.75 -48.81
CA GLN C 2 -6.66 19.30 -49.86
C GLN C 2 -5.22 19.44 -49.42
N LEU C 3 -4.34 19.21 -50.37
CA LEU C 3 -2.93 19.48 -50.22
C LEU C 3 -2.51 20.16 -51.48
N LEU C 4 -1.95 21.35 -51.38
CA LEU C 4 -1.58 22.06 -52.58
C LEU C 4 -0.12 22.38 -52.66
N GLU C 5 0.54 21.80 -53.64
CA GLU C 5 1.95 22.06 -53.86
C GLU C 5 2.14 23.44 -54.43
N SER C 6 3.24 24.08 -54.06
CA SER C 6 3.62 25.38 -54.55
C SER C 6 5.12 25.45 -54.73
N GLY C 7 5.54 26.18 -55.73
CA GLY C 7 6.96 26.29 -56.03
C GLY C 7 7.17 25.28 -57.11
N GLY C 8 8.24 25.41 -57.86
CA GLY C 8 8.52 24.51 -58.96
C GLY C 8 9.09 25.34 -60.07
N GLY C 9 9.21 24.77 -61.26
CA GLY C 9 9.77 25.52 -62.37
C GLY C 9 11.12 24.98 -62.84
N LEU C 10 11.67 25.66 -63.83
CA LEU C 10 12.91 25.30 -64.47
C LEU C 10 14.11 26.06 -63.95
N VAL C 11 15.10 25.31 -63.48
CA VAL C 11 16.33 25.87 -62.98
C VAL C 11 17.52 25.17 -63.60
N GLN C 12 18.67 25.82 -63.54
CA GLN C 12 19.91 25.23 -64.02
C GLN C 12 20.46 24.33 -62.91
N PRO C 13 21.31 23.34 -63.19
CA PRO C 13 21.99 22.51 -62.20
C PRO C 13 22.78 23.36 -61.24
N GLY C 14 22.84 22.89 -60.00
CA GLY C 14 23.51 23.60 -58.94
C GLY C 14 22.45 24.51 -58.35
N GLY C 15 22.79 25.24 -57.32
CA GLY C 15 21.77 26.10 -56.74
C GLY C 15 20.71 25.26 -56.05
N SER C 16 19.54 25.85 -55.90
CA SER C 16 18.46 25.20 -55.19
C SER C 16 17.09 25.69 -55.64
N LEU C 17 16.08 24.91 -55.30
CA LEU C 17 14.69 25.28 -55.52
C LEU C 17 13.89 24.97 -54.27
N SER C 18 13.05 25.90 -53.84
CA SER C 18 12.24 25.67 -52.66
C SER C 18 10.79 25.33 -52.96
N LEU C 19 10.34 24.20 -52.42
CA LEU C 19 8.97 23.76 -52.56
C LEU C 19 8.26 23.86 -51.24
N SER C 20 6.96 24.03 -51.31
CA SER C 20 6.16 24.01 -50.12
C SER C 20 4.81 23.37 -50.47
N CYS C 21 4.05 22.97 -49.44
CA CYS C 21 2.72 22.40 -49.56
C CYS C 21 1.81 22.93 -48.46
N ALA C 22 0.69 23.47 -48.88
CA ALA C 22 -0.30 24.03 -47.99
C ALA C 22 -1.37 23.03 -47.67
N ALA C 23 -1.65 22.83 -46.39
CA ALA C 23 -2.66 21.87 -46.02
C ALA C 23 -3.99 22.51 -45.65
N SER C 24 -5.08 21.83 -46.00
CA SER C 24 -6.40 22.26 -45.62
C SER C 24 -7.40 21.13 -45.39
N GLY C 25 -8.32 21.35 -44.46
CA GLY C 25 -9.38 20.38 -44.18
C GLY C 25 -9.05 19.39 -43.08
N PHE C 26 -7.88 19.53 -42.45
CA PHE C 26 -7.50 18.61 -41.40
C PHE C 26 -6.55 19.24 -40.43
N THR C 27 -6.39 18.61 -39.28
CA THR C 27 -5.48 19.14 -38.32
C THR C 27 -4.07 18.73 -38.70
N PHE C 28 -3.43 19.59 -39.46
CA PHE C 28 -2.10 19.35 -40.01
C PHE C 28 -1.13 18.92 -38.96
N SER C 29 -1.17 19.55 -37.81
CA SER C 29 -0.22 19.32 -36.72
C SER C 29 -0.33 17.92 -36.11
N SER C 30 -1.37 17.18 -36.46
CA SER C 30 -1.56 15.84 -35.95
C SER C 30 -0.95 14.77 -36.86
N PHE C 31 -0.44 15.15 -38.03
CA PHE C 31 0.04 14.12 -38.94
C PHE C 31 1.43 14.31 -39.47
N ALA C 32 2.10 13.19 -39.69
CA ALA C 32 3.37 13.14 -40.37
C ALA C 32 3.11 13.39 -41.85
N MET C 33 4.09 14.00 -42.50
CA MET C 33 4.01 14.36 -43.91
C MET C 33 5.23 13.92 -44.70
N SER C 34 5.03 13.66 -45.99
CA SER C 34 6.14 13.25 -46.85
C SER C 34 6.09 13.74 -48.28
N TRP C 35 7.24 13.67 -48.97
CA TRP C 35 7.36 13.98 -50.39
C TRP C 35 7.72 12.74 -51.19
N VAL C 36 7.04 12.60 -52.32
CA VAL C 36 7.14 11.51 -53.29
C VAL C 36 7.62 12.05 -54.63
N ARG C 37 8.51 11.32 -55.30
CA ARG C 37 9.06 11.76 -56.57
C ARG C 37 8.59 10.94 -57.78
N GLN C 38 7.96 11.57 -58.75
CA GLN C 38 7.53 10.83 -59.93
C GLN C 38 8.36 11.14 -61.14
N ALA C 39 9.33 10.28 -61.43
CA ALA C 39 10.24 10.50 -62.52
C ALA C 39 9.59 10.00 -63.81
N PRO C 40 9.98 10.52 -64.99
CA PRO C 40 9.55 10.06 -66.29
C PRO C 40 10.03 8.66 -66.66
N VAL C 41 11.05 8.17 -65.96
CA VAL C 41 11.60 6.85 -66.24
C VAL C 41 11.26 5.88 -65.11
N LYS C 42 11.56 6.26 -63.88
CA LYS C 42 11.22 5.45 -62.74
C LYS C 42 9.88 5.93 -62.24
N GLY C 43 8.84 5.11 -62.38
CA GLY C 43 7.47 5.52 -62.08
C GLY C 43 7.32 6.23 -60.75
N LEU C 44 7.57 5.56 -59.64
CA LEU C 44 7.44 6.25 -58.36
C LEU C 44 8.61 5.98 -57.44
N GLU C 45 9.24 7.06 -57.02
CA GLU C 45 10.37 7.07 -56.12
C GLU C 45 9.94 7.78 -54.85
N TRP C 46 10.80 7.89 -53.88
CA TRP C 46 10.46 8.60 -52.67
C TRP C 46 11.58 9.53 -52.23
N VAL C 47 11.23 10.67 -51.63
CA VAL C 47 12.27 11.61 -51.26
C VAL C 47 12.51 11.77 -49.78
N SER C 48 11.50 12.19 -49.04
CA SER C 48 11.73 12.46 -47.62
C SER C 48 10.45 12.49 -46.80
N MET C 49 10.59 12.30 -45.49
CA MET C 49 9.46 12.41 -44.59
C MET C 49 9.82 13.03 -43.25
N ILE C 50 8.84 13.71 -42.66
CA ILE C 50 8.97 14.37 -41.35
C ILE C 50 7.83 13.99 -40.39
N SER C 51 8.15 13.77 -39.11
CA SER C 51 7.15 13.38 -38.11
C SER C 51 6.21 14.52 -37.81
N ALA C 52 5.06 14.22 -37.21
CA ALA C 52 4.05 15.28 -37.00
C ALA C 52 4.55 16.47 -36.20
N GLY C 53 5.40 16.23 -35.21
CA GLY C 53 5.88 17.34 -34.40
C GLY C 53 7.17 17.96 -34.93
N GLY C 54 7.68 17.42 -36.02
CA GLY C 54 8.93 17.88 -36.64
C GLY C 54 10.19 17.34 -35.97
N GLY C 55 10.00 16.51 -34.95
CA GLY C 55 11.11 15.96 -34.17
C GLY C 55 12.08 15.09 -34.93
N ASN C 56 11.58 14.34 -35.91
CA ASN C 56 12.42 13.43 -36.66
C ASN C 56 12.16 13.47 -38.13
N THR C 57 13.20 13.16 -38.87
CA THR C 57 13.11 13.08 -40.31
C THR C 57 13.77 11.83 -40.83
N TYR C 58 13.41 11.47 -42.04
CA TYR C 58 14.00 10.36 -42.75
C TYR C 58 14.16 10.72 -44.21
N TYR C 59 15.33 10.45 -44.78
CA TYR C 59 15.60 10.79 -46.16
C TYR C 59 16.02 9.61 -47.01
N ALA C 60 15.68 9.67 -48.29
CA ALA C 60 16.20 8.71 -49.25
C ALA C 60 17.69 8.89 -49.28
N ASP C 61 18.44 7.82 -49.49
CA ASP C 61 19.88 7.91 -49.51
C ASP C 61 20.34 8.79 -50.64
N SER C 62 19.54 8.80 -51.70
CA SER C 62 19.75 9.60 -52.88
C SER C 62 19.62 11.10 -52.68
N VAL C 63 18.99 11.56 -51.60
CA VAL C 63 18.88 12.99 -51.35
C VAL C 63 19.48 13.32 -50.00
N LYS C 64 19.77 12.30 -49.20
CA LYS C 64 20.30 12.50 -47.89
C LYS C 64 21.62 13.24 -48.00
N GLY C 65 21.77 14.25 -47.18
CA GLY C 65 22.98 15.05 -47.16
C GLY C 65 22.83 16.31 -47.98
N ARG C 66 21.77 16.37 -48.78
CA ARG C 66 21.53 17.55 -49.57
C ARG C 66 20.22 18.18 -49.16
N PHE C 67 19.16 17.42 -49.24
CA PHE C 67 17.84 17.99 -49.02
C PHE C 67 17.57 18.21 -47.56
N THR C 68 16.80 19.26 -47.30
CA THR C 68 16.32 19.52 -45.95
C THR C 68 14.80 19.55 -45.92
N ILE C 69 14.20 18.81 -44.98
CA ILE C 69 12.75 18.80 -44.87
C ILE C 69 12.39 19.46 -43.56
N SER C 70 11.38 20.33 -43.58
CA SER C 70 10.95 21.03 -42.38
C SER C 70 9.48 21.40 -42.46
N ARG C 71 8.89 21.78 -41.34
CA ARG C 71 7.48 22.16 -41.34
C ARG C 71 7.20 23.18 -40.27
N ASP C 72 6.10 23.89 -40.44
CA ASP C 72 5.62 24.83 -39.44
C ASP C 72 4.15 24.62 -39.27
N ASN C 73 3.80 23.99 -38.16
CA ASN C 73 2.44 23.60 -37.94
C ASN C 73 1.50 24.77 -37.77
N SER C 74 2.01 25.93 -37.34
CA SER C 74 1.13 27.07 -37.09
C SER C 74 0.64 27.69 -38.39
N LYS C 75 1.25 27.31 -39.50
CA LYS C 75 0.91 27.84 -40.80
C LYS C 75 0.35 26.74 -41.68
N SER C 76 0.15 25.55 -41.10
CA SER C 76 -0.28 24.37 -41.83
C SER C 76 0.57 24.16 -43.08
N THR C 77 1.89 24.34 -42.94
CA THR C 77 2.74 24.22 -44.13
C THR C 77 3.97 23.32 -44.01
N LEU C 78 4.14 22.52 -45.05
CA LEU C 78 5.25 21.62 -45.26
C LEU C 78 6.26 22.25 -46.23
N TYR C 79 7.57 22.14 -45.94
CA TYR C 79 8.60 22.69 -46.83
C TYR C 79 9.65 21.67 -47.24
N LEU C 80 10.20 21.83 -48.45
CA LEU C 80 11.33 21.02 -48.90
C LEU C 80 12.38 21.90 -49.56
N GLN C 81 13.61 21.82 -49.05
CA GLN C 81 14.70 22.61 -49.58
C GLN C 81 15.53 21.78 -50.52
N MET C 82 15.30 21.93 -51.80
CA MET C 82 15.97 21.07 -52.75
C MET C 82 17.32 21.65 -53.12
N SER C 83 18.28 21.48 -52.24
CA SER C 83 19.61 22.05 -52.41
C SER C 83 20.45 21.21 -53.35
N SER C 84 21.55 21.78 -53.84
CA SER C 84 22.52 21.06 -54.64
C SER C 84 21.86 20.21 -55.74
N LEU C 85 21.00 20.85 -56.52
CA LEU C 85 20.24 20.20 -57.59
C LEU C 85 21.00 19.66 -58.77
N THR C 86 20.53 18.53 -59.28
CA THR C 86 21.09 17.96 -60.50
C THR C 86 20.03 17.58 -61.51
N ALA C 87 20.47 17.18 -62.70
CA ALA C 87 19.58 16.79 -63.78
C ALA C 87 18.71 15.61 -63.39
N GLU C 88 19.25 14.71 -62.58
CA GLU C 88 18.57 13.51 -62.12
C GLU C 88 17.42 13.80 -61.18
N ASP C 89 17.27 15.04 -60.71
CA ASP C 89 16.21 15.37 -59.80
C ASP C 89 14.99 15.88 -60.56
N THR C 90 15.03 15.86 -61.90
CA THR C 90 13.82 16.28 -62.60
C THR C 90 12.74 15.26 -62.35
N ALA C 91 11.59 15.75 -61.87
CA ALA C 91 10.46 14.89 -61.53
C ALA C 91 9.25 15.72 -61.15
N VAL C 92 8.08 15.08 -61.10
CA VAL C 92 6.93 15.72 -60.51
C VAL C 92 6.95 15.40 -59.03
N TYR C 93 6.85 16.40 -58.20
CA TYR C 93 6.88 16.17 -56.78
C TYR C 93 5.53 16.27 -56.19
N TYR C 94 5.23 15.37 -55.26
CA TYR C 94 3.95 15.36 -54.56
C TYR C 94 4.16 15.37 -53.05
N CYS C 95 3.27 16.05 -52.31
CA CYS C 95 3.22 16.04 -50.83
C CYS C 95 2.09 15.09 -50.43
N ALA C 96 2.24 14.41 -49.30
CA ALA C 96 1.17 13.53 -48.86
C ALA C 96 1.05 13.35 -47.35
N LYS C 97 -0.19 13.07 -46.96
CA LYS C 97 -0.63 12.80 -45.59
C LYS C 97 -0.53 11.31 -45.28
N SER C 98 0.20 10.97 -44.20
CA SER C 98 0.46 9.58 -43.79
C SER C 98 -0.56 8.93 -42.84
N ASP C 99 -1.48 9.72 -42.31
CA ASP C 99 -2.51 9.25 -41.38
C ASP C 99 -2.01 8.54 -40.13
N SER C 100 -0.92 9.07 -39.63
CA SER C 100 -0.24 8.69 -38.42
C SER C 100 0.71 9.81 -38.09
N SER C 101 1.20 9.84 -36.85
CA SER C 101 2.19 10.85 -36.47
C SER C 101 3.67 10.42 -36.41
N GLY C 102 3.95 9.11 -36.32
CA GLY C 102 5.32 8.60 -36.05
C GLY C 102 6.11 7.78 -37.10
N PHE C 103 5.73 7.80 -38.36
CA PHE C 103 6.39 7.05 -39.46
C PHE C 103 6.16 5.55 -39.49
N GLN C 104 6.31 4.88 -38.34
CA GLN C 104 6.21 3.41 -38.28
C GLN C 104 4.82 2.86 -38.52
N TYR C 105 3.79 3.45 -37.93
CA TYR C 105 2.43 2.96 -38.20
C TYR C 105 1.87 3.93 -39.23
N GLY C 106 1.04 3.51 -40.19
CA GLY C 106 0.47 4.51 -41.13
C GLY C 106 0.01 3.98 -42.51
N ARG C 107 -0.48 4.93 -43.33
CA ARG C 107 -1.01 4.74 -44.70
C ARG C 107 -0.96 6.08 -45.46
N ARG C 108 -0.28 6.14 -46.62
CA ARG C 108 -0.20 7.40 -47.38
C ARG C 108 -1.43 7.62 -48.22
N GLU C 109 -2.51 7.88 -47.53
CA GLU C 109 -3.84 8.02 -48.09
C GLU C 109 -4.03 9.16 -49.05
N PHE C 110 -3.48 10.33 -48.72
CA PHE C 110 -3.84 11.46 -49.57
C PHE C 110 -2.68 12.27 -50.07
N TRP C 111 -2.62 12.36 -51.39
CA TRP C 111 -1.55 13.07 -52.07
C TRP C 111 -2.11 14.32 -52.74
N GLY C 112 -1.31 15.36 -52.85
CA GLY C 112 -1.72 16.54 -53.58
C GLY C 112 -1.56 16.22 -55.05
N GLN C 113 -1.76 17.17 -55.97
CA GLN C 113 -1.65 16.80 -57.38
C GLN C 113 -0.28 17.03 -57.95
N GLY C 114 0.58 17.63 -57.16
CA GLY C 114 1.97 17.80 -57.51
C GLY C 114 2.34 19.03 -58.28
N THR C 115 3.65 19.19 -58.41
CA THR C 115 4.30 20.27 -59.13
C THR C 115 5.48 19.76 -59.92
N LEU C 116 5.86 20.42 -60.98
CA LEU C 116 7.00 19.96 -61.76
C LEU C 116 8.28 20.73 -61.54
N VAL C 117 9.34 20.00 -61.20
CA VAL C 117 10.67 20.57 -61.03
C VAL C 117 11.57 20.06 -62.12
N THR C 118 12.15 20.97 -62.88
CA THR C 118 13.03 20.59 -63.97
C THR C 118 14.39 21.19 -63.79
N VAL C 119 15.42 20.36 -63.92
CA VAL C 119 16.76 20.88 -63.77
C VAL C 119 17.50 20.65 -65.11
N SER C 120 17.97 21.77 -65.74
CA SER C 120 18.63 21.82 -67.06
C SER C 120 19.25 23.22 -67.30
N GLY D 12 55.28 7.01 16.37
CA GLY D 12 54.83 5.78 15.75
C GLY D 12 54.79 4.62 16.75
N GLY D 13 54.08 3.57 16.41
CA GLY D 13 53.98 2.44 17.28
C GLY D 13 55.11 1.45 17.12
N TRP D 14 55.05 0.47 17.97
CA TRP D 14 56.04 -0.55 18.03
C TRP D 14 55.53 -1.80 17.39
N THR D 15 56.15 -2.21 16.30
CA THR D 15 55.71 -3.39 15.58
C THR D 15 56.19 -4.63 16.31
N GLY D 16 57.09 -4.40 17.27
CA GLY D 16 57.60 -5.47 18.09
C GLY D 16 56.75 -5.67 19.36
N MET D 17 55.72 -4.85 19.58
CA MET D 17 54.93 -5.01 20.80
C MET D 17 53.58 -5.53 20.44
N VAL D 18 53.40 -6.84 20.63
CA VAL D 18 52.19 -7.51 20.20
C VAL D 18 51.39 -8.14 21.33
N ASP D 19 51.68 -7.78 22.58
CA ASP D 19 50.99 -8.33 23.74
C ASP D 19 49.88 -7.43 24.28
N GLY D 20 49.50 -6.42 23.53
CA GLY D 20 48.44 -5.51 23.89
C GLY D 20 48.52 -4.24 23.06
N TRP D 21 47.48 -3.43 23.10
CA TRP D 21 47.43 -2.20 22.36
C TRP D 21 48.35 -1.10 22.90
N TYR D 22 48.50 -1.03 24.21
CA TYR D 22 49.31 0.04 24.78
C TYR D 22 50.35 -0.51 25.68
N GLY D 23 51.47 0.18 25.82
CA GLY D 23 52.51 -0.30 26.69
C GLY D 23 53.74 0.54 26.73
N TYR D 24 54.72 0.02 27.44
CA TYR D 24 55.95 0.76 27.68
C TYR D 24 57.19 0.06 27.15
N HIS D 25 58.17 0.87 26.85
CA HIS D 25 59.49 0.42 26.44
C HIS D 25 60.50 1.15 27.28
N HIS D 26 61.54 0.45 27.69
CA HIS D 26 62.55 1.11 28.47
C HIS D 26 63.95 0.67 28.15
N GLN D 27 64.89 1.54 28.54
CA GLN D 27 66.31 1.26 28.48
C GLN D 27 66.98 1.79 29.73
N ASN D 28 67.72 0.95 30.42
CA ASN D 28 68.44 1.39 31.61
C ASN D 28 69.73 0.60 31.76
N GLU D 29 70.49 0.94 32.79
CA GLU D 29 71.75 0.27 33.07
C GLU D 29 71.66 -1.27 33.12
N GLN D 30 70.56 -1.82 33.63
CA GLN D 30 70.41 -3.26 33.79
C GLN D 30 69.79 -3.99 32.60
N GLY D 31 69.41 -3.28 31.55
CA GLY D 31 68.76 -3.95 30.42
C GLY D 31 67.68 -3.12 29.74
N SER D 32 66.97 -3.77 28.82
CA SER D 32 65.93 -3.09 28.06
C SER D 32 64.88 -4.04 27.53
N GLY D 33 63.78 -3.46 27.09
CA GLY D 33 62.69 -4.23 26.52
C GLY D 33 61.38 -3.50 26.66
N TYR D 34 60.28 -4.21 26.43
CA TYR D 34 58.97 -3.60 26.48
C TYR D 34 57.96 -4.56 27.04
N ALA D 35 56.84 -4.02 27.47
CA ALA D 35 55.70 -4.82 27.88
C ALA D 35 54.41 -4.04 27.74
N ALA D 36 53.32 -4.74 27.44
CA ALA D 36 52.01 -4.09 27.37
C ALA D 36 51.55 -3.65 28.75
N ASP D 37 50.85 -2.54 28.77
CA ASP D 37 50.18 -2.05 29.97
C ASP D 37 48.82 -2.65 29.90
N LEU D 38 48.61 -3.69 30.66
CA LEU D 38 47.39 -4.44 30.50
C LEU D 38 46.23 -3.89 31.26
N LYS D 39 46.45 -2.86 32.08
CA LYS D 39 45.31 -2.30 32.78
C LYS D 39 44.63 -1.45 31.73
N SER D 40 45.45 -0.69 31.02
CA SER D 40 44.95 0.18 29.98
C SER D 40 44.43 -0.60 28.82
N THR D 41 45.19 -1.61 28.37
CA THR D 41 44.75 -2.38 27.25
C THR D 41 43.46 -3.08 27.56
N GLN D 42 43.31 -3.69 28.75
CA GLN D 42 42.05 -4.37 28.95
C GLN D 42 40.90 -3.40 29.03
N ASN D 43 41.11 -2.22 29.61
CA ASN D 43 39.99 -1.31 29.68
C ASN D 43 39.61 -0.87 28.27
N ALA D 44 40.62 -0.66 27.42
CA ALA D 44 40.38 -0.25 26.06
C ALA D 44 39.62 -1.33 25.33
N ILE D 45 39.96 -2.59 25.59
CA ILE D 45 39.29 -3.70 24.96
C ILE D 45 37.86 -3.77 25.39
N ASP D 46 37.58 -3.64 26.67
CA ASP D 46 36.20 -3.73 27.10
C ASP D 46 35.39 -2.62 26.46
N GLY D 47 35.98 -1.43 26.34
CA GLY D 47 35.31 -0.30 25.73
C GLY D 47 34.97 -0.60 24.28
N ILE D 48 35.96 -1.05 23.53
CA ILE D 48 35.76 -1.36 22.13
C ILE D 48 34.78 -2.52 21.94
N THR D 49 34.90 -3.54 22.76
CA THR D 49 34.04 -4.69 22.64
C THR D 49 32.60 -4.29 22.88
N ASN D 50 32.35 -3.47 23.91
CA ASN D 50 30.98 -3.08 24.18
C ASN D 50 30.44 -2.24 23.05
N LYS D 51 31.27 -1.38 22.47
CA LYS D 51 30.87 -0.53 21.38
C LYS D 51 30.46 -1.32 20.15
N VAL D 52 31.29 -2.28 19.76
CA VAL D 52 31.01 -3.06 18.57
C VAL D 52 29.79 -3.90 18.80
N ASN D 53 29.71 -4.52 19.97
CA ASN D 53 28.56 -5.33 20.22
C ASN D 53 27.31 -4.50 20.26
N SER D 54 27.31 -3.30 20.82
CA SER D 54 26.06 -2.53 20.83
C SER D 54 25.61 -2.21 19.43
N VAL D 55 26.54 -1.90 18.53
CA VAL D 55 26.17 -1.60 17.17
C VAL D 55 25.45 -2.77 16.51
N ILE D 56 25.92 -3.99 16.76
CA ILE D 56 25.33 -5.18 16.15
C ILE D 56 24.12 -5.74 16.92
N GLU D 57 24.29 -5.91 18.21
CA GLU D 57 23.33 -6.53 19.13
C GLU D 57 22.04 -5.76 19.34
N LYS D 58 22.04 -4.44 19.17
CA LYS D 58 20.82 -3.68 19.34
C LYS D 58 19.91 -3.75 18.11
N MET D 59 20.44 -4.11 16.94
CA MET D 59 19.59 -4.07 15.76
C MET D 59 18.84 -5.37 15.59
N ASN D 60 17.81 -5.52 16.38
CA ASN D 60 17.04 -6.75 16.46
C ASN D 60 15.83 -6.80 15.57
N THR D 61 15.92 -7.63 14.53
CA THR D 61 14.89 -7.76 13.52
C THR D 61 14.00 -8.96 13.81
N GLN D 62 12.88 -9.03 13.11
CA GLN D 62 11.92 -10.13 13.23
C GLN D 62 11.87 -10.87 11.92
N PHE D 63 11.06 -11.92 11.87
CA PHE D 63 10.92 -12.66 10.63
C PHE D 63 10.06 -11.90 9.67
N THR D 64 10.58 -11.62 8.49
CA THR D 64 9.80 -10.89 7.50
C THR D 64 9.88 -11.54 6.13
N ALA D 65 9.01 -11.10 5.24
CA ALA D 65 9.09 -11.50 3.84
C ALA D 65 8.93 -10.24 3.05
N VAL D 66 9.98 -9.88 2.34
CA VAL D 66 10.05 -8.62 1.63
C VAL D 66 9.30 -8.58 0.32
N GLY D 67 9.44 -9.62 -0.48
CA GLY D 67 8.85 -9.58 -1.81
C GLY D 67 7.34 -9.59 -1.75
N LYS D 68 6.73 -8.90 -2.69
CA LYS D 68 5.29 -8.81 -2.85
C LYS D 68 4.99 -8.94 -4.32
N GLU D 69 3.85 -9.51 -4.65
CA GLU D 69 3.52 -9.66 -6.06
C GLU D 69 2.22 -8.96 -6.44
N PHE D 70 2.29 -8.22 -7.54
CA PHE D 70 1.17 -7.46 -8.08
C PHE D 70 0.96 -7.74 -9.56
N ASN D 71 -0.27 -7.60 -10.04
CA ASN D 71 -0.57 -7.83 -11.46
C ASN D 71 -0.43 -6.53 -12.27
N HIS D 72 -0.73 -6.58 -13.56
CA HIS D 72 -0.52 -5.46 -14.45
C HIS D 72 -1.49 -4.30 -14.27
N LEU D 73 -2.55 -4.50 -13.51
CA LEU D 73 -3.52 -3.46 -13.23
C LEU D 73 -3.36 -2.94 -11.81
N GLU D 74 -2.24 -3.29 -11.19
CA GLU D 74 -1.93 -2.86 -9.85
C GLU D 74 -0.61 -2.12 -9.84
N LYS D 75 -0.28 -1.43 -10.95
CA LYS D 75 1.00 -0.75 -11.06
C LYS D 75 1.18 0.27 -9.95
N ARG D 76 0.11 0.94 -9.56
CA ARG D 76 0.23 1.95 -8.52
C ARG D 76 0.59 1.35 -7.16
N ILE D 77 0.27 0.07 -6.95
CA ILE D 77 0.51 -0.54 -5.67
C ILE D 77 1.91 -1.05 -5.68
N GLU D 78 2.33 -1.61 -6.80
CA GLU D 78 3.67 -2.08 -6.90
C GLU D 78 4.60 -0.89 -6.71
N ASN D 79 4.23 0.26 -7.27
CA ASN D 79 5.05 1.44 -7.15
C ASN D 79 5.06 1.92 -5.72
N LEU D 80 3.95 1.77 -5.00
CA LEU D 80 3.95 2.14 -3.59
C LEU D 80 4.89 1.22 -2.85
N ASN D 81 4.83 -0.07 -3.14
CA ASN D 81 5.73 -0.98 -2.47
C ASN D 81 7.18 -0.60 -2.73
N LYS D 82 7.49 -0.21 -3.97
CA LYS D 82 8.84 0.20 -4.27
C LYS D 82 9.18 1.42 -3.45
N LYS D 83 8.28 2.38 -3.37
CA LYS D 83 8.51 3.60 -2.62
C LYS D 83 8.88 3.28 -1.18
N VAL D 84 8.21 2.28 -0.61
CA VAL D 84 8.48 1.88 0.74
C VAL D 84 9.89 1.28 0.85
N ASP D 85 10.25 0.39 -0.09
CA ASP D 85 11.57 -0.21 -0.07
C ASP D 85 12.68 0.79 -0.25
N ASP D 86 12.44 1.78 -1.10
CA ASP D 86 13.44 2.76 -1.41
C ASP D 86 13.67 3.69 -0.26
N GLY D 87 12.59 4.10 0.41
CA GLY D 87 12.79 4.98 1.53
C GLY D 87 13.57 4.29 2.62
N PHE D 88 13.23 3.03 2.90
CA PHE D 88 13.93 2.32 3.95
C PHE D 88 15.37 2.10 3.56
N LEU D 89 15.63 1.82 2.29
CA LEU D 89 16.97 1.60 1.83
C LEU D 89 17.82 2.85 1.95
N ASP D 90 17.28 4.01 1.58
CA ASP D 90 18.07 5.22 1.67
C ASP D 90 18.36 5.58 3.10
N ILE D 91 17.40 5.34 3.99
CA ILE D 91 17.60 5.67 5.38
C ILE D 91 18.67 4.80 5.99
N TRP D 92 18.59 3.50 5.75
CA TRP D 92 19.58 2.64 6.35
C TRP D 92 20.95 2.81 5.75
N THR D 93 21.04 3.01 4.44
CA THR D 93 22.35 3.16 3.85
C THR D 93 23.02 4.40 4.39
N TYR D 94 22.29 5.50 4.43
CA TYR D 94 22.87 6.74 4.87
C TYR D 94 23.21 6.73 6.34
N ASN D 95 22.30 6.22 7.16
CA ASN D 95 22.60 6.23 8.56
C ASN D 95 23.78 5.32 8.85
N ALA D 96 23.87 4.20 8.14
CA ALA D 96 24.96 3.28 8.36
C ALA D 96 26.28 3.91 7.98
N GLU D 97 26.31 4.70 6.90
CA GLU D 97 27.57 5.33 6.53
C GLU D 97 27.96 6.34 7.57
N LEU D 98 26.99 7.09 8.10
CA LEU D 98 27.34 8.09 9.09
C LEU D 98 27.76 7.45 10.37
N LEU D 99 27.14 6.33 10.72
CA LEU D 99 27.47 5.66 11.96
C LEU D 99 28.89 5.16 11.88
N VAL D 100 29.27 4.58 10.75
CA VAL D 100 30.61 4.09 10.61
C VAL D 100 31.62 5.20 10.63
N LEU D 101 31.37 6.28 9.91
CA LEU D 101 32.33 7.36 9.86
C LEU D 101 32.48 8.06 11.20
N LEU D 102 31.36 8.23 11.91
CA LEU D 102 31.38 8.89 13.18
C LEU D 102 32.06 8.02 14.20
N GLU D 103 31.71 6.74 14.23
CA GLU D 103 32.31 5.89 15.21
C GLU D 103 33.77 5.69 14.92
N ASN D 104 34.18 5.61 13.66
CA ASN D 104 35.59 5.41 13.44
C ASN D 104 36.38 6.58 13.99
N GLU D 105 35.85 7.80 13.86
CA GLU D 105 36.59 8.92 14.42
C GLU D 105 36.60 8.84 15.94
N ARG D 106 35.46 8.48 16.54
CA ARG D 106 35.39 8.41 18.00
C ARG D 106 36.29 7.31 18.56
N THR D 107 36.40 6.22 17.84
CA THR D 107 37.20 5.06 18.21
C THR D 107 38.63 5.46 18.26
N LEU D 108 39.07 6.16 17.24
CA LEU D 108 40.45 6.54 17.16
C LEU D 108 40.75 7.58 18.24
N ASP D 109 39.80 8.45 18.57
CA ASP D 109 40.02 9.41 19.65
C ASP D 109 40.07 8.70 20.99
N TYR D 110 39.23 7.70 21.19
CA TYR D 110 39.23 6.91 22.40
C TYR D 110 40.58 6.29 22.64
N HIS D 111 41.14 5.69 21.60
CA HIS D 111 42.44 5.08 21.73
C HIS D 111 43.52 6.11 22.05
N ASP D 112 43.42 7.26 21.42
CA ASP D 112 44.36 8.33 21.64
C ASP D 112 44.24 8.82 23.09
N SER D 113 43.03 8.80 23.64
CA SER D 113 42.77 9.21 25.01
C SER D 113 43.43 8.29 25.98
N ASN D 114 43.26 6.99 25.76
CA ASN D 114 43.79 6.04 26.71
C ASN D 114 45.31 6.11 26.81
N VAL D 115 45.98 6.31 25.69
CA VAL D 115 47.43 6.37 25.79
C VAL D 115 47.87 7.73 26.35
N LYS D 116 47.12 8.79 26.07
CA LYS D 116 47.42 10.09 26.65
C LYS D 116 47.33 10.00 28.17
N ASN D 117 46.32 9.26 28.67
CA ASN D 117 46.14 9.12 30.10
C ASN D 117 47.32 8.44 30.74
N LEU D 118 47.89 7.45 30.06
CA LEU D 118 49.04 6.79 30.64
C LEU D 118 50.22 7.71 30.75
N TYR D 119 50.42 8.56 29.75
CA TYR D 119 51.54 9.49 29.82
C TYR D 119 51.39 10.38 31.03
N GLU D 120 50.19 10.92 31.22
CA GLU D 120 49.99 11.80 32.35
C GLU D 120 50.18 11.10 33.69
N LYS D 121 49.75 9.84 33.81
CA LYS D 121 49.93 9.15 35.07
C LYS D 121 51.42 9.01 35.40
N VAL D 122 52.24 8.73 34.39
CA VAL D 122 53.66 8.63 34.63
C VAL D 122 54.25 9.96 34.99
N ARG D 123 53.86 11.02 34.28
CA ARG D 123 54.38 12.33 34.56
C ARG D 123 54.06 12.75 35.98
N SER D 124 52.86 12.42 36.44
CA SER D 124 52.41 12.76 37.77
C SER D 124 53.29 12.13 38.83
N GLN D 125 53.65 10.86 38.65
CA GLN D 125 54.54 10.20 39.59
C GLN D 125 55.98 10.72 39.56
N LEU D 126 56.49 11.02 38.37
CA LEU D 126 57.88 11.41 38.25
C LEU D 126 58.16 12.84 38.63
N LYS D 127 57.20 13.73 38.43
CA LYS D 127 57.35 15.11 38.81
C LYS D 127 58.66 15.71 38.28
N ASN D 128 59.53 16.14 39.20
CA ASN D 128 60.78 16.79 38.82
C ASN D 128 61.98 15.86 38.76
N ASN D 129 61.74 14.56 38.79
CA ASN D 129 62.83 13.60 38.72
C ASN D 129 63.11 13.06 37.31
N ALA D 130 62.40 13.56 36.30
CA ALA D 130 62.66 13.14 34.93
C ALA D 130 62.31 14.26 33.94
N LYS D 131 63.00 14.29 32.82
CA LYS D 131 62.77 15.24 31.75
C LYS D 131 61.77 14.73 30.75
N GLU D 132 60.88 15.60 30.30
CA GLU D 132 59.96 15.20 29.24
C GLU D 132 60.67 15.49 27.93
N ILE D 133 61.04 14.44 27.22
CA ILE D 133 61.83 14.60 26.01
C ILE D 133 61.04 14.41 24.73
N GLY D 134 60.07 13.49 24.72
CA GLY D 134 59.30 13.24 23.49
C GLY D 134 59.25 11.76 23.14
N ASN D 135 58.43 11.40 22.15
CA ASN D 135 58.24 9.99 21.78
C ASN D 135 57.76 9.19 22.99
N GLY D 136 56.96 9.86 23.81
CA GLY D 136 56.41 9.29 25.03
C GLY D 136 57.41 9.08 26.18
N CYS D 137 58.67 9.56 26.02
CA CYS D 137 59.79 9.33 26.90
C CYS D 137 60.03 10.39 27.95
N PHE D 138 60.34 9.82 29.11
CA PHE D 138 60.75 10.48 30.33
C PHE D 138 62.17 10.06 30.63
N GLU D 139 63.08 11.01 30.60
CA GLU D 139 64.49 10.73 30.83
C GLU D 139 64.76 10.93 32.30
N PHE D 140 65.19 9.90 32.98
CA PHE D 140 65.36 10.03 34.41
C PHE D 140 66.59 10.85 34.71
N TYR D 141 66.55 11.64 35.78
CA TYR D 141 67.73 12.42 36.13
C TYR D 141 68.56 11.71 37.17
N HIS D 142 68.18 10.49 37.46
CA HIS D 142 68.79 9.65 38.47
C HIS D 142 68.82 8.24 37.97
N LYS D 143 69.66 7.41 38.53
CA LYS D 143 69.62 6.02 38.13
C LYS D 143 68.24 5.46 38.46
N CYS D 144 67.60 4.79 37.47
CA CYS D 144 66.30 4.17 37.59
C CYS D 144 66.38 2.80 36.92
N ASP D 145 66.63 1.84 37.76
CA ASP D 145 66.88 0.47 37.43
C ASP D 145 65.59 -0.29 37.19
N ASN D 146 65.67 -1.61 36.99
CA ASN D 146 64.44 -2.30 36.64
C ASN D 146 63.38 -2.21 37.74
N THR D 147 63.79 -2.25 39.00
CA THR D 147 62.82 -2.14 40.10
C THR D 147 62.08 -0.80 40.07
N CYS D 148 62.84 0.32 39.87
CA CYS D 148 62.34 1.69 39.75
C CYS D 148 61.34 1.81 38.60
N MET D 149 61.70 1.31 37.42
CA MET D 149 60.79 1.43 36.31
C MET D 149 59.53 0.61 36.49
N GLU D 150 59.62 -0.57 37.12
CA GLU D 150 58.41 -1.33 37.33
C GLU D 150 57.52 -0.59 38.32
N SER D 151 58.15 0.05 39.32
CA SER D 151 57.44 0.82 40.31
C SER D 151 56.69 1.97 39.65
N VAL D 152 57.32 2.63 38.68
CA VAL D 152 56.66 3.72 37.98
C VAL D 152 55.46 3.19 37.18
N LYS D 153 55.68 2.10 36.44
CA LYS D 153 54.60 1.55 35.63
C LYS D 153 53.41 1.10 36.45
N ASN D 154 53.67 0.63 37.67
CA ASN D 154 52.62 0.14 38.53
C ASN D 154 51.97 1.21 39.41
N GLY D 155 52.39 2.47 39.28
CA GLY D 155 51.80 3.55 40.07
C GLY D 155 52.35 3.69 41.50
N THR D 156 53.53 3.14 41.78
CA THR D 156 54.09 3.18 43.12
C THR D 156 55.44 3.88 43.22
N TYR D 157 55.83 4.71 42.24
CA TYR D 157 57.15 5.32 42.33
C TYR D 157 57.30 6.14 43.59
N ASP D 158 58.33 5.81 44.37
CA ASP D 158 58.54 6.51 45.61
C ASP D 158 59.39 7.74 45.39
N TYR D 159 58.78 8.74 44.79
CA TYR D 159 59.45 9.97 44.38
C TYR D 159 60.51 10.51 45.33
N PRO D 160 60.27 10.70 46.64
CA PRO D 160 61.23 11.31 47.53
C PRO D 160 62.58 10.61 47.60
N LYS D 161 62.67 9.31 47.30
CA LYS D 161 63.94 8.62 47.43
C LYS D 161 64.84 8.81 46.24
N TYR D 162 64.30 9.44 45.21
CA TYR D 162 65.03 9.66 44.01
C TYR D 162 65.27 11.14 43.79
N SER D 163 64.71 12.00 44.67
CA SER D 163 64.79 13.42 44.38
C SER D 163 66.15 13.98 44.69
N GLU D 164 66.87 13.35 45.61
CA GLU D 164 68.18 13.85 45.94
C GLU D 164 69.11 13.59 44.80
N GLU D 165 69.04 12.38 44.24
CA GLU D 165 69.93 12.06 43.16
C GLU D 165 69.60 12.89 41.93
N ALA D 166 68.30 13.08 41.66
CA ALA D 166 67.92 13.84 40.51
C ALA D 166 68.44 15.27 40.59
N LYS D 167 68.40 15.91 41.77
CA LYS D 167 68.93 17.26 41.79
C LYS D 167 70.46 17.28 41.76
N LEU D 168 71.11 16.28 42.36
CA LEU D 168 72.57 16.31 42.39
C LEU D 168 73.15 16.18 41.00
N ASN D 169 72.46 15.47 40.12
CA ASN D 169 72.92 15.30 38.76
C ASN D 169 72.65 16.51 37.88
N ARG D 170 71.95 17.51 38.41
CA ARG D 170 71.63 18.76 37.73
C ARG D 170 72.33 20.03 38.29
N GLU D 171 72.70 20.03 39.60
CA GLU D 171 73.36 21.14 40.34
C GLU D 171 74.84 21.37 39.91
N THR E 6 44.54 23.63 52.54
CA THR E 6 44.30 22.94 51.27
C THR E 6 42.94 23.31 50.63
N LEU E 7 42.95 23.52 49.31
CA LEU E 7 41.71 23.75 48.54
C LEU E 7 41.56 22.60 47.53
N CYS E 8 40.37 21.94 47.47
CA CYS E 8 40.12 20.77 46.62
C CYS E 8 38.89 20.97 45.72
N ILE E 9 39.04 20.58 44.45
CA ILE E 9 37.90 20.59 43.53
C ILE E 9 37.31 19.18 43.44
N GLY E 10 36.02 19.08 43.67
CA GLY E 10 35.31 17.83 43.62
C GLY E 10 33.98 17.97 42.91
N TYR E 11 33.11 17.00 43.16
CA TYR E 11 31.81 16.96 42.52
C TYR E 11 30.80 16.26 43.42
N HIS E 12 29.55 16.45 43.10
CA HIS E 12 28.36 15.91 43.72
C HIS E 12 28.22 14.41 43.70
N ALA E 13 27.78 13.85 44.80
CA ALA E 13 27.43 12.43 44.81
C ALA E 13 26.16 12.32 45.62
N ASN E 14 25.40 11.27 45.39
CA ASN E 14 24.16 11.13 46.13
C ASN E 14 23.81 9.67 46.34
N ASN E 15 22.55 9.42 46.66
CA ASN E 15 22.09 8.07 46.94
C ASN E 15 21.38 7.43 45.75
N SER E 16 21.51 8.01 44.56
CA SER E 16 20.86 7.45 43.38
C SER E 16 21.38 6.07 43.05
N THR E 17 20.44 5.21 42.66
CA THR E 17 20.72 3.85 42.24
C THR E 17 20.35 3.68 40.77
N ASP E 18 20.08 4.80 40.12
CA ASP E 18 19.69 4.80 38.71
C ASP E 18 20.87 4.53 37.79
N THR E 19 20.75 3.53 36.92
CA THR E 19 21.84 3.29 36.00
C THR E 19 21.45 3.47 34.55
N VAL E 20 22.45 3.83 33.76
CA VAL E 20 22.31 4.00 32.32
C VAL E 20 23.38 3.23 31.59
N ASP E 21 23.17 2.98 30.31
CA ASP E 21 24.19 2.31 29.52
C ASP E 21 24.78 3.32 28.56
N THR E 22 26.01 3.09 28.14
CA THR E 22 26.63 3.98 27.17
C THR E 22 27.25 3.12 26.10
N VAL E 23 27.79 3.73 25.06
CA VAL E 23 28.46 2.93 24.04
C VAL E 23 29.73 2.18 24.55
N LEU E 24 30.47 2.71 25.51
CA LEU E 24 31.67 2.01 25.99
C LEU E 24 31.49 1.16 27.27
N GLU E 25 30.50 1.48 28.09
CA GLU E 25 30.31 0.80 29.37
C GLU E 25 28.84 0.56 29.70
N LYS E 26 28.58 -0.41 30.56
CA LYS E 26 27.19 -0.74 30.92
C LYS E 26 26.93 -0.57 32.43
N ASN E 27 25.71 -0.56 32.91
CA ASN E 27 25.32 -0.14 34.26
C ASN E 27 25.99 0.95 35.01
N VAL E 28 26.15 2.05 34.41
CA VAL E 28 26.70 3.22 35.05
C VAL E 28 25.74 3.97 35.94
N THR E 29 26.06 4.09 37.21
CA THR E 29 25.13 4.77 38.10
C THR E 29 25.34 6.26 37.94
N VAL E 30 24.26 7.01 37.80
CA VAL E 30 24.34 8.46 37.66
C VAL E 30 23.48 9.16 38.71
N THR E 31 23.80 10.43 39.00
CA THR E 31 23.09 11.16 40.04
C THR E 31 21.73 11.70 39.63
N HIS E 32 21.55 11.97 38.34
CA HIS E 32 20.30 12.50 37.79
C HIS E 32 20.01 11.83 36.46
N SER E 33 18.73 11.47 36.23
CA SER E 33 18.36 10.75 35.01
C SER E 33 16.90 10.92 34.60
N VAL E 34 16.62 10.95 33.29
CA VAL E 34 15.25 11.07 32.77
C VAL E 34 14.92 9.99 31.74
N ASN E 35 13.64 9.77 31.49
CA ASN E 35 13.28 8.84 30.43
C ASN E 35 12.99 9.57 29.15
N LEU E 36 13.21 8.90 28.04
CA LEU E 36 12.73 9.36 26.75
C LEU E 36 11.56 8.48 26.31
N LEU E 37 11.29 7.47 27.12
CA LEU E 37 10.30 6.46 26.84
C LEU E 37 9.15 6.42 27.81
N GLU E 38 7.93 6.46 27.27
CA GLU E 38 6.71 6.36 28.04
C GLU E 38 6.25 4.92 28.15
N ASP E 39 6.03 4.44 29.36
CA ASP E 39 5.55 3.08 29.57
C ASP E 39 4.26 3.05 30.39
N LYS E 40 3.60 4.19 30.50
CA LYS E 40 2.37 4.31 31.27
C LYS E 40 1.25 4.87 30.45
N HIS E 41 0.05 4.49 30.80
CA HIS E 41 -1.16 4.99 30.20
C HIS E 41 -2.16 5.02 31.32
N ASN E 42 -3.26 5.73 31.14
CA ASN E 42 -4.18 5.82 32.25
C ASN E 42 -5.28 4.77 32.35
N GLY E 43 -5.30 3.78 31.46
CA GLY E 43 -6.33 2.75 31.53
C GLY E 43 -7.72 3.21 31.08
N LYS E 44 -7.81 4.36 30.40
CA LYS E 44 -9.11 4.88 30.01
C LYS E 44 -9.21 5.26 28.55
N LEU E 45 -10.40 5.14 27.98
CA LEU E 45 -10.59 5.69 26.66
C LEU E 45 -11.14 7.11 26.88
N CYS E 46 -10.41 8.14 26.39
CA CYS E 46 -10.66 9.56 26.62
C CYS E 46 -11.17 10.29 25.38
N LYS E 47 -11.70 11.50 25.59
CA LYS E 47 -12.08 12.35 24.47
C LYS E 47 -10.80 12.65 23.75
N LEU E 48 -10.82 12.61 22.44
CA LEU E 48 -9.61 12.91 21.70
C LEU E 48 -9.72 14.30 21.11
N ARG E 49 -8.79 15.16 21.51
CA ARG E 49 -8.77 16.55 21.07
C ARG E 49 -10.09 17.26 21.41
N GLY E 50 -10.64 16.95 22.58
CA GLY E 50 -11.87 17.58 23.06
C GLY E 50 -13.18 16.91 22.62
N VAL E 51 -13.12 15.90 21.77
CA VAL E 51 -14.36 15.27 21.34
C VAL E 51 -14.45 13.80 21.74
N ALA E 52 -15.59 13.46 22.30
CA ALA E 52 -15.85 12.11 22.77
C ALA E 52 -15.88 11.12 21.63
N PRO E 53 -15.52 9.86 21.88
CA PRO E 53 -15.62 8.76 20.95
C PRO E 53 -17.04 8.31 20.82
N LEU E 54 -17.30 7.58 19.75
CA LEU E 54 -18.56 6.90 19.60
C LEU E 54 -18.42 5.46 20.01
N HIS E 55 -18.96 5.12 21.15
CA HIS E 55 -18.86 3.75 21.61
C HIS E 55 -20.08 3.01 21.12
N LEU E 56 -19.90 1.83 20.54
CA LEU E 56 -21.04 1.09 20.03
C LEU E 56 -21.52 -0.06 20.89
N GLY E 57 -21.02 -0.18 22.12
CA GLY E 57 -21.45 -1.27 22.97
C GLY E 57 -21.10 -2.60 22.33
N LYS E 58 -22.09 -3.48 22.27
CA LYS E 58 -21.96 -4.83 21.70
C LYS E 58 -22.14 -4.92 20.17
N CYS E 59 -22.39 -3.78 19.49
CA CYS E 59 -22.62 -3.67 18.06
C CYS E 59 -21.36 -3.27 17.33
N ASN E 60 -21.27 -3.68 16.11
CA ASN E 60 -20.21 -3.21 15.24
C ASN E 60 -20.80 -2.14 14.33
N ILE E 61 -20.00 -1.57 13.47
CA ILE E 61 -20.51 -0.54 12.58
C ILE E 61 -21.62 -1.02 11.66
N ALA E 62 -21.50 -2.20 11.04
CA ALA E 62 -22.60 -2.59 10.16
C ALA E 62 -23.92 -2.65 10.93
N GLY E 63 -23.88 -3.15 12.14
CA GLY E 63 -25.09 -3.27 12.96
C GLY E 63 -25.68 -1.91 13.21
N TRP E 64 -24.83 -1.00 13.65
CA TRP E 64 -25.22 0.36 13.98
C TRP E 64 -25.78 1.15 12.81
N ILE E 65 -25.12 1.09 11.66
CA ILE E 65 -25.55 1.89 10.52
C ILE E 65 -26.81 1.28 9.85
N LEU E 66 -26.93 -0.05 9.82
CA LEU E 66 -28.12 -0.67 9.22
C LEU E 66 -29.31 -0.64 10.16
N GLY E 67 -29.06 -0.64 11.46
CA GLY E 67 -30.18 -0.67 12.39
C GLY E 67 -30.52 -2.07 12.90
N ASN E 68 -29.51 -2.86 13.19
CA ASN E 68 -29.76 -4.16 13.78
C ASN E 68 -30.65 -3.89 15.00
N PRO E 69 -31.75 -4.62 15.21
CA PRO E 69 -32.66 -4.42 16.33
C PRO E 69 -31.94 -4.32 17.69
N GLU E 70 -30.82 -4.99 17.85
CA GLU E 70 -30.14 -4.93 19.15
C GLU E 70 -29.27 -3.68 19.40
N CYS E 71 -29.17 -2.79 18.40
CA CYS E 71 -28.38 -1.57 18.41
C CYS E 71 -29.34 -0.41 18.62
N GLU E 72 -30.64 -0.72 18.80
CA GLU E 72 -31.65 0.32 18.96
C GLU E 72 -31.42 1.13 20.22
N SER E 73 -30.90 0.50 21.24
CA SER E 73 -30.63 1.15 22.51
C SER E 73 -29.45 2.14 22.45
N LEU E 74 -28.66 2.13 21.38
CA LEU E 74 -27.52 3.04 21.32
C LEU E 74 -28.01 4.45 21.06
N SER E 75 -27.33 5.43 21.65
CA SER E 75 -27.66 6.83 21.41
C SER E 75 -27.07 7.28 20.09
N THR E 76 -27.53 8.40 19.59
CA THR E 76 -26.95 8.94 18.38
C THR E 76 -26.03 10.08 18.72
N ALA E 77 -24.78 9.95 18.28
CA ALA E 77 -23.80 10.99 18.52
C ALA E 77 -23.89 11.99 17.41
N SER E 78 -23.74 13.27 17.72
CA SER E 78 -23.74 14.29 16.70
C SER E 78 -22.39 14.42 16.04
N SER E 79 -21.36 14.06 16.78
CA SER E 79 -19.99 14.10 16.27
C SER E 79 -19.20 13.14 17.09
N TRP E 80 -18.06 12.71 16.55
CA TRP E 80 -17.17 11.88 17.33
C TRP E 80 -15.77 11.93 16.81
N SER E 81 -14.82 11.66 17.71
CA SER E 81 -13.43 11.66 17.36
C SER E 81 -12.84 10.34 16.87
N TYR E 82 -13.44 9.26 17.27
CA TYR E 82 -13.01 7.91 16.91
C TYR E 82 -14.12 6.94 17.20
N ILE E 83 -14.02 5.74 16.68
CA ILE E 83 -15.03 4.72 17.01
C ILE E 83 -14.47 3.61 17.87
N VAL E 84 -15.22 3.26 18.89
CA VAL E 84 -14.83 2.19 19.78
C VAL E 84 -15.82 1.03 19.73
N GLU E 85 -15.29 -0.13 19.47
CA GLU E 85 -16.02 -1.38 19.42
C GLU E 85 -15.35 -2.28 20.41
N THR E 86 -16.05 -3.21 21.00
CA THR E 86 -15.40 -4.14 21.89
C THR E 86 -14.92 -5.32 21.04
N PRO E 87 -14.03 -6.18 21.52
CA PRO E 87 -13.61 -7.42 20.87
C PRO E 87 -14.77 -8.40 20.69
N SER E 88 -15.86 -8.16 21.43
CA SER E 88 -17.09 -8.93 21.46
C SER E 88 -18.22 -8.24 20.72
N SER E 89 -17.90 -7.24 19.88
CA SER E 89 -18.90 -6.50 19.11
C SER E 89 -19.46 -7.35 17.97
N ASP E 90 -20.23 -8.34 18.36
CA ASP E 90 -20.78 -9.33 17.48
C ASP E 90 -22.06 -8.97 16.70
N ASN E 91 -22.86 -7.96 17.14
CA ASN E 91 -24.13 -7.63 16.48
C ASN E 91 -23.89 -6.70 15.28
N GLY E 92 -23.95 -7.30 14.07
CA GLY E 92 -23.68 -6.70 12.77
C GLY E 92 -24.82 -6.99 11.85
N THR E 93 -24.53 -7.56 10.71
CA THR E 93 -25.60 -7.90 9.81
C THR E 93 -26.29 -9.16 10.37
N CYS E 94 -27.64 -9.14 10.52
CA CYS E 94 -28.45 -10.25 11.04
C CYS E 94 -29.13 -11.04 9.91
N TYR E 95 -29.21 -10.46 8.71
CA TYR E 95 -29.75 -11.20 7.60
C TYR E 95 -28.53 -11.42 6.71
N PRO E 96 -28.01 -12.63 6.58
CA PRO E 96 -26.72 -12.92 5.99
C PRO E 96 -26.61 -12.46 4.57
N GLY E 97 -25.43 -11.95 4.24
CA GLY E 97 -25.12 -11.46 2.90
C GLY E 97 -23.80 -10.70 2.89
N ASP E 98 -23.47 -10.16 1.72
CA ASP E 98 -22.23 -9.44 1.50
C ASP E 98 -22.34 -7.93 1.74
N PHE E 99 -21.65 -7.39 2.76
CA PHE E 99 -21.73 -5.96 2.97
C PHE E 99 -20.59 -5.40 2.14
N ILE E 100 -20.95 -4.73 1.07
CA ILE E 100 -20.02 -4.26 0.07
C ILE E 100 -19.31 -2.98 0.44
N ASP E 101 -18.00 -2.97 0.25
CA ASP E 101 -17.16 -1.83 0.56
C ASP E 101 -17.35 -1.43 2.01
N TYR E 102 -17.39 -2.43 2.87
CA TYR E 102 -17.58 -2.25 4.28
C TYR E 102 -16.41 -1.54 4.89
N GLU E 103 -15.21 -1.91 4.48
CA GLU E 103 -14.03 -1.29 5.04
C GLU E 103 -13.94 0.20 4.69
N GLU E 104 -14.31 0.57 3.47
CA GLU E 104 -14.29 1.98 3.10
C GLU E 104 -15.34 2.75 3.87
N LEU E 105 -16.50 2.14 4.12
CA LEU E 105 -17.51 2.85 4.87
C LEU E 105 -17.03 3.07 6.30
N ARG E 106 -16.39 2.06 6.89
CA ARG E 106 -15.89 2.16 8.24
C ARG E 106 -14.86 3.27 8.35
N GLU E 107 -14.03 3.44 7.33
CA GLU E 107 -13.03 4.49 7.35
C GLU E 107 -13.71 5.87 7.27
N GLN E 108 -14.72 6.01 6.43
CA GLN E 108 -15.39 7.30 6.26
C GLN E 108 -16.10 7.76 7.52
N LEU E 109 -16.64 6.82 8.26
CA LEU E 109 -17.36 7.11 9.48
C LEU E 109 -16.46 7.19 10.72
N SER E 110 -15.16 6.95 10.56
CA SER E 110 -14.30 6.89 11.74
C SER E 110 -14.19 8.18 12.52
N SER E 111 -14.29 9.33 11.85
CA SER E 111 -14.20 10.61 12.52
C SER E 111 -15.17 11.53 11.84
N VAL E 112 -16.16 11.99 12.57
CA VAL E 112 -17.22 12.76 11.95
C VAL E 112 -17.42 14.10 12.65
N SER E 113 -17.40 15.18 11.87
CA SER E 113 -17.57 16.53 12.38
C SER E 113 -19.01 16.81 12.71
N SER E 114 -19.89 16.23 11.92
CA SER E 114 -21.31 16.39 12.13
C SER E 114 -22.04 15.19 11.59
N PHE E 115 -23.04 14.73 12.33
CA PHE E 115 -23.83 13.59 11.88
C PHE E 115 -25.25 13.69 12.38
N GLU E 116 -26.21 13.47 11.50
CA GLU E 116 -27.59 13.43 11.92
C GLU E 116 -28.36 12.43 11.10
N ARG E 117 -29.38 11.85 11.69
CA ARG E 117 -30.20 10.91 10.93
C ARG E 117 -31.50 11.58 10.60
N PHE E 118 -32.05 11.27 9.43
CA PHE E 118 -33.36 11.78 9.09
C PHE E 118 -34.16 10.73 8.36
N GLU E 119 -35.49 10.79 8.45
CA GLU E 119 -36.23 9.82 7.68
C GLU E 119 -36.13 10.33 6.27
N ILE E 120 -35.90 9.45 5.31
CA ILE E 120 -35.74 9.85 3.91
C ILE E 120 -36.95 9.52 3.06
N PHE E 121 -37.48 8.31 3.20
CA PHE E 121 -38.64 7.86 2.44
C PHE E 121 -39.66 7.37 3.44
N PRO E 122 -40.55 8.24 3.95
CA PRO E 122 -41.43 7.91 5.04
C PRO E 122 -42.16 6.61 4.85
N LYS E 123 -42.10 5.80 5.90
CA LYS E 123 -42.65 4.45 5.88
C LYS E 123 -44.09 4.34 5.44
N THR E 124 -44.92 5.27 5.87
CA THR E 124 -46.33 5.20 5.59
C THR E 124 -46.83 5.92 4.35
N SER E 125 -46.02 6.79 3.74
CA SER E 125 -46.54 7.55 2.61
C SER E 125 -45.77 7.35 1.32
N SER E 126 -44.55 6.80 1.39
CA SER E 126 -43.77 6.70 0.19
C SER E 126 -44.16 5.53 -0.71
N TRP E 127 -44.71 4.46 -0.17
CA TRP E 127 -45.00 3.31 -1.00
C TRP E 127 -46.40 2.80 -0.86
N PRO E 128 -47.43 3.53 -1.31
CA PRO E 128 -48.83 3.19 -1.16
C PRO E 128 -49.22 1.93 -1.93
N ASN E 129 -48.39 1.56 -2.90
CA ASN E 129 -48.65 0.40 -3.74
C ASN E 129 -47.83 -0.82 -3.37
N HIS E 130 -47.14 -0.78 -2.24
CA HIS E 130 -46.32 -1.92 -1.86
C HIS E 130 -46.53 -2.23 -0.40
N ASP E 131 -46.34 -3.47 -0.03
CA ASP E 131 -46.55 -3.84 1.35
C ASP E 131 -45.28 -3.66 2.18
N SER E 132 -45.34 -2.72 3.12
CA SER E 132 -44.20 -2.38 3.97
C SER E 132 -44.28 -3.01 5.37
N ASN E 133 -45.30 -3.85 5.60
CA ASN E 133 -45.50 -4.48 6.91
C ASN E 133 -45.14 -5.95 7.00
N LYS E 134 -45.13 -6.65 5.87
CA LYS E 134 -44.83 -8.08 5.87
C LYS E 134 -43.35 -8.40 5.74
N GLY E 135 -42.55 -7.38 5.55
CA GLY E 135 -41.12 -7.51 5.36
C GLY E 135 -40.35 -7.74 6.66
N VAL E 136 -40.59 -8.88 7.29
CA VAL E 136 -39.93 -9.26 8.54
C VAL E 136 -39.34 -10.65 8.46
N THR E 137 -38.42 -10.94 9.38
CA THR E 137 -37.78 -12.24 9.42
C THR E 137 -37.30 -12.72 10.76
N ALA E 138 -37.24 -14.05 10.88
CA ALA E 138 -36.77 -14.73 12.08
C ALA E 138 -35.28 -14.59 12.22
N ALA E 139 -34.61 -14.19 11.15
CA ALA E 139 -33.16 -13.97 11.18
C ALA E 139 -32.77 -12.72 12.01
N CYS E 140 -33.71 -11.75 12.22
CA CYS E 140 -33.48 -10.48 12.92
C CYS E 140 -34.58 -10.31 13.97
N PRO E 141 -34.72 -11.22 14.94
CA PRO E 141 -35.81 -11.22 15.87
C PRO E 141 -35.66 -10.08 16.85
N HIS E 142 -36.77 -9.60 17.37
CA HIS E 142 -36.73 -8.59 18.40
C HIS E 142 -37.69 -8.95 19.51
N ALA E 143 -37.15 -9.27 20.67
CA ALA E 143 -37.97 -9.69 21.79
C ALA E 143 -38.86 -10.88 21.41
N GLY E 144 -38.35 -11.76 20.56
CA GLY E 144 -39.06 -12.94 20.11
C GLY E 144 -39.92 -12.74 18.85
N ALA E 145 -40.12 -11.50 18.43
CA ALA E 145 -40.94 -11.21 17.27
C ALA E 145 -40.13 -11.21 16.01
N LYS E 146 -40.73 -11.55 14.88
CA LYS E 146 -39.98 -11.39 13.64
C LYS E 146 -39.80 -9.91 13.41
N SER E 147 -38.64 -9.50 12.93
CA SER E 147 -38.43 -8.09 12.69
C SER E 147 -37.44 -7.87 11.58
N PHE E 148 -36.93 -6.67 11.46
CA PHE E 148 -36.01 -6.33 10.39
C PHE E 148 -35.18 -5.15 10.79
N TYR E 149 -34.27 -4.74 9.93
CA TYR E 149 -33.41 -3.61 10.22
C TYR E 149 -34.20 -2.33 10.37
N LYS E 150 -33.85 -1.55 11.37
CA LYS E 150 -34.56 -0.32 11.64
C LYS E 150 -34.41 0.76 10.59
N ASN E 151 -33.31 0.79 9.84
CA ASN E 151 -33.18 1.86 8.87
C ASN E 151 -33.63 1.45 7.46
N LEU E 152 -34.16 0.23 7.30
CA LEU E 152 -34.57 -0.30 6.00
C LEU E 152 -35.99 -0.86 5.93
N ILE E 153 -36.61 -0.77 4.78
CA ILE E 153 -37.90 -1.40 4.56
C ILE E 153 -37.87 -2.42 3.46
N TRP E 154 -38.28 -3.61 3.78
CA TRP E 154 -38.32 -4.67 2.81
C TRP E 154 -39.70 -4.73 2.22
N LEU E 155 -39.82 -4.26 0.98
CA LEU E 155 -41.12 -4.20 0.35
C LEU E 155 -41.43 -5.48 -0.34
N VAL E 156 -42.66 -5.91 -0.20
CA VAL E 156 -43.15 -7.11 -0.84
C VAL E 156 -44.44 -6.81 -1.60
N LYS E 157 -44.87 -7.75 -2.41
CA LYS E 157 -46.05 -7.59 -3.22
C LYS E 157 -47.26 -7.25 -2.38
N LYS E 158 -48.07 -6.37 -2.91
CA LYS E 158 -49.30 -5.97 -2.27
C LYS E 158 -50.39 -6.78 -2.90
N GLY E 159 -51.18 -7.50 -2.13
CA GLY E 159 -52.17 -8.30 -2.82
C GLY E 159 -51.43 -9.32 -3.68
N ASN E 160 -51.70 -9.30 -4.98
CA ASN E 160 -51.07 -10.23 -5.90
C ASN E 160 -50.23 -9.53 -6.96
N SER E 161 -49.68 -8.36 -6.66
CA SER E 161 -48.84 -7.68 -7.63
C SER E 161 -47.72 -6.82 -7.03
N TYR E 162 -46.72 -6.56 -7.85
CA TYR E 162 -45.62 -5.70 -7.46
C TYR E 162 -45.40 -4.68 -8.57
N PRO E 163 -46.15 -3.56 -8.54
CA PRO E 163 -46.12 -2.54 -9.54
C PRO E 163 -44.72 -1.99 -9.61
N LYS E 164 -44.32 -1.56 -10.79
CA LYS E 164 -43.00 -0.99 -10.92
C LYS E 164 -42.82 0.16 -9.97
N LEU E 165 -41.72 0.13 -9.25
CA LEU E 165 -41.36 1.11 -8.28
C LEU E 165 -40.44 2.17 -8.84
N SER E 166 -40.73 3.43 -8.57
CA SER E 166 -39.86 4.54 -8.98
C SER E 166 -39.87 5.67 -7.94
N LYS E 167 -38.71 5.92 -7.32
CA LYS E 167 -38.59 6.93 -6.27
C LYS E 167 -37.33 7.76 -6.35
N SER E 168 -37.40 8.97 -5.83
CA SER E 168 -36.21 9.81 -5.79
C SER E 168 -36.16 10.75 -4.62
N TYR E 169 -34.95 11.21 -4.33
CA TYR E 169 -34.68 12.18 -3.29
C TYR E 169 -33.65 13.19 -3.72
N ILE E 170 -33.90 14.46 -3.43
CA ILE E 170 -32.96 15.50 -3.78
C ILE E 170 -32.29 16.09 -2.57
N ASN E 171 -30.99 16.05 -2.54
CA ASN E 171 -30.27 16.53 -1.40
C ASN E 171 -29.97 18.01 -1.47
N ASP E 172 -30.99 18.83 -1.29
CA ASP E 172 -30.78 20.26 -1.46
C ASP E 172 -30.53 21.03 -0.16
N LYS E 173 -30.21 20.32 0.93
CA LYS E 173 -29.95 20.94 2.21
C LYS E 173 -28.46 21.21 2.56
N GLY E 174 -27.50 20.76 1.74
CA GLY E 174 -26.07 21.07 2.00
C GLY E 174 -25.08 20.05 2.62
N LYS E 175 -25.49 18.94 3.22
CA LYS E 175 -24.51 17.99 3.78
C LYS E 175 -24.43 16.78 2.88
N GLU E 176 -23.39 15.95 3.03
CA GLU E 176 -23.37 14.77 2.17
C GLU E 176 -24.33 13.78 2.75
N VAL E 177 -25.04 13.07 1.90
CA VAL E 177 -25.98 12.09 2.41
C VAL E 177 -25.64 10.66 2.10
N LEU E 178 -25.60 9.87 3.16
CA LEU E 178 -25.30 8.46 3.09
C LEU E 178 -26.55 7.64 3.00
N VAL E 179 -26.66 6.94 1.89
CA VAL E 179 -27.83 6.14 1.65
C VAL E 179 -27.43 4.69 1.53
N LEU E 180 -28.12 3.83 2.25
CA LEU E 180 -27.86 2.41 2.20
C LEU E 180 -29.09 1.69 1.74
N TRP E 181 -28.90 0.58 1.06
CA TRP E 181 -30.01 -0.23 0.58
C TRP E 181 -29.57 -1.65 0.45
N GLY E 182 -30.50 -2.55 0.16
CA GLY E 182 -30.05 -3.91 -0.03
C GLY E 182 -30.86 -4.65 -1.06
N ILE E 183 -30.35 -5.80 -1.46
CA ILE E 183 -31.03 -6.62 -2.46
C ILE E 183 -31.22 -8.03 -2.01
N HIS E 184 -32.43 -8.53 -2.17
CA HIS E 184 -32.76 -9.88 -1.76
C HIS E 184 -32.57 -10.89 -2.87
N HIS E 185 -31.92 -11.99 -2.50
CA HIS E 185 -31.62 -13.13 -3.34
C HIS E 185 -32.26 -14.41 -2.74
N PRO E 186 -33.49 -14.77 -3.15
CA PRO E 186 -34.31 -15.85 -2.67
C PRO E 186 -33.64 -17.18 -2.91
N SER E 187 -33.99 -18.18 -2.11
CA SER E 187 -33.39 -19.46 -2.37
C SER E 187 -34.14 -20.18 -3.45
N THR E 188 -35.42 -19.91 -3.56
CA THR E 188 -36.21 -20.58 -4.57
C THR E 188 -37.16 -19.71 -5.32
N SER E 189 -37.62 -20.20 -6.46
CA SER E 189 -38.60 -19.49 -7.27
C SER E 189 -39.92 -19.39 -6.53
N ALA E 190 -40.11 -20.27 -5.56
CA ALA E 190 -41.31 -20.25 -4.74
C ALA E 190 -41.31 -19.05 -3.82
N ASP E 191 -40.13 -18.50 -3.50
CA ASP E 191 -40.06 -17.35 -2.64
C ASP E 191 -40.26 -16.15 -3.52
N GLN E 192 -39.74 -16.21 -4.74
CA GLN E 192 -39.86 -15.07 -5.63
C GLN E 192 -41.35 -14.80 -5.89
N GLN E 193 -42.14 -15.86 -6.00
CA GLN E 193 -43.57 -15.73 -6.22
C GLN E 193 -44.34 -15.29 -4.98
N SER E 194 -43.76 -15.48 -3.81
CA SER E 194 -44.44 -15.17 -2.55
C SER E 194 -44.14 -13.76 -2.11
N LEU E 195 -42.95 -13.30 -2.43
CA LEU E 195 -42.53 -11.99 -2.02
C LEU E 195 -42.62 -10.94 -3.09
N TYR E 196 -42.30 -11.26 -4.33
CA TYR E 196 -42.30 -10.20 -5.33
C TYR E 196 -43.31 -10.40 -6.44
N GLN E 197 -43.80 -11.63 -6.62
CA GLN E 197 -44.78 -12.00 -7.67
C GLN E 197 -44.15 -12.07 -9.06
N ASN E 198 -43.48 -11.01 -9.45
CA ASN E 198 -42.85 -10.96 -10.74
C ASN E 198 -41.72 -11.98 -10.75
N ALA E 199 -41.73 -12.87 -11.75
CA ALA E 199 -40.71 -13.91 -11.83
C ALA E 199 -39.38 -13.42 -12.37
N ASP E 200 -39.42 -12.40 -13.21
CA ASP E 200 -38.23 -11.86 -13.85
C ASP E 200 -38.09 -10.40 -13.46
N THR E 201 -37.19 -10.12 -12.52
CA THR E 201 -37.07 -8.79 -11.98
C THR E 201 -35.68 -8.22 -12.08
N TYR E 202 -35.59 -6.93 -11.79
CA TYR E 202 -34.34 -6.21 -11.71
C TYR E 202 -34.45 -5.05 -10.75
N VAL E 203 -33.30 -4.57 -10.33
CA VAL E 203 -33.18 -3.39 -9.49
C VAL E 203 -32.18 -2.39 -10.06
N PHE E 204 -32.51 -1.12 -10.10
CA PHE E 204 -31.57 -0.11 -10.57
C PHE E 204 -31.44 1.04 -9.62
N VAL E 205 -30.21 1.44 -9.34
CA VAL E 205 -29.98 2.59 -8.47
C VAL E 205 -28.99 3.56 -9.10
N GLY E 206 -29.21 4.87 -8.90
CA GLY E 206 -28.22 5.81 -9.45
C GLY E 206 -28.25 7.23 -8.90
N SER E 207 -27.19 7.97 -9.23
CA SER E 207 -26.91 9.36 -8.83
C SER E 207 -25.96 9.92 -9.86
N SER E 208 -25.52 11.16 -9.75
CA SER E 208 -24.63 11.67 -10.80
C SER E 208 -23.29 10.94 -10.88
N ARG E 209 -22.93 10.24 -9.81
CA ARG E 209 -21.67 9.52 -9.77
C ARG E 209 -21.89 8.04 -9.53
N TYR E 210 -23.08 7.55 -9.78
CA TYR E 210 -23.35 6.13 -9.53
C TYR E 210 -24.41 5.55 -10.41
N SER E 211 -24.17 4.38 -10.93
CA SER E 211 -25.19 3.72 -11.70
C SER E 211 -25.00 2.25 -11.72
N LYS E 212 -25.97 1.51 -11.22
CA LYS E 212 -25.82 0.09 -11.28
C LYS E 212 -27.11 -0.66 -11.40
N LYS E 213 -27.15 -1.58 -12.35
CA LYS E 213 -28.28 -2.47 -12.48
C LYS E 213 -27.90 -3.78 -11.83
N PHE E 214 -28.77 -4.27 -11.00
CA PHE E 214 -28.57 -5.49 -10.26
C PHE E 214 -29.59 -6.51 -10.71
N LYS E 215 -29.24 -7.78 -10.60
CA LYS E 215 -30.14 -8.86 -10.95
C LYS E 215 -30.08 -9.85 -9.79
N PRO E 216 -31.20 -10.43 -9.33
CA PRO E 216 -31.22 -11.43 -8.28
C PRO E 216 -30.65 -12.76 -8.70
N GLU E 217 -30.04 -13.44 -7.75
CA GLU E 217 -29.52 -14.79 -7.92
C GLU E 217 -30.34 -15.79 -7.12
N ILE E 218 -31.19 -16.56 -7.78
CA ILE E 218 -31.98 -17.51 -7.02
C ILE E 218 -31.24 -18.83 -7.01
N ALA E 219 -30.91 -19.29 -5.81
CA ALA E 219 -30.14 -20.52 -5.61
C ALA E 219 -30.29 -21.03 -4.19
N ILE E 220 -30.17 -22.34 -3.99
CA ILE E 220 -30.21 -22.82 -2.62
C ILE E 220 -28.83 -22.74 -2.05
N ARG E 221 -28.69 -22.00 -0.98
CA ARG E 221 -27.41 -21.79 -0.36
C ARG E 221 -27.38 -22.54 0.97
N PRO E 222 -26.23 -22.80 1.59
CA PRO E 222 -26.12 -23.37 2.91
C PRO E 222 -26.88 -22.45 3.83
N LYS E 223 -27.54 -23.01 4.85
CA LYS E 223 -28.27 -22.14 5.74
C LYS E 223 -27.39 -21.38 6.69
N VAL E 224 -27.64 -20.09 6.76
CA VAL E 224 -26.98 -19.23 7.71
C VAL E 224 -28.08 -18.51 8.48
N ARG E 225 -28.11 -18.67 9.80
CA ARG E 225 -29.19 -18.09 10.62
C ARG E 225 -30.54 -18.54 10.05
N ASP E 226 -30.57 -19.81 9.66
CA ASP E 226 -31.70 -20.52 9.09
C ASP E 226 -32.19 -20.01 7.73
N GLN E 227 -31.45 -19.12 7.10
CA GLN E 227 -31.86 -18.62 5.80
C GLN E 227 -31.15 -19.34 4.67
N GLU E 228 -31.92 -19.77 3.66
CA GLU E 228 -31.35 -20.44 2.48
C GLU E 228 -30.99 -19.44 1.39
N GLY E 229 -31.32 -18.18 1.62
CA GLY E 229 -31.07 -17.11 0.67
C GLY E 229 -30.10 -16.10 1.30
N ARG E 230 -29.93 -14.97 0.64
CA ARG E 230 -29.01 -13.92 1.10
C ARG E 230 -29.51 -12.53 0.79
N MET E 231 -29.02 -11.55 1.53
CA MET E 231 -29.37 -10.17 1.22
C MET E 231 -28.13 -9.30 1.26
N ASN E 232 -27.80 -8.65 0.15
CA ASN E 232 -26.57 -7.87 0.10
C ASN E 232 -26.80 -6.43 0.47
N TYR E 233 -25.74 -5.77 0.92
CA TYR E 233 -25.86 -4.38 1.31
C TYR E 233 -24.95 -3.51 0.49
N TYR E 234 -25.51 -2.41 0.05
CA TYR E 234 -24.86 -1.46 -0.81
C TYR E 234 -24.99 -0.07 -0.25
N TRP E 235 -24.06 0.82 -0.56
CA TRP E 235 -24.20 2.20 -0.11
C TRP E 235 -23.51 3.19 -1.02
N THR E 236 -23.92 4.46 -0.93
CA THR E 236 -23.27 5.53 -1.67
C THR E 236 -23.45 6.87 -1.00
N LEU E 237 -22.55 7.81 -1.31
CA LEU E 237 -22.71 9.17 -0.81
C LEU E 237 -23.23 10.08 -1.88
N VAL E 238 -24.33 10.74 -1.58
CA VAL E 238 -24.99 11.65 -2.48
C VAL E 238 -24.49 13.05 -2.14
N GLU E 239 -23.86 13.69 -3.11
CA GLU E 239 -23.28 14.99 -2.88
C GLU E 239 -24.40 15.99 -2.73
N PRO E 240 -24.20 17.09 -2.01
CA PRO E 240 -25.19 18.12 -1.87
C PRO E 240 -25.45 18.66 -3.25
N GLY E 241 -26.71 18.85 -3.56
CA GLY E 241 -27.14 19.36 -4.83
C GLY E 241 -27.50 18.23 -5.78
N ASP E 242 -27.15 16.99 -5.43
CA ASP E 242 -27.47 15.90 -6.33
C ASP E 242 -28.77 15.21 -5.99
N LYS E 243 -29.11 14.21 -6.80
CA LYS E 243 -30.30 13.41 -6.66
C LYS E 243 -29.98 11.95 -6.71
N ILE E 244 -30.67 11.18 -5.89
CA ILE E 244 -30.55 9.72 -5.88
C ILE E 244 -31.86 9.10 -6.28
N THR E 245 -31.81 8.12 -7.15
CA THR E 245 -33.02 7.48 -7.59
C THR E 245 -32.95 5.98 -7.38
N PHE E 246 -34.13 5.39 -7.26
CA PHE E 246 -34.33 3.96 -7.17
C PHE E 246 -35.41 3.50 -8.11
N GLU E 247 -35.20 2.36 -8.73
CA GLU E 247 -36.18 1.75 -9.60
C GLU E 247 -36.19 0.25 -9.43
N ALA E 248 -37.35 -0.36 -9.36
CA ALA E 248 -37.33 -1.82 -9.25
C ALA E 248 -38.62 -2.49 -9.67
N THR E 249 -38.48 -3.73 -10.07
CA THR E 249 -39.63 -4.58 -10.34
C THR E 249 -39.69 -5.70 -9.33
N GLY E 250 -38.83 -5.61 -8.33
CA GLY E 250 -38.80 -6.59 -7.26
C GLY E 250 -37.41 -6.72 -6.65
N ASN E 251 -37.38 -7.38 -5.51
CA ASN E 251 -36.18 -7.72 -4.76
C ASN E 251 -35.40 -6.55 -4.17
N LEU E 252 -36.01 -5.37 -4.11
CA LEU E 252 -35.33 -4.23 -3.51
C LEU E 252 -35.77 -3.90 -2.11
N VAL E 253 -34.79 -3.72 -1.24
CA VAL E 253 -35.00 -3.26 0.12
C VAL E 253 -34.60 -1.79 0.09
N VAL E 254 -35.56 -0.94 0.40
CA VAL E 254 -35.41 0.49 0.26
C VAL E 254 -35.02 1.14 1.56
N PRO E 255 -34.25 2.21 1.56
CA PRO E 255 -33.90 2.93 2.75
C PRO E 255 -35.12 3.56 3.32
N ARG E 256 -35.17 3.64 4.63
CA ARG E 256 -36.22 4.34 5.33
C ARG E 256 -35.61 5.58 5.86
N TYR E 257 -34.42 5.41 6.43
CA TYR E 257 -33.62 6.47 7.03
C TYR E 257 -32.32 6.64 6.29
N ALA E 258 -31.79 7.85 6.34
CA ALA E 258 -30.51 8.18 5.72
C ALA E 258 -29.77 9.14 6.60
N PHE E 259 -28.46 9.24 6.39
CA PHE E 259 -27.72 10.13 7.26
C PHE E 259 -27.13 11.31 6.55
N ALA E 260 -27.12 12.45 7.21
CA ALA E 260 -26.47 13.62 6.67
C ALA E 260 -25.19 13.84 7.43
N MET E 261 -24.11 14.18 6.74
CA MET E 261 -22.86 14.33 7.45
C MET E 261 -21.73 15.12 6.83
N GLU E 262 -20.74 15.37 7.67
CA GLU E 262 -19.47 15.96 7.31
C GLU E 262 -18.31 15.19 7.97
N ARG E 263 -17.35 14.73 7.15
CA ARG E 263 -16.20 13.93 7.65
C ARG E 263 -15.06 14.75 8.20
N ASN E 264 -14.58 14.40 9.38
CA ASN E 264 -13.47 15.12 10.00
C ASN E 264 -12.13 14.51 9.64
N ALA E 265 -11.80 14.56 8.36
CA ALA E 265 -10.52 14.03 7.80
C ALA E 265 -10.39 12.51 7.91
N GLY E 266 -10.28 12.04 9.15
CA GLY E 266 -10.19 10.62 9.50
C GLY E 266 -9.26 10.34 10.68
N SER E 267 -9.68 9.35 11.45
CA SER E 267 -9.03 8.79 12.62
C SER E 267 -9.14 7.32 12.33
N GLY E 268 -9.72 6.63 13.29
CA GLY E 268 -9.26 5.30 13.51
C GLY E 268 -10.30 4.59 14.35
N ILE E 269 -10.15 3.28 14.45
CA ILE E 269 -11.08 2.48 15.22
C ILE E 269 -10.29 1.68 16.25
N ILE E 270 -10.76 1.74 17.47
CA ILE E 270 -10.16 1.01 18.57
C ILE E 270 -11.04 -0.13 18.98
N ILE E 271 -10.44 -1.32 19.06
CA ILE E 271 -11.18 -2.47 19.50
C ILE E 271 -10.71 -2.75 20.90
N SER E 272 -11.57 -2.52 21.87
CA SER E 272 -11.15 -2.61 23.25
C SER E 272 -12.25 -2.69 24.29
N ASP E 273 -11.96 -3.33 25.42
CA ASP E 273 -12.86 -3.37 26.56
C ASP E 273 -12.53 -2.31 27.60
N THR E 274 -11.58 -1.45 27.29
CA THR E 274 -11.18 -0.37 28.15
C THR E 274 -12.38 0.58 28.16
N PRO E 275 -12.92 1.01 29.31
CA PRO E 275 -14.09 1.85 29.42
C PRO E 275 -13.84 3.27 28.99
N VAL E 276 -14.89 3.93 28.52
CA VAL E 276 -14.84 5.34 28.18
C VAL E 276 -15.13 6.16 29.41
N HIS E 277 -14.30 7.17 29.62
CA HIS E 277 -14.40 8.06 30.75
C HIS E 277 -14.40 9.52 30.37
N ASP E 278 -14.92 10.33 31.27
CA ASP E 278 -14.95 11.77 31.01
C ASP E 278 -13.59 12.38 31.35
N CYS E 279 -12.65 12.23 30.41
CA CYS E 279 -11.26 12.61 30.43
C CYS E 279 -10.90 13.01 29.02
N ASN E 280 -9.74 13.63 28.83
CA ASN E 280 -9.34 14.06 27.51
C ASN E 280 -7.83 13.85 27.30
N THR E 281 -7.46 13.45 26.07
CA THR E 281 -6.09 13.20 25.62
C THR E 281 -5.74 13.78 24.28
N THR E 282 -4.45 13.67 23.98
CA THR E 282 -3.85 14.01 22.69
C THR E 282 -3.45 12.76 21.86
N CYS E 283 -3.30 11.58 22.53
CA CYS E 283 -2.92 10.27 22.00
C CYS E 283 -3.69 9.17 22.73
N GLN E 284 -4.31 8.30 21.96
CA GLN E 284 -5.12 7.23 22.52
C GLN E 284 -4.71 5.84 22.04
N THR E 285 -4.51 4.87 22.96
CA THR E 285 -4.22 3.52 22.48
C THR E 285 -5.39 2.66 23.01
N PRO E 286 -5.60 1.42 22.55
CA PRO E 286 -6.60 0.50 23.05
C PRO E 286 -6.50 0.15 24.53
N LYS E 287 -5.33 0.34 25.15
CA LYS E 287 -5.21 -0.02 26.55
C LYS E 287 -5.50 1.15 27.44
N GLY E 288 -5.66 2.31 26.84
CA GLY E 288 -5.85 3.55 27.56
C GLY E 288 -5.07 4.68 26.92
N ALA E 289 -5.48 5.88 27.25
CA ALA E 289 -4.87 7.08 26.74
C ALA E 289 -3.50 7.36 27.30
N ILE E 290 -2.67 8.01 26.49
CA ILE E 290 -1.36 8.43 26.93
C ILE E 290 -1.44 9.93 27.23
N ASN E 291 -1.12 10.31 28.47
CA ASN E 291 -1.20 11.64 29.08
C ASN E 291 -0.03 12.62 28.70
N THR E 292 1.01 12.03 28.08
CA THR E 292 2.40 12.47 28.24
C THR E 292 3.07 12.91 26.94
N SER E 293 4.26 13.54 27.08
CA SER E 293 5.01 14.11 25.95
C SER E 293 6.41 13.57 25.53
N LEU E 294 6.92 12.47 26.07
CA LEU E 294 8.26 12.03 25.64
C LEU E 294 8.17 11.47 24.21
N PRO E 295 9.26 11.49 23.41
CA PRO E 295 9.31 11.04 22.04
C PRO E 295 8.99 9.58 21.71
N PHE E 296 9.16 8.67 22.66
CA PHE E 296 8.89 7.28 22.36
C PHE E 296 7.95 6.64 23.35
N GLN E 297 7.26 5.61 22.93
CA GLN E 297 6.41 4.84 23.82
C GLN E 297 6.56 3.36 23.53
N ASN E 298 6.34 2.53 24.53
CA ASN E 298 6.38 1.08 24.32
C ASN E 298 5.11 0.43 24.81
N ILE E 299 4.01 1.17 24.68
CA ILE E 299 2.73 0.73 25.14
C ILE E 299 2.01 -0.04 24.07
N HIS E 300 1.92 0.52 22.86
CA HIS E 300 1.20 -0.21 21.82
C HIS E 300 1.52 0.36 20.44
N PRO E 301 1.72 -0.46 19.39
CA PRO E 301 1.96 0.01 18.04
C PRO E 301 0.79 0.68 17.34
N ILE E 302 -0.45 0.44 17.75
CA ILE E 302 -1.57 1.07 17.05
C ILE E 302 -2.16 2.19 17.85
N THR E 303 -1.97 3.41 17.37
CA THR E 303 -2.45 4.55 18.11
C THR E 303 -3.23 5.52 17.24
N ILE E 304 -4.01 6.38 17.89
CA ILE E 304 -4.68 7.49 17.21
C ILE E 304 -4.27 8.79 17.91
N GLY E 305 -3.81 9.80 17.18
CA GLY E 305 -3.45 11.04 17.84
C GLY E 305 -2.05 11.51 17.54
N LYS E 306 -1.64 12.57 18.23
CA LYS E 306 -0.30 13.13 18.06
C LYS E 306 0.63 12.36 19.00
N CYS E 307 0.88 11.09 18.63
CA CYS E 307 1.53 10.07 19.43
C CYS E 307 3.06 9.99 19.31
N PRO E 308 3.74 9.52 20.39
CA PRO E 308 5.15 9.15 20.46
C PRO E 308 5.33 7.96 19.55
N LYS E 309 6.54 7.75 19.04
CA LYS E 309 6.71 6.60 18.18
C LYS E 309 6.84 5.34 18.99
N TYR E 310 6.23 4.28 18.50
CA TYR E 310 6.33 3.00 19.18
C TYR E 310 7.70 2.40 18.99
N VAL E 311 8.28 1.91 20.07
CA VAL E 311 9.55 1.22 20.03
C VAL E 311 9.46 -0.14 20.70
N LYS E 312 10.41 -1.01 20.40
CA LYS E 312 10.45 -2.32 21.02
C LYS E 312 11.25 -2.34 22.30
N SER E 313 11.92 -1.23 22.57
CA SER E 313 12.79 -1.08 23.74
C SER E 313 12.01 -0.97 25.02
N THR E 314 12.62 -1.47 26.08
CA THR E 314 12.03 -1.41 27.40
C THR E 314 12.63 -0.31 28.25
N LYS E 315 13.67 0.35 27.73
CA LYS E 315 14.35 1.38 28.49
C LYS E 315 15.16 2.35 27.63
N LEU E 316 14.83 3.62 27.71
CA LEU E 316 15.56 4.68 27.03
C LEU E 316 15.83 5.71 28.06
N ARG E 317 16.78 5.38 28.91
CA ARG E 317 17.09 6.19 30.06
C ARG E 317 18.29 7.06 29.73
N LEU E 318 18.04 8.36 29.67
CA LEU E 318 19.03 9.34 29.28
C LEU E 318 19.60 10.03 30.50
N ALA E 319 20.89 9.94 30.70
CA ALA E 319 21.52 10.54 31.87
C ALA E 319 21.47 12.04 31.75
N THR E 320 21.29 12.72 32.86
CA THR E 320 21.39 14.16 32.81
C THR E 320 22.53 14.56 33.70
N GLY E 321 22.82 13.71 34.68
CA GLY E 321 23.84 13.98 35.67
C GLY E 321 25.15 13.27 35.41
N LEU E 322 26.01 13.35 36.40
CA LEU E 322 27.34 12.79 36.42
C LEU E 322 27.36 11.41 37.04
N ARG E 323 28.47 10.67 36.89
CA ARG E 323 28.50 9.33 37.49
C ARG E 323 28.42 9.45 38.99
N ASN E 324 27.56 8.64 39.60
CA ASN E 324 27.35 8.68 41.03
C ASN E 324 28.34 7.82 41.77
N ILE E 325 29.56 8.29 41.81
CA ILE E 325 30.62 7.56 42.46
C ILE E 325 31.06 8.33 43.68
N PRO E 326 30.64 7.98 44.90
CA PRO E 326 30.94 8.66 46.14
C PRO E 326 32.37 8.40 46.58
N ASP F 1 -34.97 36.52 8.41
CA ASP F 1 -36.07 35.57 8.53
C ASP F 1 -36.91 35.56 7.23
N ILE F 2 -37.54 34.40 6.94
CA ILE F 2 -38.42 34.21 5.77
C ILE F 2 -39.85 34.10 6.24
N GLN F 3 -40.67 35.05 5.82
CA GLN F 3 -42.06 35.08 6.26
C GLN F 3 -43.04 34.75 5.17
N MET F 4 -43.84 33.73 5.42
CA MET F 4 -44.83 33.31 4.45
C MET F 4 -46.04 34.24 4.48
N THR F 5 -46.55 34.56 3.30
CA THR F 5 -47.75 35.37 3.17
C THR F 5 -48.85 34.51 2.64
N GLN F 6 -49.95 34.42 3.36
CA GLN F 6 -51.01 33.53 2.94
C GLN F 6 -52.25 34.30 2.54
N SER F 7 -52.87 33.88 1.44
CA SER F 7 -54.05 34.58 0.94
C SER F 7 -55.03 33.67 0.17
N PRO F 8 -56.35 33.86 0.39
CA PRO F 8 -57.07 34.78 1.24
C PRO F 8 -56.95 34.36 2.69
N SER F 9 -57.21 35.26 3.63
CA SER F 9 -57.24 34.89 5.05
C SER F 9 -58.52 34.17 5.44
N SER F 10 -59.52 34.29 4.59
CA SER F 10 -60.83 33.69 4.79
C SER F 10 -61.43 33.32 3.45
N LEU F 11 -61.91 32.10 3.36
CA LEU F 11 -62.49 31.54 2.16
C LEU F 11 -63.76 30.80 2.45
N SER F 12 -64.75 30.92 1.59
CA SER F 12 -65.92 30.09 1.77
C SER F 12 -66.42 29.60 0.43
N ALA F 13 -66.99 28.42 0.45
CA ALA F 13 -67.58 27.81 -0.74
C ALA F 13 -68.59 26.74 -0.34
N PHE F 14 -69.43 26.34 -1.28
CA PHE F 14 -70.41 25.30 -1.03
C PHE F 14 -69.84 23.93 -1.30
N VAL F 15 -70.46 22.90 -0.73
CA VAL F 15 -69.96 21.56 -0.93
C VAL F 15 -69.99 21.14 -2.37
N GLY F 16 -68.85 20.62 -2.82
CA GLY F 16 -68.65 20.18 -4.18
C GLY F 16 -67.92 21.22 -5.02
N ASP F 17 -67.81 22.45 -4.53
CA ASP F 17 -67.12 23.49 -5.27
C ASP F 17 -65.62 23.31 -5.13
N ARG F 18 -64.86 23.87 -6.05
CA ARG F 18 -63.41 23.73 -6.02
C ARG F 18 -62.74 24.81 -5.21
N VAL F 19 -61.94 24.40 -4.24
CA VAL F 19 -61.28 25.32 -3.36
C VAL F 19 -59.76 25.33 -3.41
N THR F 20 -59.22 26.52 -3.64
CA THR F 20 -57.78 26.72 -3.65
C THR F 20 -57.38 27.92 -2.85
N ILE F 21 -56.17 27.85 -2.29
CA ILE F 21 -55.55 28.96 -1.59
C ILE F 21 -54.14 29.14 -2.12
N ALA F 22 -53.53 30.29 -1.87
CA ALA F 22 -52.15 30.52 -2.30
C ALA F 22 -51.31 31.02 -1.14
N CYS F 23 -49.97 30.79 -1.20
CA CYS F 23 -49.04 31.23 -0.17
C CYS F 23 -47.69 31.55 -0.80
N GLN F 24 -47.11 32.69 -0.41
CA GLN F 24 -45.84 33.08 -0.99
C GLN F 24 -44.72 33.25 0.01
N ALA F 25 -43.52 32.99 -0.44
CA ALA F 25 -42.34 33.15 0.41
C ALA F 25 -41.68 34.46 0.11
N SER F 26 -41.02 35.03 1.10
CA SER F 26 -40.27 36.26 0.93
C SER F 26 -38.89 36.00 0.32
N GLN F 27 -38.49 34.74 0.33
CA GLN F 27 -37.23 34.25 -0.20
C GLN F 27 -37.47 32.96 -0.94
N ASP F 28 -36.59 32.61 -1.85
CA ASP F 28 -36.72 31.35 -2.56
C ASP F 28 -36.43 30.22 -1.60
N ILE F 29 -37.43 29.38 -1.38
CA ILE F 29 -37.33 28.28 -0.44
C ILE F 29 -37.49 26.95 -1.11
N ARG F 30 -37.18 26.90 -2.41
CA ARG F 30 -37.26 25.65 -3.15
C ARG F 30 -38.64 25.05 -2.95
N ILE F 31 -38.74 23.88 -2.35
CA ILE F 31 -40.03 23.24 -2.11
C ILE F 31 -40.20 22.87 -0.65
N HIS F 32 -39.51 23.57 0.22
CA HIS F 32 -39.51 23.22 1.62
C HIS F 32 -40.73 23.69 2.39
N LEU F 33 -41.89 23.15 2.04
CA LEU F 33 -43.18 23.46 2.67
C LEU F 33 -43.93 22.33 3.32
N ASN F 34 -44.60 22.68 4.39
CA ASN F 34 -45.50 21.81 5.11
C ASN F 34 -46.87 22.45 5.30
N TRP F 35 -47.88 21.92 4.64
CA TRP F 35 -49.22 22.49 4.77
C TRP F 35 -49.96 21.77 5.88
N TYR F 36 -50.62 22.54 6.74
CA TYR F 36 -51.36 22.00 7.88
C TYR F 36 -52.84 22.32 7.88
N GLN F 37 -53.63 21.44 8.49
CA GLN F 37 -55.06 21.61 8.67
C GLN F 37 -55.46 21.62 10.12
N GLN F 38 -55.99 22.73 10.62
CA GLN F 38 -56.38 22.75 12.02
C GLN F 38 -57.85 22.76 12.25
N LYS F 39 -58.37 21.64 12.71
CA LYS F 39 -59.77 21.55 12.97
C LYS F 39 -59.95 22.22 14.32
N PRO F 40 -61.10 22.83 14.63
CA PRO F 40 -61.33 23.46 15.90
C PRO F 40 -61.09 22.50 17.04
N GLY F 41 -60.35 22.93 18.04
CA GLY F 41 -60.08 22.11 19.21
C GLY F 41 -58.92 21.12 19.06
N LYS F 42 -58.28 21.08 17.90
CA LYS F 42 -57.20 20.12 17.67
C LYS F 42 -55.86 20.76 17.35
N ALA F 43 -54.77 20.03 17.63
CA ALA F 43 -53.46 20.46 17.17
C ALA F 43 -53.55 20.37 15.65
N PRO F 44 -52.87 21.19 14.87
CA PRO F 44 -52.92 21.13 13.43
C PRO F 44 -52.36 19.81 12.92
N LYS F 45 -53.00 19.26 11.90
CA LYS F 45 -52.54 18.02 11.29
C LYS F 45 -51.73 18.31 10.05
N LEU F 46 -50.60 17.65 9.90
CA LEU F 46 -49.84 17.86 8.68
C LEU F 46 -50.53 17.13 7.54
N LEU F 47 -50.82 17.84 6.43
CA LEU F 47 -51.45 17.14 5.32
C LEU F 47 -50.53 16.95 4.14
N ILE F 48 -49.72 17.96 3.83
CA ILE F 48 -48.81 17.88 2.68
C ILE F 48 -47.40 18.24 3.04
N TYR F 49 -46.43 17.44 2.64
CA TYR F 49 -45.05 17.75 3.00
C TYR F 49 -44.16 17.89 1.77
N ASP F 50 -43.06 18.61 1.93
CA ASP F 50 -42.11 18.86 0.84
C ASP F 50 -42.88 19.46 -0.35
N ALA F 51 -43.78 20.39 -0.03
CA ALA F 51 -44.66 21.16 -0.91
C ALA F 51 -45.77 20.35 -1.59
N SER F 52 -45.45 19.22 -2.22
CA SER F 52 -46.44 18.43 -2.94
C SER F 52 -46.68 16.95 -2.55
N ASN F 53 -45.99 16.41 -1.55
CA ASN F 53 -46.18 15.00 -1.22
C ASN F 53 -47.32 14.79 -0.26
N LEU F 54 -48.39 14.18 -0.73
CA LEU F 54 -49.54 14.02 0.12
C LEU F 54 -49.22 13.04 1.24
N GLU F 55 -49.54 13.41 2.48
CA GLU F 55 -49.26 12.61 3.66
C GLU F 55 -50.21 11.42 3.78
N ALA F 56 -49.74 10.40 4.47
CA ALA F 56 -50.52 9.20 4.64
C ALA F 56 -51.80 9.48 5.37
N GLY F 57 -52.88 8.89 4.90
CA GLY F 57 -54.17 9.02 5.56
C GLY F 57 -54.94 10.26 5.10
N VAL F 58 -54.35 11.05 4.24
CA VAL F 58 -55.00 12.25 3.76
C VAL F 58 -55.64 11.89 2.44
N PRO F 59 -56.93 12.16 2.22
CA PRO F 59 -57.64 11.80 1.03
C PRO F 59 -57.13 12.56 -0.18
N SER F 60 -57.39 11.99 -1.36
CA SER F 60 -56.96 12.45 -2.69
C SER F 60 -57.46 13.82 -3.08
N ARG F 61 -58.40 14.35 -2.33
CA ARG F 61 -58.91 15.68 -2.56
C ARG F 61 -57.78 16.69 -2.41
N PHE F 62 -56.87 16.41 -1.49
CA PHE F 62 -55.80 17.32 -1.19
C PHE F 62 -54.64 17.19 -2.15
N SER F 63 -54.12 18.33 -2.57
CA SER F 63 -52.96 18.37 -3.45
C SER F 63 -52.20 19.68 -3.33
N GLY F 64 -50.89 19.63 -3.52
CA GLY F 64 -50.12 20.85 -3.45
C GLY F 64 -49.17 20.94 -4.61
N SER F 65 -48.68 22.15 -4.87
CA SER F 65 -47.72 22.35 -5.95
C SER F 65 -47.01 23.69 -5.83
N GLY F 66 -45.99 23.88 -6.65
CA GLY F 66 -45.28 25.16 -6.72
C GLY F 66 -43.86 25.02 -6.26
N SER F 67 -43.08 26.08 -6.48
CA SER F 67 -41.67 26.12 -6.12
C SER F 67 -41.19 27.55 -5.98
N GLY F 68 -40.04 27.70 -5.38
CA GLY F 68 -39.43 29.01 -5.28
C GLY F 68 -40.18 29.87 -4.30
N THR F 69 -40.86 30.89 -4.81
CA THR F 69 -41.60 31.77 -3.93
C THR F 69 -43.11 31.69 -4.05
N ASP F 70 -43.68 30.85 -4.90
CA ASP F 70 -45.15 30.85 -5.03
C ASP F 70 -45.72 29.44 -5.03
N PHE F 71 -46.47 29.14 -3.97
CA PHE F 71 -47.01 27.82 -3.73
C PHE F 71 -48.52 27.83 -3.65
N THR F 72 -49.12 26.71 -3.99
CA THR F 72 -50.56 26.59 -3.88
C THR F 72 -50.97 25.34 -3.17
N PHE F 73 -52.23 25.34 -2.78
CA PHE F 73 -52.85 24.22 -2.12
C PHE F 73 -54.30 24.11 -2.56
N THR F 74 -54.72 22.91 -2.85
CA THR F 74 -56.10 22.68 -3.23
C THR F 74 -56.67 21.58 -2.40
N ILE F 75 -57.98 21.67 -2.20
CA ILE F 75 -58.66 20.61 -1.51
C ILE F 75 -59.72 20.05 -2.43
N SER F 76 -59.55 20.31 -3.73
CA SER F 76 -60.42 19.83 -4.77
C SER F 76 -61.85 20.18 -4.46
N SER F 77 -62.75 19.21 -4.65
CA SER F 77 -64.16 19.42 -4.41
C SER F 77 -64.41 19.29 -2.91
N LEU F 78 -64.77 20.42 -2.33
CA LEU F 78 -64.93 20.64 -0.90
C LEU F 78 -65.96 19.81 -0.20
N GLN F 79 -65.58 19.16 0.91
CA GLN F 79 -66.54 18.36 1.67
C GLN F 79 -66.66 18.98 3.06
N PRO F 80 -67.77 18.80 3.81
CA PRO F 80 -68.01 19.33 5.17
C PRO F 80 -66.89 19.03 6.18
N GLU F 81 -66.22 17.91 6.01
CA GLU F 81 -65.13 17.47 6.87
C GLU F 81 -63.91 18.37 6.79
N ASP F 82 -63.83 19.18 5.76
CA ASP F 82 -62.70 20.01 5.47
C ASP F 82 -62.76 21.39 6.14
N ILE F 83 -63.74 21.64 7.00
CA ILE F 83 -63.72 22.95 7.66
C ILE F 83 -62.52 22.93 8.57
N ALA F 84 -61.66 23.92 8.38
CA ALA F 84 -60.43 24.03 9.13
C ALA F 84 -59.73 25.33 8.83
N THR F 85 -58.77 25.69 9.67
CA THR F 85 -57.88 26.78 9.27
C THR F 85 -56.65 26.12 8.67
N TYR F 86 -56.29 26.54 7.46
CA TYR F 86 -55.14 25.93 6.83
C TYR F 86 -53.93 26.82 7.01
N TYR F 87 -52.78 26.24 7.30
CA TYR F 87 -51.58 27.04 7.53
C TYR F 87 -50.40 26.67 6.65
N CYS F 88 -49.56 27.68 6.33
CA CYS F 88 -48.31 27.55 5.61
C CYS F 88 -47.25 27.35 6.66
N GLN F 89 -46.23 26.61 6.30
CA GLN F 89 -45.07 26.49 7.12
C GLN F 89 -43.92 26.14 6.23
N HIS F 90 -42.77 26.68 6.50
CA HIS F 90 -41.65 26.29 5.69
C HIS F 90 -40.50 26.00 6.59
N TYR F 91 -39.58 25.22 6.08
CA TYR F 91 -38.41 24.84 6.83
C TYR F 91 -37.12 25.06 6.08
N HIS F 92 -37.06 26.11 5.31
CA HIS F 92 -35.88 26.32 4.51
C HIS F 92 -34.66 26.57 5.37
N ASN F 93 -34.84 27.37 6.39
CA ASN F 93 -33.76 27.73 7.26
C ASN F 93 -34.32 27.95 8.64
N LEU F 94 -33.50 28.42 9.56
CA LEU F 94 -34.03 28.72 10.85
C LEU F 94 -34.21 30.22 10.97
N PRO F 95 -35.25 30.67 11.69
CA PRO F 95 -36.30 29.92 12.35
C PRO F 95 -37.30 29.38 11.37
N ARG F 96 -37.94 28.28 11.72
CA ARG F 96 -39.04 27.82 10.90
C ARG F 96 -40.18 28.77 11.14
N THR F 97 -40.83 29.20 10.07
CA THR F 97 -41.91 30.18 10.17
C THR F 97 -43.22 29.74 9.56
N PHE F 98 -44.30 30.19 10.18
CA PHE F 98 -45.66 29.91 9.76
C PHE F 98 -46.33 31.08 9.09
N GLY F 99 -47.33 30.76 8.27
CA GLY F 99 -48.17 31.75 7.60
C GLY F 99 -49.25 32.18 8.57
N GLY F 100 -50.17 33.04 8.12
CA GLY F 100 -51.21 33.55 8.99
C GLY F 100 -52.38 32.62 9.25
N GLY F 101 -52.67 31.73 8.32
CA GLY F 101 -53.81 30.85 8.46
C GLY F 101 -55.00 31.31 7.62
N THR F 102 -55.57 30.39 6.85
CA THR F 102 -56.75 30.67 6.03
C THR F 102 -57.94 29.94 6.56
N LYS F 103 -58.97 30.64 6.92
CA LYS F 103 -60.11 29.93 7.46
C LYS F 103 -61.02 29.50 6.34
N VAL F 104 -61.27 28.19 6.24
CA VAL F 104 -62.16 27.67 5.22
C VAL F 104 -63.47 27.21 5.80
N GLU F 105 -64.53 27.88 5.36
CA GLU F 105 -65.90 27.62 5.79
C GLU F 105 -66.71 27.00 4.68
N ILE F 106 -67.69 26.19 5.05
CA ILE F 106 -68.48 25.50 4.06
C ILE F 106 -69.98 25.82 4.18
N LYS F 107 -70.63 26.24 3.07
CA LYS F 107 -72.07 26.59 2.96
C LYS F 107 -72.44 26.97 1.51
N VAL G 1 -48.15 7.32 17.52
CA VAL G 1 -47.40 7.65 18.73
C VAL G 1 -48.26 8.60 19.57
N GLN G 2 -47.73 9.00 20.75
CA GLN G 2 -48.31 9.99 21.66
C GLN G 2 -47.27 10.94 22.21
N LEU G 3 -47.70 12.17 22.39
CA LEU G 3 -46.94 13.18 23.09
C LEU G 3 -47.90 13.86 24.00
N LEU G 4 -47.62 13.86 25.29
CA LEU G 4 -48.55 14.47 26.22
C LEU G 4 -47.98 15.61 27.00
N GLU G 5 -48.52 16.79 26.78
CA GLU G 5 -48.08 17.96 27.51
C GLU G 5 -48.58 17.91 28.93
N SER G 6 -47.77 18.43 29.84
CA SER G 6 -48.10 18.52 31.24
C SER G 6 -47.58 19.82 31.82
N GLY G 7 -48.31 20.37 32.76
CA GLY G 7 -47.94 21.63 33.35
C GLY G 7 -48.76 22.64 32.59
N GLY G 8 -48.94 23.81 33.15
CA GLY G 8 -49.75 24.84 32.51
C GLY G 8 -50.53 25.52 33.62
N GLY G 9 -51.50 26.34 33.25
CA GLY G 9 -52.26 27.04 34.27
C GLY G 9 -52.04 28.54 34.25
N LEU G 10 -52.71 29.21 35.18
CA LEU G 10 -52.69 30.66 35.32
C LEU G 10 -51.72 31.15 36.36
N VAL G 11 -50.82 32.02 35.93
CA VAL G 11 -49.84 32.63 36.79
C VAL G 11 -49.81 34.13 36.60
N GLN G 12 -49.28 34.84 37.56
CA GLN G 12 -49.10 36.28 37.47
C GLN G 12 -47.82 36.55 36.68
N PRO G 13 -47.63 37.71 36.05
CA PRO G 13 -46.41 38.13 35.38
C PRO G 13 -45.23 38.07 36.32
N GLY G 14 -44.08 37.72 35.76
CA GLY G 14 -42.87 37.56 36.53
C GLY G 14 -42.88 36.13 36.96
N GLY G 15 -41.83 35.69 37.65
CA GLY G 15 -41.83 34.31 38.06
C GLY G 15 -41.66 33.41 36.85
N SER G 16 -42.08 32.16 37.00
CA SER G 16 -41.91 31.18 35.97
C SER G 16 -42.96 30.07 36.03
N LEU G 17 -43.08 29.35 34.94
CA LEU G 17 -43.92 28.17 34.85
C LEU G 17 -43.16 27.05 34.16
N SER G 18 -43.21 25.86 34.71
CA SER G 18 -42.51 24.73 34.10
C SER G 18 -43.43 23.78 33.34
N LEU G 19 -43.10 23.56 32.08
CA LEU G 19 -43.82 22.63 31.23
C LEU G 19 -42.97 21.43 30.95
N SER G 20 -43.64 20.32 30.69
CA SER G 20 -42.93 19.13 30.27
C SER G 20 -43.83 18.39 29.28
N CYS G 21 -43.24 17.43 28.54
CA CYS G 21 -43.93 16.58 27.58
C CYS G 21 -43.38 15.16 27.66
N ALA G 22 -44.31 14.23 27.85
CA ALA G 22 -43.99 12.82 27.96
C ALA G 22 -44.14 12.14 26.63
N ALA G 23 -43.12 11.40 26.21
CA ALA G 23 -43.20 10.72 24.93
C ALA G 23 -43.51 9.25 25.06
N SER G 24 -44.28 8.74 24.10
CA SER G 24 -44.56 7.32 24.04
C SER G 24 -44.76 6.78 22.63
N GLY G 25 -44.36 5.53 22.43
CA GLY G 25 -44.54 4.84 21.15
C GLY G 25 -43.36 4.97 20.19
N PHE G 26 -42.29 5.62 20.64
CA PHE G 26 -41.13 5.79 19.77
C PHE G 26 -39.86 5.92 20.57
N THR G 27 -38.74 5.76 19.90
CA THR G 27 -37.50 5.91 20.58
C THR G 27 -37.18 7.38 20.69
N PHE G 28 -37.61 7.96 21.80
CA PHE G 28 -37.49 9.39 22.07
C PHE G 28 -36.08 9.88 21.85
N SER G 29 -35.11 9.12 22.31
CA SER G 29 -33.69 9.50 22.26
C SER G 29 -33.13 9.62 20.85
N SER G 30 -33.88 9.16 19.85
CA SER G 30 -33.45 9.24 18.48
C SER G 30 -33.92 10.51 17.77
N PHE G 31 -34.76 11.32 18.43
CA PHE G 31 -35.29 12.47 17.72
C PHE G 31 -35.15 13.80 18.42
N ALA G 32 -34.98 14.83 17.60
CA ALA G 32 -35.01 16.21 18.05
C ALA G 32 -36.45 16.55 18.36
N MET G 33 -36.62 17.44 19.33
CA MET G 33 -37.93 17.88 19.81
C MET G 33 -38.05 19.40 19.88
N SER G 34 -39.28 19.89 19.71
CA SER G 34 -39.52 21.33 19.80
C SER G 34 -40.84 21.76 20.41
N TRP G 35 -40.92 23.03 20.78
CA TRP G 35 -42.14 23.65 21.28
C TRP G 35 -42.63 24.74 20.32
N VAL G 36 -43.94 24.72 20.09
CA VAL G 36 -44.70 25.61 19.21
C VAL G 36 -45.71 26.41 20.04
N ARG G 37 -45.85 27.69 19.72
CA ARG G 37 -46.76 28.57 20.46
C ARG G 37 -48.00 28.98 19.67
N GLN G 38 -49.19 28.68 20.17
CA GLN G 38 -50.39 29.10 19.46
C GLN G 38 -51.12 30.23 20.17
N ALA G 39 -50.89 31.44 19.70
CA ALA G 39 -51.45 32.61 20.33
C ALA G 39 -52.88 32.81 19.80
N PRO G 40 -53.76 33.49 20.55
CA PRO G 40 -55.10 33.86 20.13
C PRO G 40 -55.14 34.89 19.01
N VAL G 41 -54.03 35.60 18.80
CA VAL G 41 -53.96 36.63 17.77
C VAL G 41 -53.07 36.18 16.62
N LYS G 42 -51.85 35.74 16.93
CA LYS G 42 -50.95 35.25 15.92
C LYS G 42 -51.14 33.74 15.90
N GLY G 43 -51.69 33.22 14.80
CA GLY G 43 -52.07 31.81 14.70
C GLY G 43 -51.00 30.86 15.16
N LEU G 44 -49.86 30.80 14.49
CA LEU G 44 -48.81 29.89 14.95
C LEU G 44 -47.45 30.55 14.98
N GLU G 45 -46.85 30.52 16.15
CA GLU G 45 -45.54 31.06 16.42
C GLU G 45 -44.64 29.89 16.81
N TRP G 46 -43.38 30.14 17.07
CA TRP G 46 -42.49 29.08 17.48
C TRP G 46 -41.64 29.49 18.68
N VAL G 47 -41.32 28.55 19.57
CA VAL G 47 -40.56 28.92 20.74
C VAL G 47 -39.15 28.41 20.80
N SER G 48 -38.97 27.10 20.78
CA SER G 48 -37.61 26.57 20.94
C SER G 48 -37.47 25.15 20.46
N MET G 49 -36.24 24.75 20.19
CA MET G 49 -35.95 23.36 19.82
C MET G 49 -34.63 22.86 20.37
N ILE G 50 -34.59 21.56 20.63
CA ILE G 50 -33.39 20.86 21.13
C ILE G 50 -33.04 19.62 20.29
N SER G 51 -31.74 19.39 20.05
CA SER G 51 -31.29 18.26 19.24
C SER G 51 -31.50 16.95 19.96
N ALA G 52 -31.48 15.83 19.25
CA ALA G 52 -31.81 14.54 19.89
C ALA G 52 -30.93 14.20 21.08
N GLY G 53 -29.65 14.55 21.02
CA GLY G 53 -28.76 14.20 22.13
C GLY G 53 -28.68 15.30 23.18
N GLY G 54 -29.39 16.40 22.96
CA GLY G 54 -29.39 17.54 23.87
C GLY G 54 -28.19 18.47 23.70
N GLY G 55 -27.33 18.16 22.74
CA GLY G 55 -26.11 18.91 22.50
C GLY G 55 -26.30 20.35 22.08
N ASN G 56 -27.36 20.62 21.32
CA ASN G 56 -27.60 21.97 20.83
C ASN G 56 -29.03 22.38 20.95
N THR G 57 -29.20 23.68 21.08
CA THR G 57 -30.52 24.28 21.14
C THR G 57 -30.62 25.48 20.25
N TYR G 58 -31.84 25.83 19.92
CA TYR G 58 -32.15 27.02 19.16
C TYR G 58 -33.41 27.68 19.72
N TYR G 59 -33.36 28.99 19.91
CA TYR G 59 -34.49 29.71 20.47
C TYR G 59 -34.98 30.83 19.60
N ALA G 60 -36.28 31.10 19.69
CA ALA G 60 -36.84 32.27 19.06
C ALA G 60 -36.21 33.47 19.72
N ASP G 61 -36.00 34.54 18.98
CA ASP G 61 -35.37 35.73 19.54
C ASP G 61 -36.22 36.31 20.65
N SER G 62 -37.52 36.10 20.52
CA SER G 62 -38.51 36.54 21.47
C SER G 62 -38.47 35.82 22.82
N VAL G 63 -37.81 34.67 22.91
CA VAL G 63 -37.71 33.97 24.20
C VAL G 63 -36.25 33.77 24.54
N LYS G 64 -35.36 34.00 23.59
CA LYS G 64 -33.96 33.80 23.80
C LYS G 64 -33.49 34.68 24.93
N GLY G 65 -32.75 34.09 25.84
CA GLY G 65 -32.21 34.83 26.98
C GLY G 65 -33.08 34.63 28.21
N ARG G 66 -34.27 34.08 28.01
CA ARG G 66 -35.14 33.83 29.13
C ARG G 66 -35.41 32.35 29.25
N PHE G 67 -35.93 31.77 28.20
CA PHE G 67 -36.35 30.39 28.27
C PHE G 67 -35.19 29.44 28.24
N THR G 68 -35.36 28.32 28.95
CA THR G 68 -34.39 27.24 28.88
C THR G 68 -35.06 25.96 28.40
N ILE G 69 -34.46 25.30 27.41
CA ILE G 69 -35.02 24.04 26.92
C ILE G 69 -34.05 22.94 27.27
N SER G 70 -34.57 21.82 27.76
CA SER G 70 -33.73 20.69 28.14
C SER G 70 -34.49 19.39 28.02
N ARG G 71 -33.78 18.28 28.06
CA ARG G 71 -34.44 16.97 27.96
C ARG G 71 -33.66 15.91 28.70
N ASP G 72 -34.35 14.84 29.04
CA ASP G 72 -33.73 13.68 29.64
C ASP G 72 -34.24 12.45 28.96
N ASN G 73 -33.38 11.89 28.12
CA ASN G 73 -33.78 10.79 27.29
C ASN G 73 -34.12 9.54 28.07
N SER G 74 -33.56 9.38 29.27
CA SER G 74 -33.79 8.15 30.03
C SER G 74 -35.20 8.10 30.60
N LYS G 75 -35.89 9.23 30.57
CA LYS G 75 -37.23 9.35 31.10
C LYS G 75 -38.21 9.64 29.98
N SER G 76 -37.73 9.64 28.74
CA SER G 76 -38.51 9.99 27.57
C SER G 76 -39.22 11.33 27.80
N THR G 77 -38.52 12.30 28.38
CA THR G 77 -39.17 13.57 28.68
C THR G 77 -38.47 14.84 28.21
N LEU G 78 -39.28 15.71 27.64
CA LEU G 78 -38.92 17.04 27.19
C LEU G 78 -39.34 18.09 28.21
N TYR G 79 -38.49 19.08 28.50
CA TYR G 79 -38.84 20.14 29.46
C TYR G 79 -38.68 21.55 28.88
N LEU G 80 -39.51 22.48 29.35
CA LEU G 80 -39.35 23.89 29.01
C LEU G 80 -39.51 24.76 30.25
N GLN G 81 -38.49 25.58 30.51
CA GLN G 81 -38.51 26.45 31.68
C GLN G 81 -38.92 27.84 31.26
N MET G 82 -40.17 28.17 31.48
CA MET G 82 -40.67 29.43 30.99
C MET G 82 -40.42 30.52 32.02
N SER G 83 -39.18 30.99 32.07
CA SER G 83 -38.76 31.97 33.05
C SER G 83 -39.17 33.37 32.64
N SER G 84 -39.14 34.30 33.60
CA SER G 84 -39.38 35.72 33.32
C SER G 84 -40.61 35.94 32.44
N LEU G 85 -41.73 35.35 32.86
CA LEU G 85 -42.99 35.42 32.12
C LEU G 85 -43.67 36.75 32.00
N THR G 86 -44.28 36.98 30.83
CA THR G 86 -45.08 38.17 30.62
C THR G 86 -46.45 37.87 30.04
N ALA G 87 -47.28 38.89 29.95
CA ALA G 87 -48.63 38.77 29.41
C ALA G 87 -48.62 38.27 27.97
N GLU G 88 -47.61 38.68 27.21
CA GLU G 88 -47.46 38.32 25.82
C GLU G 88 -47.16 36.84 25.60
N ASP G 89 -46.86 36.09 26.66
CA ASP G 89 -46.55 34.69 26.53
C ASP G 89 -47.81 33.85 26.69
N THR G 90 -48.98 34.48 26.84
CA THR G 90 -50.18 33.66 26.93
C THR G 90 -50.39 32.98 25.59
N ALA G 91 -50.51 31.65 25.62
CA ALA G 91 -50.69 30.86 24.41
C ALA G 91 -50.94 29.40 24.75
N VAL G 92 -51.40 28.64 23.77
CA VAL G 92 -51.42 27.19 23.93
C VAL G 92 -50.08 26.66 23.46
N TYR G 93 -49.44 25.88 24.28
CA TYR G 93 -48.15 25.36 23.91
C TYR G 93 -48.25 23.93 23.50
N TYR G 94 -47.51 23.58 22.45
CA TYR G 94 -47.48 22.22 21.94
C TYR G 94 -46.03 21.72 21.85
N CYS G 95 -45.81 20.41 22.12
CA CYS G 95 -44.52 19.73 21.92
C CYS G 95 -44.64 18.94 20.61
N ALA G 96 -43.52 18.79 19.90
CA ALA G 96 -43.58 18.01 18.67
C ALA G 96 -42.28 17.30 18.29
N LYS G 97 -42.48 16.19 17.58
CA LYS G 97 -41.45 15.31 17.03
C LYS G 97 -41.06 15.76 15.62
N SER G 98 -39.75 16.01 15.42
CA SER G 98 -39.20 16.51 14.14
C SER G 98 -38.79 15.47 13.10
N ASP G 99 -38.78 14.21 13.49
CA ASP G 99 -38.39 13.09 12.60
C ASP G 99 -37.01 13.20 11.96
N SER G 100 -36.10 13.70 12.75
CA SER G 100 -34.70 13.87 12.48
C SER G 100 -34.02 14.11 13.80
N SER G 101 -32.70 13.97 13.85
CA SER G 101 -31.96 14.28 15.07
C SER G 101 -31.21 15.62 15.13
N GLY G 102 -30.94 16.26 13.98
CA GLY G 102 -30.06 17.45 13.92
C GLY G 102 -30.59 18.85 13.54
N PHE G 103 -31.88 19.09 13.57
CA PHE G 103 -32.52 20.37 13.21
C PHE G 103 -32.58 20.71 11.72
N GLN G 104 -31.46 20.55 11.01
CA GLN G 104 -31.39 20.94 9.60
C GLN G 104 -32.20 20.08 8.65
N TYR G 105 -32.18 18.77 8.81
CA TYR G 105 -33.01 17.93 7.94
C TYR G 105 -34.23 17.59 8.79
N GLY G 106 -35.44 17.46 8.23
CA GLY G 106 -36.59 17.07 9.08
C GLY G 106 -37.99 17.48 8.61
N ARG G 107 -38.99 17.11 9.43
CA ARG G 107 -40.44 17.34 9.24
C ARG G 107 -41.17 17.27 10.60
N ARG G 108 -41.88 18.34 11.00
CA ARG G 108 -42.58 18.29 12.31
C ARG G 108 -43.89 17.58 12.19
N GLU G 109 -43.79 16.28 12.02
CA GLU G 109 -44.90 15.38 11.78
C GLU G 109 -45.90 15.26 12.91
N PHE G 110 -45.42 15.17 14.14
CA PHE G 110 -46.38 14.87 15.19
C PHE G 110 -46.35 15.78 16.38
N TRP G 111 -47.50 16.39 16.64
CA TRP G 111 -47.65 17.33 17.73
C TRP G 111 -48.55 16.73 18.79
N GLY G 112 -48.34 17.10 20.03
CA GLY G 112 -49.24 16.67 21.11
C GLY G 112 -50.45 17.57 21.02
N GLN G 113 -51.41 17.48 21.95
CA GLN G 113 -52.59 18.33 21.79
C GLN G 113 -52.49 19.64 22.53
N GLY G 114 -51.43 19.79 23.27
CA GLY G 114 -51.12 21.04 23.93
C GLY G 114 -51.69 21.27 25.29
N THR G 115 -51.22 22.37 25.88
CA THR G 115 -51.61 22.85 27.19
C THR G 115 -51.75 24.36 27.18
N LEU G 116 -52.56 24.91 28.06
CA LEU G 116 -52.71 26.36 28.07
C LEU G 116 -51.97 27.06 29.19
N VAL G 117 -51.16 28.06 28.81
CA VAL G 117 -50.42 28.86 29.75
C VAL G 117 -50.96 30.28 29.69
N THR G 118 -51.41 30.79 30.83
CA THR G 118 -51.96 32.13 30.87
C THR G 118 -51.22 32.98 31.85
N VAL G 119 -50.82 34.17 31.44
CA VAL G 119 -50.11 35.04 32.33
C VAL G 119 -50.95 36.32 32.52
N SER G 120 -51.35 36.61 33.79
CA SER G 120 -52.23 37.73 34.20
C SER G 120 -52.22 37.87 35.74
N GLY H 12 39.36 36.21 22.65
CA GLY H 12 38.67 36.53 21.40
C GLY H 12 39.59 36.46 20.20
N GLY H 13 39.02 36.37 19.02
CA GLY H 13 39.79 36.29 17.83
C GLY H 13 40.22 37.63 17.28
N TRP H 14 41.00 37.54 16.24
CA TRP H 14 41.55 38.68 15.60
C TRP H 14 40.81 38.97 14.33
N THR H 15 40.14 40.10 14.27
CA THR H 15 39.36 40.47 13.10
C THR H 15 40.29 40.96 12.02
N GLY H 16 41.53 41.20 12.41
CA GLY H 16 42.55 41.62 11.48
C GLY H 16 43.30 40.43 10.87
N MET H 17 42.99 39.19 11.29
CA MET H 17 43.73 38.04 10.73
C MET H 17 42.81 37.27 9.84
N VAL H 18 42.97 37.48 8.54
CA VAL H 18 42.07 36.90 7.57
C VAL H 18 42.74 35.95 6.59
N ASP H 19 43.96 35.51 6.88
CA ASP H 19 44.71 34.62 6.00
C ASP H 19 44.65 33.14 6.42
N GLY H 20 43.74 32.82 7.34
CA GLY H 20 43.55 31.46 7.81
C GLY H 20 42.79 31.48 9.12
N TRP H 21 42.31 30.31 9.53
CA TRP H 21 41.56 30.19 10.77
C TRP H 21 42.41 30.33 12.03
N TYR H 22 43.64 29.86 12.00
CA TYR H 22 44.46 29.90 13.20
C TYR H 22 45.76 30.56 12.92
N GLY H 23 46.36 31.19 13.92
CA GLY H 23 47.64 31.83 13.70
C GLY H 23 48.19 32.54 14.88
N TYR H 24 49.29 33.23 14.64
CA TYR H 24 50.02 33.90 15.70
C TYR H 24 50.15 35.38 15.51
N HIS H 25 50.29 36.06 16.62
CA HIS H 25 50.55 37.48 16.66
C HIS H 25 51.72 37.70 17.59
N HIS H 26 52.59 38.62 17.23
CA HIS H 26 53.71 38.89 18.08
C HIS H 26 54.08 40.34 18.16
N GLN H 27 54.82 40.65 19.23
CA GLN H 27 55.42 41.96 19.43
C GLN H 27 56.82 41.77 20.00
N ASN H 28 57.81 42.37 19.38
CA ASN H 28 59.17 42.29 19.89
C ASN H 28 59.92 43.57 19.56
N GLU H 29 61.17 43.62 20.01
CA GLU H 29 62.03 44.77 19.75
C GLU H 29 62.11 45.20 18.27
N GLN H 30 62.08 44.25 17.34
CA GLN H 30 62.23 44.54 15.92
C GLN H 30 60.93 44.80 15.17
N GLY H 31 59.78 44.70 15.83
CA GLY H 31 58.51 44.90 15.12
C GLY H 31 57.38 44.02 15.62
N SER H 32 56.27 44.06 14.89
CA SER H 32 55.09 43.30 15.28
C SER H 32 54.18 43.00 14.11
N GLY H 33 53.27 42.08 14.35
CA GLY H 33 52.31 41.69 13.33
C GLY H 33 51.79 40.29 13.58
N TYR H 34 51.12 39.73 12.58
CA TYR H 34 50.54 38.41 12.73
C TYR H 34 50.63 37.65 11.42
N ALA H 35 50.47 36.35 11.52
CA ALA H 35 50.36 35.49 10.36
C ALA H 35 49.60 34.21 10.69
N ALA H 36 48.88 33.68 9.71
CA ALA H 36 48.20 32.40 9.91
C ALA H 36 49.19 31.26 10.01
N ASP H 37 48.84 30.29 10.82
CA ASP H 37 49.57 29.05 10.92
C ASP H 37 48.92 28.15 9.93
N LEU H 38 49.56 28.00 8.79
CA LEU H 38 48.89 27.31 7.72
C LEU H 38 49.02 25.81 7.77
N LYS H 39 49.79 25.29 8.72
CA LYS H 39 49.87 23.85 8.79
C LYS H 39 48.58 23.47 9.48
N SER H 40 48.28 24.20 10.55
CA SER H 40 47.10 23.94 11.32
C SER H 40 45.86 24.30 10.55
N THR H 41 45.87 25.45 9.90
CA THR H 41 44.70 25.86 9.17
C THR H 41 44.43 24.89 8.05
N GLN H 42 45.44 24.44 7.29
CA GLN H 42 45.09 23.54 6.22
C GLN H 42 44.59 22.23 6.75
N ASN H 43 45.14 21.73 7.86
CA ASN H 43 44.64 20.47 8.35
C ASN H 43 43.20 20.62 8.80
N ALA H 44 42.89 21.77 9.42
CA ALA H 44 41.54 22.04 9.88
C ALA H 44 40.61 22.09 8.72
N ILE H 45 41.06 22.69 7.61
CA ILE H 45 40.24 22.78 6.42
C ILE H 45 39.98 21.44 5.84
N ASP H 46 40.99 20.59 5.73
CA ASP H 46 40.74 19.30 5.14
C ASP H 46 39.75 18.52 5.99
N GLY H 47 39.86 18.66 7.32
CA GLY H 47 38.95 17.99 8.24
C GLY H 47 37.52 18.46 8.00
N ILE H 48 37.32 19.77 7.99
CA ILE H 48 36.01 20.32 7.79
C ILE H 48 35.45 19.99 6.41
N THR H 49 36.29 20.08 5.39
CA THR H 49 35.84 19.80 4.05
C THR H 49 35.39 18.36 3.93
N ASN H 50 36.15 17.43 4.50
CA ASN H 50 35.74 16.04 4.40
C ASN H 50 34.45 15.80 5.14
N LYS H 51 34.27 16.46 6.28
CA LYS H 51 33.08 16.31 7.07
C LYS H 51 31.84 16.79 6.34
N VAL H 52 31.92 17.98 5.75
CA VAL H 52 30.77 18.53 5.07
C VAL H 52 30.46 17.71 3.86
N ASN H 53 31.49 17.33 3.12
CA ASN H 53 31.23 16.54 1.95
C ASN H 53 30.66 15.20 2.32
N SER H 54 31.10 14.55 3.39
CA SER H 54 30.51 13.26 3.69
C SER H 54 29.03 13.39 4.02
N VAL H 55 28.65 14.45 4.70
CA VAL H 55 27.25 14.65 5.02
C VAL H 55 26.40 14.73 3.77
N ILE H 56 26.88 15.43 2.75
CA ILE H 56 26.14 15.62 1.51
C ILE H 56 26.30 14.47 0.50
N GLU H 57 27.53 14.09 0.24
CA GLU H 57 27.94 13.10 -0.75
C GLU H 57 27.51 11.67 -0.47
N LYS H 58 27.29 11.30 0.79
CA LYS H 58 26.84 9.96 1.09
C LYS H 58 25.34 9.77 0.88
N MET H 59 24.56 10.85 0.84
CA MET H 59 23.12 10.66 0.73
C MET H 59 22.69 10.55 -0.71
N ASN H 60 22.94 9.38 -1.28
CA ASN H 60 22.72 9.14 -2.69
C ASN H 60 21.38 8.55 -3.04
N THR H 61 20.54 9.36 -3.65
CA THR H 61 19.18 9.01 -4.01
C THR H 61 19.09 8.54 -5.45
N GLN H 62 17.95 7.95 -5.80
CA GLN H 62 17.68 7.48 -7.15
C GLN H 62 16.53 8.27 -7.73
N PHE H 63 16.17 7.98 -8.97
CA PHE H 63 15.04 8.67 -9.56
C PHE H 63 13.75 8.12 -9.02
N THR H 64 12.92 8.97 -8.44
CA THR H 64 11.66 8.51 -7.91
C THR H 64 10.51 9.40 -8.33
N ALA H 65 9.29 8.93 -8.09
CA ALA H 65 8.12 9.75 -8.29
C ALA H 65 7.27 9.54 -7.06
N VAL H 66 7.10 10.61 -6.31
CA VAL H 66 6.44 10.55 -5.02
C VAL H 66 4.93 10.49 -5.08
N GLY H 67 4.33 11.31 -5.91
CA GLY H 67 2.89 11.40 -5.92
C GLY H 67 2.26 10.13 -6.43
N LYS H 68 1.10 9.81 -5.86
CA LYS H 68 0.30 8.65 -6.23
C LYS H 68 -1.14 9.10 -6.28
N GLU H 69 -1.92 8.50 -7.15
CA GLU H 69 -3.32 8.89 -7.23
C GLU H 69 -4.28 7.75 -6.96
N PHE H 70 -5.27 8.05 -6.11
CA PHE H 70 -6.29 7.09 -5.70
C PHE H 70 -7.68 7.67 -5.87
N ASN H 71 -8.68 6.80 -6.08
CA ASN H 71 -10.07 7.27 -6.22
C ASN H 71 -10.79 7.30 -4.87
N HIS H 72 -12.06 7.64 -4.88
CA HIS H 72 -12.82 7.82 -3.65
C HIS H 72 -13.15 6.54 -2.89
N LEU H 73 -12.95 5.39 -3.51
CA LEU H 73 -13.19 4.11 -2.88
C LEU H 73 -11.89 3.45 -2.50
N GLU H 74 -10.81 4.21 -2.54
CA GLU H 74 -9.50 3.74 -2.19
C GLU H 74 -8.92 4.57 -1.06
N LYS H 75 -9.79 5.10 -0.18
CA LYS H 75 -9.35 5.99 0.89
C LYS H 75 -8.32 5.30 1.77
N ARG H 76 -8.49 4.00 2.01
CA ARG H 76 -7.57 3.30 2.87
C ARG H 76 -6.17 3.20 2.27
N ILE H 77 -6.06 3.28 0.95
CA ILE H 77 -4.78 3.12 0.31
C ILE H 77 -4.13 4.46 0.29
N GLU H 78 -4.91 5.49 0.02
CA GLU H 78 -4.37 6.81 0.04
C GLU H 78 -3.83 7.09 1.42
N ASN H 79 -4.55 6.64 2.44
CA ASN H 79 -4.13 6.87 3.80
C ASN H 79 -2.88 6.08 4.10
N LEU H 80 -2.74 4.89 3.52
CA LEU H 80 -1.50 4.14 3.71
C LEU H 80 -0.37 4.91 3.06
N ASN H 81 -0.59 5.42 1.86
CA ASN H 81 0.45 6.18 1.22
C ASN H 81 0.87 7.36 2.07
N LYS H 82 -0.11 8.04 2.69
CA LYS H 82 0.21 9.16 3.54
C LYS H 82 1.04 8.66 4.71
N LYS H 83 0.65 7.55 5.31
CA LYS H 83 1.37 6.98 6.44
C LYS H 83 2.83 6.76 6.10
N VAL H 84 3.08 6.30 4.88
CA VAL H 84 4.43 6.07 4.42
C VAL H 84 5.18 7.40 4.31
N ASP H 85 4.56 8.40 3.70
CA ASP H 85 5.21 9.70 3.56
C ASP H 85 5.50 10.36 4.89
N ASP H 86 4.59 10.20 5.83
CA ASP H 86 4.72 10.83 7.11
C ASP H 86 5.80 10.19 7.93
N GLY H 87 5.89 8.87 7.89
CA GLY H 87 6.93 8.23 8.65
C GLY H 87 8.29 8.64 8.13
N PHE H 88 8.45 8.66 6.80
CA PHE H 88 9.74 9.02 6.24
C PHE H 88 10.06 10.46 6.55
N LEU H 89 9.06 11.32 6.51
CA LEU H 89 9.27 12.72 6.80
C LEU H 89 9.70 12.95 8.23
N ASP H 90 9.07 12.27 9.19
CA ASP H 90 9.44 12.47 10.58
C ASP H 90 10.84 11.96 10.84
N ILE H 91 11.19 10.84 10.21
CA ILE H 91 12.51 10.29 10.41
C ILE H 91 13.58 11.19 9.88
N TRP H 92 13.41 11.69 8.65
CA TRP H 92 14.43 12.53 8.10
C TRP H 92 14.50 13.87 8.78
N THR H 93 13.37 14.46 9.15
CA THR H 93 13.43 15.76 9.78
C THR H 93 14.15 15.66 11.09
N TYR H 94 13.81 14.66 11.89
CA TYR H 94 14.40 14.51 13.20
C TYR H 94 15.86 14.16 13.12
N ASN H 95 16.21 13.21 12.26
CA ASN H 95 17.59 12.83 12.20
C ASN H 95 18.43 13.99 11.69
N ALA H 96 17.90 14.76 10.75
CA ALA H 96 18.63 15.88 10.22
C ALA H 96 18.86 16.92 11.29
N GLU H 97 17.87 17.16 12.16
CA GLU H 97 18.09 18.16 13.19
C GLU H 97 19.14 17.68 14.16
N LEU H 98 19.13 16.39 14.49
CA LEU H 98 20.12 15.89 15.42
C LEU H 98 21.49 15.89 14.81
N LEU H 99 21.57 15.61 13.52
CA LEU H 99 22.85 15.56 12.86
C LEU H 99 23.45 16.94 12.85
N VAL H 100 22.65 17.95 12.57
CA VAL H 100 23.16 19.29 12.55
C VAL H 100 23.58 19.75 13.92
N LEU H 101 22.77 19.49 14.95
CA LEU H 101 23.11 19.95 16.28
C LEU H 101 24.34 19.24 16.82
N LEU H 102 24.45 17.94 16.54
CA LEU H 102 25.55 17.16 17.02
C LEU H 102 26.81 17.57 16.31
N GLU H 103 26.75 17.70 14.99
CA GLU H 103 27.93 18.06 14.27
C GLU H 103 28.34 19.46 14.60
N ASN H 104 27.41 20.40 14.79
CA ASN H 104 27.88 21.72 15.09
C ASN H 104 28.66 21.73 16.38
N GLU H 105 28.25 20.93 17.37
CA GLU H 105 29.03 20.93 18.60
C GLU H 105 30.39 20.29 18.35
N ARG H 106 30.42 19.20 17.57
CA ARG H 106 31.69 18.52 17.32
C ARG H 106 32.65 19.39 16.52
N THR H 107 32.11 20.18 15.60
CA THR H 107 32.86 21.07 14.74
C THR H 107 33.54 22.10 15.57
N LEU H 108 32.80 22.68 16.49
CA LEU H 108 33.34 23.71 17.31
C LEU H 108 34.38 23.15 18.25
N ASP H 109 34.20 21.90 18.73
CA ASP H 109 35.22 21.29 19.57
C ASP H 109 36.47 20.97 18.78
N TYR H 110 36.31 20.53 17.54
CA TYR H 110 37.43 20.25 16.66
C TYR H 110 38.28 21.48 16.47
N HIS H 111 37.64 22.62 16.23
CA HIS H 111 38.37 23.85 16.05
C HIS H 111 39.11 24.26 17.32
N ASP H 112 38.44 24.06 18.45
CA ASP H 112 39.01 24.38 19.74
C ASP H 112 40.23 23.46 20.00
N SER H 113 40.15 22.22 19.53
CA SER H 113 41.24 21.26 19.67
C SER H 113 42.45 21.69 18.89
N ASN H 114 42.25 22.08 17.64
CA ASN H 114 43.38 22.44 16.82
C ASN H 114 44.15 23.62 17.37
N VAL H 115 43.45 24.62 17.91
CA VAL H 115 44.19 25.75 18.42
C VAL H 115 44.83 25.40 19.77
N LYS H 116 44.18 24.54 20.55
CA LYS H 116 44.77 24.09 21.81
C LYS H 116 46.09 23.37 21.52
N ASN H 117 46.11 22.57 20.44
CA ASN H 117 47.30 21.83 20.09
C ASN H 117 48.45 22.76 19.76
N LEU H 118 48.15 23.87 19.10
CA LEU H 118 49.22 24.78 18.78
C LEU H 118 49.81 25.41 20.02
N TYR H 119 48.97 25.73 20.99
CA TYR H 119 49.49 26.32 22.22
C TYR H 119 50.46 25.36 22.87
N GLU H 120 50.06 24.08 22.96
CA GLU H 120 50.93 23.11 23.60
C GLU H 120 52.23 22.91 22.85
N LYS H 121 52.21 22.94 21.51
CA LYS H 121 53.45 22.77 20.77
C LYS H 121 54.43 23.90 21.09
N VAL H 122 53.91 25.13 21.21
CA VAL H 122 54.77 26.24 21.55
C VAL H 122 55.31 26.10 22.95
N ARG H 123 54.44 25.74 23.89
CA ARG H 123 54.87 25.60 25.26
C ARG H 123 55.96 24.56 25.40
N SER H 124 55.84 23.48 24.64
CA SER H 124 56.81 22.38 24.66
C SER H 124 58.18 22.87 24.24
N GLN H 125 58.24 23.68 23.19
CA GLN H 125 59.51 24.23 22.74
C GLN H 125 60.11 25.26 23.70
N LEU H 126 59.27 26.10 24.28
CA LEU H 126 59.78 27.17 25.12
C LEU H 126 60.17 26.75 26.51
N LYS H 127 59.52 25.74 27.05
CA LYS H 127 59.86 25.23 28.36
C LYS H 127 59.95 26.35 29.40
N ASN H 128 61.14 26.53 29.98
CA ASN H 128 61.35 27.49 31.05
C ASN H 128 61.88 28.84 30.56
N ASN H 129 61.87 29.07 29.26
CA ASN H 129 62.34 30.33 28.72
C ASN H 129 61.25 31.38 28.47
N ALA H 130 59.99 31.07 28.82
CA ALA H 130 58.92 32.02 28.67
C ALA H 130 57.83 31.79 29.72
N LYS H 131 57.14 32.86 30.10
CA LYS H 131 56.04 32.81 31.05
C LYS H 131 54.71 32.59 30.36
N GLU H 132 53.87 31.76 30.94
CA GLU H 132 52.53 31.60 30.38
C GLU H 132 51.68 32.67 31.02
N ILE H 133 51.27 33.66 30.24
CA ILE H 133 50.54 34.79 30.80
C ILE H 133 49.04 34.76 30.51
N GLY H 134 48.64 34.28 29.34
CA GLY H 134 47.21 34.28 28.99
C GLY H 134 46.95 34.89 27.62
N ASN H 135 45.71 34.77 27.13
CA ASN H 135 45.37 35.26 25.78
C ASN H 135 46.26 34.59 24.74
N GLY H 136 46.60 33.35 25.01
CA GLY H 136 47.46 32.53 24.15
C GLY H 136 48.95 32.94 24.15
N CYS H 137 49.35 33.88 25.03
CA CYS H 137 50.65 34.50 25.09
C CYS H 137 51.65 33.87 26.03
N PHE H 138 52.85 33.80 25.47
CA PHE H 138 54.09 33.38 26.08
C PHE H 138 55.03 34.58 26.11
N GLU H 139 55.37 35.02 27.30
CA GLU H 139 56.22 36.18 27.48
C GLU H 139 57.65 35.69 27.58
N PHE H 140 58.49 36.10 26.67
CA PHE H 140 59.84 35.55 26.68
C PHE H 140 60.62 36.16 27.82
N TYR H 141 61.52 35.39 28.42
CA TYR H 141 62.33 35.94 29.50
C TYR H 141 63.66 36.41 28.98
N HIS H 142 63.81 36.38 27.68
CA HIS H 142 65.02 36.73 26.98
C HIS H 142 64.66 37.46 25.72
N LYS H 143 65.59 38.19 25.15
CA LYS H 143 65.28 38.81 23.88
C LYS H 143 64.96 37.71 22.87
N CYS H 144 63.83 37.84 22.14
CA CYS H 144 63.38 36.91 21.12
C CYS H 144 62.88 37.75 19.94
N ASP H 145 63.79 37.91 19.02
CA ASP H 145 63.68 38.74 17.86
C ASP H 145 62.91 38.03 16.76
N ASN H 146 62.84 38.63 15.57
CA ASN H 146 62.01 37.99 14.56
C ASN H 146 62.49 36.61 14.18
N THR H 147 63.81 36.39 14.12
CA THR H 147 64.34 35.07 13.78
C THR H 147 63.91 34.01 14.81
N CYS H 148 64.02 34.34 16.13
CA CYS H 148 63.62 33.52 17.27
C CYS H 148 62.14 33.16 17.18
N MET H 149 61.27 34.15 16.97
CA MET H 149 59.86 33.85 16.91
C MET H 149 59.49 33.00 15.71
N GLU H 150 60.15 33.20 14.57
CA GLU H 150 59.83 32.36 13.43
C GLU H 150 60.27 30.94 13.72
N SER H 151 61.40 30.79 14.42
CA SER H 151 61.94 29.50 14.79
C SER H 151 60.94 28.78 15.71
N VAL H 152 60.33 29.52 16.65
CA VAL H 152 59.36 28.90 17.53
C VAL H 152 58.13 28.46 16.73
N LYS H 153 57.63 29.32 15.87
CA LYS H 153 56.44 28.98 15.09
C LYS H 153 56.66 27.77 14.19
N ASN H 154 57.87 27.62 13.70
CA ASN H 154 58.19 26.53 12.79
C ASN H 154 58.62 25.24 13.49
N GLY H 155 58.64 25.21 14.83
CA GLY H 155 59.02 24.01 15.56
C GLY H 155 60.53 23.79 15.70
N THR H 156 61.35 24.82 15.53
CA THR H 156 62.79 24.68 15.60
C THR H 156 63.46 25.52 16.69
N TYR H 157 62.72 25.99 17.70
CA TYR H 157 63.38 26.84 18.69
C TYR H 157 64.53 26.12 19.37
N ASP H 158 65.70 26.74 19.30
CA ASP H 158 66.87 26.13 19.89
C ASP H 158 67.00 26.51 21.35
N TYR H 159 66.13 25.93 22.16
CA TYR H 159 66.01 26.26 23.57
C TYR H 159 67.32 26.53 24.32
N PRO H 160 68.36 25.69 24.27
CA PRO H 160 69.57 25.88 25.04
C PRO H 160 70.27 27.22 24.81
N LYS H 161 70.10 27.86 23.66
CA LYS H 161 70.83 29.10 23.42
C LYS H 161 70.17 30.30 24.02
N TYR H 162 68.99 30.09 24.55
CA TYR H 162 68.25 31.16 25.13
C TYR H 162 68.09 30.94 26.63
N SER H 163 68.57 29.80 27.15
CA SER H 163 68.28 29.52 28.55
C SER H 163 69.14 30.31 29.48
N GLU H 164 70.33 30.71 29.01
CA GLU H 164 71.19 31.48 29.87
C GLU H 164 70.60 32.86 30.06
N GLU H 165 70.14 33.45 28.96
CA GLU H 165 69.60 34.78 29.08
C GLU H 165 68.31 34.76 29.89
N ALA H 166 67.48 33.74 29.67
CA ALA H 166 66.23 33.68 30.40
C ALA H 166 66.47 33.59 31.90
N LYS H 167 67.48 32.82 32.35
CA LYS H 167 67.67 32.78 33.79
C LYS H 167 68.34 34.05 34.31
N LEU H 168 69.22 34.67 33.51
CA LEU H 168 69.91 35.87 34.01
C LEU H 168 68.94 37.00 34.24
N ASN H 169 67.88 37.07 33.45
CA ASN H 169 66.88 38.11 33.59
C ASN H 169 65.91 37.86 34.75
N ARG H 170 66.03 36.70 35.39
CA ARG H 170 65.22 36.31 36.54
C ARG H 170 65.97 36.21 37.89
N GLU H 171 67.30 35.93 37.87
CA GLU H 171 68.20 35.78 39.03
C GLU H 171 68.49 37.11 39.78
N THR I 6 65.83 5.63 30.63
CA THR I 6 64.62 6.22 30.05
C THR I 6 63.42 5.26 30.02
N LEU I 7 62.24 5.77 30.39
CA LEU I 7 60.97 5.01 30.28
C LEU I 7 60.06 5.72 29.27
N CYS I 8 59.50 4.99 28.27
CA CYS I 8 58.69 5.55 27.19
C CYS I 8 57.32 4.87 27.08
N ILE I 9 56.28 5.68 26.90
CA ILE I 9 54.94 5.15 26.65
C ILE I 9 54.67 5.17 25.15
N GLY I 10 54.29 4.03 24.61
CA GLY I 10 53.98 3.90 23.20
C GLY I 10 52.73 3.05 22.99
N TYR I 11 52.61 2.56 21.77
CA TYR I 11 51.45 1.78 21.38
C TYR I 11 51.82 0.79 20.30
N HIS I 12 50.95 -0.18 20.12
CA HIS I 12 51.00 -1.26 19.14
C HIS I 12 50.99 -0.85 17.69
N ALA I 13 51.80 -1.52 16.89
CA ALA I 13 51.72 -1.32 15.45
C ALA I 13 51.87 -2.70 14.83
N ASN I 14 51.36 -2.88 13.63
CA ASN I 14 51.46 -4.18 13.01
C ASN I 14 51.56 -4.07 11.50
N ASN I 15 51.29 -5.17 10.82
CA ASN I 15 51.39 -5.22 9.37
C ASN I 15 50.04 -5.06 8.68
N SER I 16 49.01 -4.62 9.40
CA SER I 16 47.70 -4.44 8.81
C SER I 16 47.71 -3.40 7.71
N THR I 17 46.98 -3.71 6.65
CA THR I 17 46.79 -2.83 5.51
C THR I 17 45.33 -2.43 5.40
N ASP I 18 44.57 -2.75 6.44
CA ASP I 18 43.14 -2.44 6.47
C ASP I 18 42.88 -0.98 6.70
N THR I 19 42.10 -0.34 5.82
CA THR I 19 41.79 1.04 6.07
C THR I 19 40.31 1.30 6.27
N VAL I 20 40.04 2.36 7.02
CA VAL I 20 38.70 2.82 7.29
C VAL I 20 38.57 4.30 7.00
N ASP I 21 37.35 4.77 6.85
CA ASP I 21 37.14 6.19 6.65
C ASP I 21 36.51 6.77 7.88
N THR I 22 36.70 8.06 8.13
CA THR I 22 36.09 8.69 9.26
C THR I 22 35.45 9.99 8.79
N VAL I 23 34.74 10.67 9.65
CA VAL I 23 34.18 11.96 9.24
C VAL I 23 35.24 13.05 8.89
N LEU I 24 36.42 13.05 9.51
CA LEU I 24 37.42 14.07 9.18
C LEU I 24 38.51 13.64 8.20
N GLU I 25 38.78 12.35 8.08
CA GLU I 25 39.86 11.86 7.22
C GLU I 25 39.50 10.59 6.48
N LYS I 26 40.20 10.31 5.39
CA LYS I 26 39.90 9.11 4.59
C LYS I 26 41.11 8.17 4.50
N ASN I 27 40.98 6.93 4.06
CA ASN I 27 41.99 5.87 4.17
C ASN I 27 42.92 5.73 5.32
N VAL I 28 42.38 5.75 6.47
CA VAL I 28 43.15 5.52 7.69
C VAL I 28 43.48 4.08 7.96
N THR I 29 44.75 3.74 8.04
CA THR I 29 45.08 2.35 8.27
C THR I 29 44.96 2.08 9.75
N VAL I 30 44.30 0.99 10.13
CA VAL I 30 44.15 0.62 11.54
C VAL I 30 44.66 -0.79 11.79
N THR I 31 44.99 -1.07 13.05
CA THR I 31 45.57 -2.38 13.39
C THR I 31 44.55 -3.52 13.50
N HIS I 32 43.31 -3.18 13.84
CA HIS I 32 42.23 -4.16 14.00
C HIS I 32 40.94 -3.58 13.43
N SER I 33 40.17 -4.42 12.71
CA SER I 33 38.96 -3.94 12.05
C SER I 33 37.93 -5.03 11.78
N VAL I 34 36.63 -4.68 11.87
CA VAL I 34 35.54 -5.64 11.59
C VAL I 34 34.52 -5.09 10.60
N ASN I 35 33.73 -5.97 10.00
CA ASN I 35 32.67 -5.46 9.13
C ASN I 35 31.37 -5.40 9.86
N LEU I 36 30.51 -4.50 9.43
CA LEU I 36 29.12 -4.47 9.86
C LEU I 36 28.24 -4.95 8.71
N LEU I 37 28.88 -5.19 7.58
CA LEU I 37 28.23 -5.54 6.34
C LEU I 37 28.58 -6.92 5.81
N GLU I 38 27.55 -7.70 5.52
CA GLU I 38 27.67 -9.02 4.94
C GLU I 38 27.63 -8.96 3.43
N ASP I 39 28.63 -9.51 2.77
CA ASP I 39 28.66 -9.54 1.32
C ASP I 39 28.81 -10.95 0.77
N LYS I 40 28.56 -11.95 1.61
CA LYS I 40 28.68 -13.34 1.23
C LYS I 40 27.41 -14.10 1.50
N HIS I 41 27.20 -15.13 0.71
CA HIS I 41 26.08 -16.03 0.85
C HIS I 41 26.62 -17.37 0.43
N ASN I 42 25.92 -18.45 0.76
CA ASN I 42 26.49 -19.74 0.42
C ASN I 42 26.13 -20.33 -0.93
N GLY I 43 25.38 -19.62 -1.78
CA GLY I 43 25.03 -20.16 -3.07
C GLY I 43 23.96 -21.25 -3.04
N LYS I 44 23.27 -21.43 -1.92
CA LYS I 44 22.31 -22.51 -1.80
C LYS I 44 20.95 -22.07 -1.32
N LEU I 45 19.90 -22.77 -1.75
CA LEU I 45 18.61 -22.52 -1.14
C LEU I 45 18.50 -23.57 -0.01
N CYS I 46 18.33 -23.09 1.24
CA CYS I 46 18.36 -23.88 2.48
C CYS I 46 16.99 -24.01 3.14
N LYS I 47 16.87 -24.95 4.08
CA LYS I 47 15.67 -25.07 4.87
C LYS I 47 15.59 -23.79 5.65
N LEU I 48 14.42 -23.21 5.76
CA LEU I 48 14.29 -21.98 6.52
C LEU I 48 13.66 -22.28 7.86
N ARG I 49 14.38 -21.97 8.93
CA ARG I 49 13.94 -22.25 10.28
C ARG I 49 13.61 -23.73 10.48
N GLY I 50 14.41 -24.60 9.88
CA GLY I 50 14.24 -26.04 10.02
C GLY I 50 13.30 -26.70 9.02
N VAL I 51 12.62 -25.94 8.18
CA VAL I 51 11.70 -26.55 7.24
C VAL I 51 12.08 -26.31 5.78
N ALA I 52 12.09 -27.39 5.02
CA ALA I 52 12.44 -27.36 3.63
C ALA I 52 11.47 -26.54 2.81
N PRO I 53 11.91 -25.92 1.72
CA PRO I 53 11.10 -25.22 0.76
C PRO I 53 10.36 -26.18 -0.11
N LEU I 54 9.32 -25.68 -0.75
CA LEU I 54 8.65 -26.42 -1.78
C LEU I 54 9.15 -25.99 -3.13
N HIS I 55 9.94 -26.84 -3.77
CA HIS I 55 10.46 -26.49 -5.07
C HIS I 55 9.49 -27.03 -6.10
N LEU I 56 9.12 -26.23 -7.08
CA LEU I 56 8.18 -26.69 -8.09
C LEU I 56 8.80 -27.08 -9.43
N GLY I 57 10.11 -27.17 -9.51
CA GLY I 57 10.72 -27.53 -10.77
C GLY I 57 10.39 -26.50 -11.84
N LYS I 58 9.93 -27.00 -12.98
CA LYS I 58 9.55 -26.18 -14.14
C LYS I 58 8.10 -25.62 -14.11
N CYS I 59 7.34 -25.92 -13.05
CA CYS I 59 5.95 -25.52 -12.85
C CYS I 59 5.86 -24.28 -11.97
N ASN I 60 4.82 -23.52 -12.20
CA ASN I 60 4.52 -22.43 -11.32
C ASN I 60 3.40 -22.88 -10.40
N ILE I 61 2.96 -22.01 -9.50
CA ILE I 61 1.89 -22.40 -8.59
C ILE I 61 0.59 -22.74 -9.30
N ALA I 62 0.14 -21.97 -10.30
CA ALA I 62 -1.12 -22.37 -10.92
C ALA I 62 -1.03 -23.77 -11.50
N GLY I 63 0.09 -24.11 -12.09
CA GLY I 63 0.27 -25.43 -12.69
C GLY I 63 0.16 -26.51 -11.63
N TRP I 64 0.89 -26.30 -10.55
CA TRP I 64 0.94 -27.22 -9.45
C TRP I 64 -0.39 -27.45 -8.75
N ILE I 65 -1.11 -26.38 -8.46
CA ILE I 65 -2.35 -26.50 -7.72
C ILE I 65 -3.50 -27.03 -8.62
N LEU I 66 -3.52 -26.67 -9.90
CA LEU I 66 -4.55 -27.18 -10.81
C LEU I 66 -4.26 -28.59 -11.26
N GLY I 67 -2.99 -28.97 -11.34
CA GLY I 67 -2.68 -30.29 -11.84
C GLY I 67 -2.31 -30.32 -13.32
N ASN I 68 -1.55 -29.34 -13.77
CA ASN I 68 -1.08 -29.37 -15.14
C ASN I 68 -0.41 -30.74 -15.31
N PRO I 69 -0.69 -31.49 -16.38
CA PRO I 69 -0.12 -32.81 -16.61
C PRO I 69 1.41 -32.85 -16.44
N GLU I 70 2.11 -31.77 -16.73
CA GLU I 70 3.56 -31.80 -16.59
C GLU I 70 4.12 -31.61 -15.17
N CYS I 71 3.24 -31.40 -14.18
CA CYS I 71 3.55 -31.16 -12.79
C CYS I 71 3.23 -32.44 -12.03
N GLU I 72 2.82 -33.50 -12.77
CA GLU I 72 2.44 -34.75 -12.14
C GLU I 72 3.63 -35.40 -11.44
N SER I 73 4.82 -35.21 -11.98
CA SER I 73 6.03 -35.76 -11.42
C SER I 73 6.47 -35.10 -10.12
N LEU I 74 5.88 -33.96 -9.74
CA LEU I 74 6.29 -33.30 -8.51
C LEU I 74 5.77 -34.08 -7.31
N SER I 75 6.56 -34.11 -6.24
CA SER I 75 6.13 -34.75 -5.02
C SER I 75 5.20 -33.83 -4.25
N THR I 76 4.49 -34.38 -3.28
CA THR I 76 3.64 -33.54 -2.44
C THR I 76 4.31 -33.31 -1.12
N ALA I 77 4.50 -32.04 -0.78
CA ALA I 77 5.11 -31.68 0.48
C ALA I 77 4.02 -31.60 1.52
N SER I 78 4.31 -32.05 2.73
CA SER I 78 3.35 -31.95 3.81
C SER I 78 3.38 -30.59 4.44
N SER I 79 4.52 -29.93 4.36
CA SER I 79 4.69 -28.60 4.89
C SER I 79 5.83 -27.96 4.15
N TRP I 80 5.89 -26.64 4.18
CA TRP I 80 7.02 -25.96 3.60
C TRP I 80 7.20 -24.58 4.16
N SER I 81 8.44 -24.12 4.11
CA SER I 81 8.76 -22.79 4.60
C SER I 81 8.66 -21.65 3.62
N TYR I 82 8.80 -21.95 2.35
CA TYR I 82 8.72 -20.97 1.28
C TYR I 82 8.53 -21.69 -0.03
N ILE I 83 8.18 -20.97 -1.07
CA ILE I 83 8.06 -21.60 -2.39
C ILE I 83 9.13 -21.15 -3.34
N VAL I 84 9.72 -22.10 -4.04
CA VAL I 84 10.73 -21.81 -5.02
C VAL I 84 10.29 -22.21 -6.42
N GLU I 85 10.37 -21.26 -7.31
CA GLU I 85 10.05 -21.42 -8.71
C GLU I 85 11.28 -20.99 -9.46
N THR I 86 11.53 -21.51 -10.63
CA THR I 86 12.66 -21.05 -11.39
C THR I 86 12.19 -19.88 -12.24
N PRO I 87 13.06 -19.06 -12.82
CA PRO I 87 12.73 -18.01 -13.77
C PRO I 87 12.09 -18.56 -15.04
N SER I 88 12.24 -19.87 -15.25
CA SER I 88 11.74 -20.64 -16.38
C SER I 88 10.54 -21.49 -16.01
N SER I 89 9.88 -21.19 -14.87
CA SER I 89 8.72 -21.93 -14.42
C SER I 89 7.49 -21.60 -15.26
N ASP I 90 7.54 -22.07 -16.50
CA ASP I 90 6.54 -21.80 -17.51
C ASP I 90 5.26 -22.63 -17.49
N ASN I 91 5.23 -23.84 -16.85
CA ASN I 91 4.05 -24.72 -16.88
C ASN I 91 3.05 -24.30 -15.78
N GLY I 92 1.98 -23.62 -16.23
CA GLY I 92 0.91 -23.01 -15.44
C GLY I 92 -0.41 -23.45 -15.97
N THR I 93 -1.26 -22.51 -16.29
CA THR I 93 -2.53 -22.88 -16.85
C THR I 93 -2.29 -23.28 -18.32
N CYS I 94 -2.76 -24.47 -18.75
CA CYS I 94 -2.62 -25.00 -20.11
C CYS I 94 -3.90 -24.79 -20.94
N TYR I 95 -5.02 -24.53 -20.30
CA TYR I 95 -6.22 -24.23 -21.04
C TYR I 95 -6.46 -22.75 -20.74
N PRO I 96 -6.28 -21.85 -21.70
CA PRO I 96 -6.20 -20.42 -21.48
C PRO I 96 -7.43 -19.85 -20.85
N GLY I 97 -7.22 -18.89 -19.95
CA GLY I 97 -8.29 -18.22 -19.24
C GLY I 97 -7.73 -17.38 -18.10
N ASP I 98 -8.65 -16.78 -17.35
CA ASP I 98 -8.32 -15.89 -16.24
C ASP I 98 -8.22 -16.61 -14.89
N PHE I 99 -7.03 -16.66 -14.28
CA PHE I 99 -6.95 -17.31 -12.98
C PHE I 99 -7.20 -16.19 -11.99
N ILE I 100 -8.35 -16.24 -11.36
CA ILE I 100 -8.83 -15.19 -10.50
C ILE I 100 -8.25 -15.20 -9.10
N ASP I 101 -7.82 -14.03 -8.66
CA ASP I 101 -7.21 -13.87 -7.35
C ASP I 101 -6.03 -14.80 -7.20
N TYR I 102 -5.24 -14.87 -8.25
CA TYR I 102 -4.07 -15.71 -8.31
C TYR I 102 -3.05 -15.25 -7.32
N GLU I 103 -2.84 -13.95 -7.24
CA GLU I 103 -1.83 -13.43 -6.34
C GLU I 103 -2.17 -13.71 -4.87
N GLU I 104 -3.45 -13.60 -4.50
CA GLU I 104 -3.84 -13.90 -3.13
C GLU I 104 -3.67 -15.37 -2.84
N LEU I 105 -3.95 -16.24 -3.81
CA LEU I 105 -3.77 -17.65 -3.57
C LEU I 105 -2.30 -17.96 -3.37
N ARG I 106 -1.43 -17.35 -4.17
CA ARG I 106 0.00 -17.57 -4.08
C ARG I 106 0.51 -17.14 -2.70
N GLU I 107 -0.03 -16.05 -2.17
CA GLU I 107 0.38 -15.58 -0.85
C GLU I 107 -0.05 -16.59 0.23
N GLN I 108 -1.28 -17.10 0.14
CA GLN I 108 -1.79 -18.02 1.14
C GLN I 108 -1.01 -19.32 1.21
N LEU I 109 -0.55 -19.78 0.06
CA LEU I 109 0.19 -21.02 -0.04
C LEU I 109 1.69 -20.85 0.19
N SER I 110 2.15 -19.61 0.40
CA SER I 110 3.60 -19.41 0.50
C SER I 110 4.28 -20.10 1.65
N SER I 111 3.58 -20.28 2.77
CA SER I 111 4.15 -20.93 3.93
C SER I 111 3.07 -21.75 4.56
N VAL I 112 3.24 -23.05 4.57
CA VAL I 112 2.17 -23.92 5.04
C VAL I 112 2.64 -24.85 6.14
N SER I 113 1.90 -24.86 7.25
CA SER I 113 2.21 -25.68 8.41
C SER I 113 1.84 -27.12 8.16
N SER I 114 0.77 -27.30 7.42
CA SER I 114 0.29 -28.63 7.10
C SER I 114 -0.46 -28.59 5.79
N PHE I 115 -0.23 -29.58 4.94
CA PHE I 115 -0.94 -29.65 3.68
C PHE I 115 -1.14 -31.08 3.24
N GLU I 116 -2.35 -31.41 2.83
CA GLU I 116 -2.60 -32.74 2.30
C GLU I 116 -3.63 -32.68 1.20
N ARG I 117 -3.55 -33.58 0.25
CA ARG I 117 -4.55 -33.61 -0.80
C ARG I 117 -5.47 -34.77 -0.55
N PHE I 118 -6.74 -34.60 -0.89
CA PHE I 118 -7.66 -35.71 -0.80
C PHE I 118 -8.63 -35.69 -1.95
N GLU I 119 -9.15 -36.85 -2.34
CA GLU I 119 -10.12 -36.80 -3.42
C GLU I 119 -11.36 -36.26 -2.73
N ILE I 120 -12.07 -35.35 -3.38
CA ILE I 120 -13.25 -34.73 -2.79
C ILE I 120 -14.55 -35.23 -3.41
N PHE I 121 -14.61 -35.32 -4.72
CA PHE I 121 -15.79 -35.80 -5.43
C PHE I 121 -15.34 -36.93 -6.33
N PRO I 122 -15.34 -38.18 -5.87
CA PRO I 122 -14.74 -39.28 -6.59
C PRO I 122 -15.19 -39.36 -8.02
N LYS I 123 -14.18 -39.51 -8.88
CA LYS I 123 -14.39 -39.51 -10.32
C LYS I 123 -15.43 -40.45 -10.85
N THR I 124 -15.47 -41.64 -10.30
CA THR I 124 -16.36 -42.67 -10.78
C THR I 124 -17.72 -42.78 -10.13
N SER I 125 -17.94 -42.13 -8.98
CA SER I 125 -19.22 -42.32 -8.30
C SER I 125 -20.00 -41.04 -8.09
N SER I 126 -19.36 -39.89 -8.23
CA SER I 126 -20.07 -38.67 -7.94
C SER I 126 -20.98 -38.19 -9.05
N TRP I 127 -20.70 -38.53 -10.30
CA TRP I 127 -21.52 -38.00 -11.37
C TRP I 127 -22.00 -39.06 -12.33
N PRO I 128 -22.91 -39.96 -11.92
CA PRO I 128 -23.39 -41.07 -12.72
C PRO I 128 -24.20 -40.63 -13.92
N ASN I 129 -24.66 -39.38 -13.90
CA ASN I 129 -25.47 -38.83 -14.97
C ASN I 129 -24.71 -37.91 -15.90
N HIS I 130 -23.39 -37.84 -15.77
CA HIS I 130 -22.63 -36.94 -16.61
C HIS I 130 -21.41 -37.66 -17.14
N ASP I 131 -20.93 -37.24 -18.28
CA ASP I 131 -19.78 -37.90 -18.87
C ASP I 131 -18.47 -37.28 -18.38
N SER I 132 -17.71 -38.05 -17.63
CA SER I 132 -16.46 -37.61 -17.03
C SER I 132 -15.22 -38.08 -17.81
N ASN I 133 -15.43 -38.74 -18.95
CA ASN I 133 -14.32 -39.28 -19.76
C ASN I 133 -14.01 -38.51 -21.04
N LYS I 134 -14.98 -37.76 -21.55
CA LYS I 134 -14.78 -37.02 -22.80
C LYS I 134 -14.21 -35.64 -22.60
N GLY I 135 -14.05 -35.24 -21.36
CA GLY I 135 -13.57 -33.92 -21.00
C GLY I 135 -12.05 -33.78 -21.12
N VAL I 136 -11.54 -33.87 -22.35
CA VAL I 136 -10.12 -33.75 -22.62
C VAL I 136 -9.85 -32.75 -23.72
N THR I 137 -8.60 -32.29 -23.80
CA THR I 137 -8.21 -31.34 -24.82
C THR I 137 -6.77 -31.38 -25.27
N ALA I 138 -6.57 -30.94 -26.51
CA ALA I 138 -5.26 -30.84 -27.14
C ALA I 138 -4.46 -29.71 -26.55
N ALA I 139 -5.13 -28.81 -25.83
CA ALA I 139 -4.46 -27.70 -25.15
C ALA I 139 -3.61 -28.17 -23.95
N CYS I 140 -3.89 -29.37 -23.36
CA CYS I 140 -3.22 -29.91 -22.19
C CYS I 140 -2.80 -31.36 -22.49
N PRO I 141 -1.96 -31.59 -23.51
CA PRO I 141 -1.63 -32.91 -23.97
C PRO I 141 -0.75 -33.60 -22.96
N HIS I 142 -0.80 -34.92 -22.93
CA HIS I 142 0.08 -35.69 -22.09
C HIS I 142 0.64 -36.85 -22.85
N ALA I 143 1.93 -36.81 -23.12
CA ALA I 143 2.58 -37.84 -23.91
C ALA I 143 1.89 -38.01 -25.26
N GLY I 144 1.41 -36.90 -25.83
CA GLY I 144 0.75 -36.89 -27.12
C GLY I 144 -0.77 -37.12 -27.06
N ALA I 145 -1.30 -37.52 -25.92
CA ALA I 145 -2.72 -37.79 -25.78
C ALA I 145 -3.47 -36.56 -25.37
N LYS I 146 -4.73 -36.44 -25.75
CA LYS I 146 -5.50 -35.32 -25.23
C LYS I 146 -5.69 -35.58 -23.75
N SER I 147 -5.61 -34.54 -22.94
CA SER I 147 -5.80 -34.74 -21.52
C SER I 147 -6.35 -33.50 -20.86
N PHE I 148 -6.28 -33.44 -19.55
CA PHE I 148 -6.82 -32.31 -18.82
C PHE I 148 -6.16 -32.21 -17.47
N TYR I 149 -6.53 -31.21 -16.70
CA TYR I 149 -5.94 -31.00 -15.40
C TYR I 149 -6.22 -32.16 -14.47
N LYS I 150 -5.22 -32.58 -13.73
CA LYS I 150 -5.35 -33.70 -12.85
C LYS I 150 -6.27 -33.48 -11.66
N ASN I 151 -6.44 -32.26 -11.19
CA ASN I 151 -7.29 -32.08 -10.03
C ASN I 151 -8.73 -31.70 -10.39
N LEU I 152 -9.05 -31.65 -11.70
CA LEU I 152 -10.37 -31.22 -12.18
C LEU I 152 -11.05 -32.19 -13.16
N ILE I 153 -12.36 -32.22 -13.14
CA ILE I 153 -13.11 -32.97 -14.14
C ILE I 153 -14.03 -32.11 -14.95
N TRP I 154 -13.87 -32.20 -16.24
CA TRP I 154 -14.70 -31.44 -17.14
C TRP I 154 -15.86 -32.30 -17.57
N LEU I 155 -17.02 -32.01 -17.03
CA LEU I 155 -18.18 -32.83 -17.32
C LEU I 155 -18.88 -32.35 -18.55
N VAL I 156 -19.29 -33.29 -19.36
CA VAL I 156 -20.03 -33.00 -20.58
C VAL I 156 -21.30 -33.83 -20.62
N LYS I 157 -22.17 -33.51 -21.56
CA LYS I 157 -23.43 -34.19 -21.69
C LYS I 157 -23.26 -35.67 -21.87
N LYS I 158 -24.14 -36.42 -21.24
CA LYS I 158 -24.15 -37.85 -21.33
C LYS I 158 -25.17 -38.20 -22.38
N GLY I 159 -24.80 -38.95 -23.40
CA GLY I 159 -25.82 -39.19 -24.40
C GLY I 159 -26.21 -37.86 -25.01
N ASN I 160 -27.49 -37.50 -24.94
CA ASN I 160 -27.98 -36.26 -25.50
C ASN I 160 -28.58 -35.33 -24.45
N SER I 161 -28.10 -35.41 -23.20
CA SER I 161 -28.62 -34.51 -22.18
C SER I 161 -27.62 -34.14 -21.09
N TYR I 162 -27.91 -33.04 -20.42
CA TYR I 162 -27.10 -32.59 -19.30
C TYR I 162 -28.04 -32.27 -18.15
N PRO I 163 -28.41 -33.28 -17.33
CA PRO I 163 -29.33 -33.17 -16.25
C PRO I 163 -28.79 -32.16 -15.28
N LYS I 164 -29.68 -31.45 -14.61
CA LYS I 164 -29.21 -30.49 -13.64
C LYS I 164 -28.35 -31.16 -12.59
N LEU I 165 -27.21 -30.55 -12.35
CA LEU I 165 -26.23 -31.02 -11.42
C LEU I 165 -26.36 -30.36 -10.07
N SER I 166 -26.32 -31.16 -9.01
CA SER I 166 -26.34 -30.63 -7.64
C SER I 166 -25.47 -31.47 -6.71
N LYS I 167 -24.40 -30.88 -6.16
CA LYS I 167 -23.46 -31.59 -5.29
C LYS I 167 -23.01 -30.79 -4.09
N SER I 168 -22.63 -31.49 -3.04
CA SER I 168 -22.10 -30.80 -1.87
C SER I 168 -21.07 -31.60 -1.12
N TYR I 169 -20.30 -30.88 -0.31
CA TYR I 169 -19.29 -31.46 0.56
C TYR I 169 -19.26 -30.76 1.90
N ILE I 170 -19.17 -31.53 2.98
CA ILE I 170 -19.11 -30.93 4.30
C ILE I 170 -17.75 -31.12 4.92
N ASN I 171 -17.14 -30.03 5.31
CA ASN I 171 -15.82 -30.11 5.86
C ASN I 171 -15.82 -30.34 7.35
N ASP I 172 -16.16 -31.54 7.78
CA ASP I 172 -16.29 -31.78 9.21
C ASP I 172 -15.05 -32.41 9.86
N LYS I 173 -13.90 -32.38 9.16
CA LYS I 173 -12.68 -32.96 9.70
C LYS I 173 -11.71 -31.97 10.39
N GLY I 174 -11.97 -30.65 10.37
CA GLY I 174 -11.11 -29.68 11.10
C GLY I 174 -10.05 -28.79 10.39
N LYS I 175 -9.65 -29.02 9.15
CA LYS I 175 -8.66 -28.12 8.52
C LYS I 175 -9.37 -27.25 7.51
N GLU I 176 -8.73 -26.17 7.05
CA GLU I 176 -9.42 -25.38 6.04
C GLU I 176 -9.30 -26.09 4.73
N VAL I 177 -10.34 -26.05 3.93
CA VAL I 177 -10.27 -26.73 2.65
C VAL I 177 -10.31 -25.83 1.45
N LEU I 178 -9.32 -25.99 0.61
CA LEU I 178 -9.18 -25.23 -0.61
C LEU I 178 -9.78 -25.95 -1.78
N VAL I 179 -10.78 -25.32 -2.35
CA VAL I 179 -11.49 -25.89 -3.45
C VAL I 179 -11.34 -25.02 -4.67
N LEU I 180 -10.98 -25.63 -5.78
CA LEU I 180 -10.83 -24.90 -7.02
C LEU I 180 -11.77 -25.47 -8.05
N TRP I 181 -12.24 -24.64 -8.95
CA TRP I 181 -13.12 -25.07 -10.02
C TRP I 181 -12.97 -24.17 -11.19
N GLY I 182 -13.61 -24.50 -12.31
CA GLY I 182 -13.50 -23.58 -13.42
C GLY I 182 -14.75 -23.54 -14.25
N ILE I 183 -14.82 -22.55 -15.12
CA ILE I 183 -15.98 -22.39 -16.00
C ILE I 183 -15.60 -22.26 -17.44
N HIS I 184 -16.27 -23.03 -18.28
CA HIS I 184 -15.98 -23.03 -19.70
C HIS I 184 -16.83 -22.03 -20.47
N HIS I 185 -16.16 -21.28 -21.33
CA HIS I 185 -16.71 -20.28 -22.21
C HIS I 185 -16.40 -20.64 -23.68
N PRO I 186 -17.32 -21.36 -24.36
CA PRO I 186 -17.21 -21.86 -25.71
C PRO I 186 -17.05 -20.76 -26.71
N SER I 187 -16.45 -21.07 -27.85
CA SER I 187 -16.34 -20.02 -28.83
C SER I 187 -17.61 -19.91 -29.63
N THR I 188 -18.30 -21.02 -29.78
CA THR I 188 -19.53 -20.99 -30.55
C THR I 188 -20.67 -21.76 -29.96
N SER I 189 -21.86 -21.46 -30.44
CA SER I 189 -23.06 -22.16 -29.99
C SER I 189 -23.02 -23.62 -30.41
N ALA I 190 -22.20 -23.91 -31.42
CA ALA I 190 -22.01 -25.26 -31.88
C ALA I 190 -21.25 -26.09 -30.85
N ASP I 191 -20.46 -25.43 -29.99
CA ASP I 191 -19.72 -26.15 -28.98
C ASP I 191 -20.66 -26.34 -27.82
N GLN I 192 -21.49 -25.35 -27.57
CA GLN I 192 -22.40 -25.44 -26.44
C GLN I 192 -23.33 -26.65 -26.63
N GLN I 193 -23.73 -26.89 -27.88
CA GLN I 193 -24.58 -28.02 -28.20
C GLN I 193 -23.85 -29.37 -28.16
N SER I 194 -22.53 -29.34 -28.30
CA SER I 194 -21.74 -30.55 -28.37
C SER I 194 -21.28 -30.99 -27.01
N LEU I 195 -21.04 -30.01 -26.15
CA LEU I 195 -20.56 -30.29 -24.82
C LEU I 195 -21.59 -30.26 -23.74
N TYR I 196 -22.54 -29.33 -23.80
CA TYR I 196 -23.47 -29.25 -22.69
C TYR I 196 -24.91 -29.53 -23.09
N GLN I 197 -25.24 -29.44 -24.37
CA GLN I 197 -26.60 -29.65 -24.91
C GLN I 197 -27.55 -28.50 -24.62
N ASN I 198 -27.64 -28.13 -23.37
CA ASN I 198 -28.50 -27.05 -22.96
C ASN I 198 -27.95 -25.77 -23.56
N ALA I 199 -28.79 -25.03 -24.28
CA ALA I 199 -28.36 -23.79 -24.92
C ALA I 199 -28.25 -22.61 -23.96
N ASP I 200 -29.08 -22.62 -22.92
CA ASP I 200 -29.13 -21.54 -21.95
C ASP I 200 -28.78 -22.08 -20.59
N THR I 201 -27.56 -21.85 -20.14
CA THR I 201 -27.08 -22.44 -18.91
C THR I 201 -26.57 -21.45 -17.91
N TYR I 202 -26.33 -21.95 -16.70
CA TYR I 202 -25.72 -21.18 -15.63
C TYR I 202 -24.98 -22.10 -14.69
N VAL I 203 -24.11 -21.49 -13.91
CA VAL I 203 -23.36 -22.16 -12.86
C VAL I 203 -23.47 -21.42 -11.53
N PHE I 204 -23.71 -22.11 -10.44
CA PHE I 204 -23.75 -21.47 -9.14
C PHE I 204 -22.90 -22.17 -8.12
N VAL I 205 -22.12 -21.40 -7.38
CA VAL I 205 -21.29 -21.99 -6.33
C VAL I 205 -21.46 -21.23 -5.02
N GLY I 206 -21.45 -21.94 -3.88
CA GLY I 206 -21.52 -21.21 -2.62
C GLY I 206 -21.12 -21.96 -1.35
N SER I 207 -20.97 -21.18 -0.28
CA SER I 207 -20.55 -21.60 1.07
C SER I 207 -21.06 -20.54 2.02
N SER I 208 -20.82 -20.65 3.32
CA SER I 208 -21.38 -19.62 4.20
C SER I 208 -20.80 -18.23 3.96
N ARG I 209 -19.65 -18.16 3.30
CA ARG I 209 -19.01 -16.88 3.03
C ARG I 209 -18.82 -16.66 1.53
N TYR I 210 -19.56 -17.38 0.71
CA TYR I 210 -19.39 -17.23 -0.73
C TYR I 210 -20.63 -17.53 -1.52
N SER I 211 -20.93 -16.70 -2.47
CA SER I 211 -22.04 -16.98 -3.34
C SER I 211 -21.90 -16.31 -4.66
N LYS I 212 -21.87 -17.08 -5.72
CA LYS I 212 -21.77 -16.45 -7.00
C LYS I 212 -22.43 -17.21 -8.12
N LYS I 213 -23.25 -16.51 -8.88
CA LYS I 213 -23.84 -17.09 -10.07
C LYS I 213 -23.03 -16.61 -11.25
N PHE I 214 -22.66 -17.54 -12.09
CA PHE I 214 -21.85 -17.28 -13.24
C PHE I 214 -22.67 -17.58 -14.49
N LYS I 215 -22.34 -16.90 -15.58
CA LYS I 215 -23.01 -17.13 -16.85
C LYS I 215 -21.91 -17.26 -17.89
N PRO I 216 -21.98 -18.19 -18.85
CA PRO I 216 -21.01 -18.34 -19.91
C PRO I 216 -21.05 -17.23 -20.93
N GLU I 217 -19.89 -16.90 -21.49
CA GLU I 217 -19.75 -15.95 -22.56
C GLU I 217 -19.36 -16.63 -23.86
N ILE I 218 -20.30 -16.78 -24.77
CA ILE I 218 -19.94 -17.44 -26.02
C ILE I 218 -19.52 -16.40 -27.02
N ALA I 219 -18.28 -16.50 -27.47
CA ALA I 219 -17.70 -15.53 -28.40
C ALA I 219 -16.48 -16.11 -29.09
N ILE I 220 -16.18 -15.64 -30.30
CA ILE I 220 -14.96 -16.13 -30.93
C ILE I 220 -13.82 -15.27 -30.47
N ARG I 221 -12.84 -15.87 -29.85
CA ARG I 221 -11.72 -15.15 -29.31
C ARG I 221 -10.49 -15.47 -30.16
N PRO I 222 -9.41 -14.69 -30.09
CA PRO I 222 -8.15 -15.00 -30.75
C PRO I 222 -7.72 -16.35 -30.25
N LYS I 223 -7.09 -17.15 -31.09
CA LYS I 223 -6.67 -18.45 -30.62
C LYS I 223 -5.47 -18.40 -29.72
N VAL I 224 -5.57 -19.09 -28.61
CA VAL I 224 -4.47 -19.25 -27.69
C VAL I 224 -4.32 -20.74 -27.47
N ARG I 225 -3.15 -21.30 -27.77
CA ARG I 225 -2.96 -22.75 -27.66
C ARG I 225 -4.05 -23.47 -28.47
N ASP I 226 -4.35 -22.89 -29.63
CA ASP I 226 -5.33 -23.33 -30.59
C ASP I 226 -6.79 -23.31 -30.11
N GLN I 227 -7.06 -22.71 -28.96
CA GLN I 227 -8.43 -22.66 -28.48
C GLN I 227 -9.07 -21.33 -28.80
N GLU I 228 -10.30 -21.36 -29.33
CA GLU I 228 -11.06 -20.14 -29.64
C GLU I 228 -11.91 -19.69 -28.46
N GLY I 229 -11.91 -20.51 -27.42
CA GLY I 229 -12.70 -20.24 -26.22
C GLY I 229 -11.75 -20.05 -25.04
N ARG I 230 -12.32 -20.01 -23.83
CA ARG I 230 -11.53 -19.81 -22.61
C ARG I 230 -12.10 -20.56 -21.43
N MET I 231 -11.28 -20.81 -20.43
CA MET I 231 -11.78 -21.44 -19.21
C MET I 231 -11.22 -20.72 -18.01
N ASN I 232 -12.08 -20.19 -17.16
CA ASN I 232 -11.61 -19.40 -16.02
C ASN I 232 -11.46 -20.24 -14.79
N TYR I 233 -10.60 -19.79 -13.87
CA TYR I 233 -10.38 -20.54 -12.66
C TYR I 233 -10.74 -19.72 -11.45
N TYR I 234 -11.44 -20.36 -10.55
CA TYR I 234 -11.96 -19.76 -9.35
C TYR I 234 -11.58 -20.60 -8.14
N TRP I 235 -11.49 -19.99 -6.97
CA TRP I 235 -11.21 -20.78 -5.77
C TRP I 235 -11.76 -20.14 -4.51
N THR I 236 -11.92 -20.94 -3.48
CA THR I 236 -12.34 -20.43 -2.17
C THR I 236 -11.89 -21.34 -1.04
N LEU I 237 -11.80 -20.78 0.16
CA LEU I 237 -11.49 -21.60 1.33
C LEU I 237 -12.74 -21.86 2.14
N VAL I 238 -13.00 -23.14 2.37
CA VAL I 238 -14.14 -23.59 3.12
C VAL I 238 -13.68 -23.81 4.56
N GLU I 239 -14.28 -23.07 5.47
CA GLU I 239 -13.88 -23.14 6.86
C GLU I 239 -14.31 -24.47 7.42
N PRO I 240 -13.63 -25.00 8.43
CA PRO I 240 -14.01 -26.23 9.06
C PRO I 240 -15.38 -26.02 9.64
N GLY I 241 -16.23 -26.99 9.44
CA GLY I 241 -17.58 -26.96 9.93
C GLY I 241 -18.54 -26.45 8.86
N ASP I 242 -18.01 -25.89 7.77
CA ASP I 242 -18.89 -25.38 6.74
C ASP I 242 -19.15 -26.39 5.63
N LYS I 243 -19.98 -25.97 4.68
CA LYS I 243 -20.35 -26.75 3.52
C LYS I 243 -20.19 -25.96 2.26
N ILE I 244 -19.73 -26.63 1.21
CA ILE I 244 -19.61 -26.04 -0.10
C ILE I 244 -20.52 -26.75 -1.07
N THR I 245 -21.23 -25.98 -1.87
CA THR I 245 -22.13 -26.58 -2.83
C THR I 245 -21.85 -26.10 -4.22
N PHE I 246 -22.24 -26.93 -5.18
CA PHE I 246 -22.18 -26.65 -6.60
C PHE I 246 -23.49 -26.97 -7.27
N GLU I 247 -23.89 -26.12 -8.20
CA GLU I 247 -25.08 -26.35 -9.00
C GLU I 247 -24.86 -25.92 -10.43
N ALA I 248 -25.29 -26.71 -11.39
CA ALA I 248 -25.12 -26.24 -12.76
C ALA I 248 -26.04 -26.90 -13.76
N THR I 249 -26.27 -26.18 -14.84
CA THR I 249 -26.99 -26.74 -15.98
C THR I 249 -26.07 -26.85 -17.15
N GLY I 250 -24.80 -26.61 -16.91
CA GLY I 250 -23.78 -26.72 -17.94
C GLY I 250 -22.60 -25.80 -17.69
N ASN I 251 -21.55 -26.05 -18.42
CA ASN I 251 -20.31 -25.27 -18.44
C ASN I 251 -19.49 -25.29 -17.16
N LEU I 252 -19.77 -26.21 -16.25
CA LEU I 252 -18.98 -26.30 -15.03
C LEU I 252 -17.95 -27.40 -15.03
N VAL I 253 -16.74 -27.04 -14.64
CA VAL I 253 -15.65 -27.97 -14.43
C VAL I 253 -15.57 -28.13 -12.92
N VAL I 254 -15.77 -29.36 -12.46
CA VAL I 254 -15.90 -29.65 -11.05
C VAL I 254 -14.59 -30.13 -10.47
N PRO I 255 -14.30 -29.85 -9.21
CA PRO I 255 -13.12 -30.33 -8.56
C PRO I 255 -13.20 -31.82 -8.42
N ARG I 256 -12.05 -32.45 -8.53
CA ARG I 256 -11.95 -33.88 -8.29
C ARG I 256 -11.26 -34.03 -6.98
N TYR I 257 -10.19 -33.24 -6.83
CA TYR I 257 -9.36 -33.21 -5.64
C TYR I 257 -9.43 -31.86 -4.97
N ALA I 258 -9.20 -31.84 -3.67
CA ALA I 258 -9.19 -30.62 -2.87
C ALA I 258 -8.12 -30.72 -1.83
N PHE I 259 -7.72 -29.58 -1.29
CA PHE I 259 -6.65 -29.66 -0.31
C PHE I 259 -7.07 -29.25 1.07
N ALA I 260 -6.53 -29.92 2.06
CA ALA I 260 -6.78 -29.54 3.44
C ALA I 260 -5.52 -28.90 3.97
N MET I 261 -5.67 -27.81 4.72
CA MET I 261 -4.47 -27.14 5.19
C MET I 261 -4.55 -26.19 6.37
N GLU I 262 -3.36 -25.83 6.82
CA GLU I 262 -3.14 -24.82 7.83
C GLU I 262 -1.99 -23.89 7.42
N ARG I 263 -2.25 -22.57 7.37
CA ARG I 263 -1.25 -21.57 6.95
C ARG I 263 -0.28 -21.14 8.03
N ASN I 264 1.01 -21.14 7.72
CA ASN I 264 2.03 -20.75 8.69
C ASN I 264 2.35 -19.27 8.59
N ALA I 265 1.35 -18.44 8.89
CA ALA I 265 1.46 -16.96 8.87
C ALA I 265 1.70 -16.38 7.47
N GLY I 266 2.88 -16.67 6.91
CA GLY I 266 3.30 -16.27 5.58
C GLY I 266 4.78 -15.93 5.48
N SER I 267 5.32 -16.28 4.33
CA SER I 267 6.69 -16.07 3.88
C SER I 267 6.45 -15.53 2.50
N GLY I 268 7.07 -16.21 1.56
CA GLY I 268 7.54 -15.47 0.42
C GLY I 268 7.85 -16.46 -0.67
N ILE I 269 8.07 -15.94 -1.87
CA ILE I 269 8.37 -16.77 -3.00
C ILE I 269 9.69 -16.31 -3.62
N ILE I 270 10.56 -17.26 -3.85
CA ILE I 270 11.84 -17.00 -4.48
C ILE I 270 11.87 -17.52 -5.88
N ILE I 271 12.26 -16.65 -6.80
CA ILE I 271 12.38 -17.06 -8.18
C ILE I 271 13.85 -17.21 -8.45
N SER I 272 14.31 -18.43 -8.63
CA SER I 272 15.73 -18.65 -8.73
C SER I 272 16.16 -20.00 -9.28
N ASP I 273 17.32 -20.04 -9.91
CA ASP I 273 17.93 -21.28 -10.37
C ASP I 273 18.96 -21.83 -9.39
N THR I 274 19.07 -21.19 -8.25
CA THR I 274 19.96 -21.61 -7.19
C THR I 274 19.38 -22.94 -6.68
N PRO I 275 20.14 -24.04 -6.60
CA PRO I 275 19.67 -25.35 -6.19
C PRO I 275 19.32 -25.43 -4.73
N VAL I 276 18.40 -26.32 -4.40
CA VAL I 276 18.04 -26.61 -3.03
C VAL I 276 18.97 -27.68 -2.48
N HIS I 277 19.48 -27.42 -1.29
CA HIS I 277 20.40 -28.30 -0.61
C HIS I 277 19.99 -28.64 0.79
N ASP I 278 20.52 -29.74 1.29
CA ASP I 278 20.21 -30.14 2.65
C ASP I 278 21.09 -29.38 3.64
N CYS I 279 20.69 -28.13 3.90
CA CYS I 279 21.32 -27.10 4.71
C CYS I 279 20.21 -26.32 5.37
N ASN I 280 20.54 -25.49 6.35
CA ASN I 280 19.52 -24.72 7.04
C ASN I 280 20.04 -23.31 7.35
N THR I 281 19.14 -22.31 7.22
CA THR I 281 19.37 -20.90 7.49
C THR I 281 18.31 -20.20 8.30
N THR I 282 18.63 -18.96 8.65
CA THR I 282 17.75 -18.02 9.31
C THR I 282 17.25 -16.89 8.36
N CYS I 283 17.96 -16.65 7.22
CA CYS I 283 17.73 -15.66 6.18
C CYS I 283 18.08 -16.25 4.82
N GLN I 284 17.17 -16.13 3.88
CA GLN I 284 17.34 -16.68 2.55
C GLN I 284 17.17 -15.65 1.43
N THR I 285 18.13 -15.56 0.48
CA THR I 285 17.91 -14.65 -0.64
C THR I 285 17.88 -15.56 -1.89
N PRO I 286 17.44 -15.11 -3.06
CA PRO I 286 17.47 -15.86 -4.30
C PRO I 286 18.85 -16.30 -4.77
N LYS I 287 19.92 -15.67 -4.28
CA LYS I 287 21.23 -16.08 -4.74
C LYS I 287 21.84 -17.10 -3.84
N GLY I 288 21.18 -17.38 -2.73
CA GLY I 288 21.67 -18.26 -1.72
C GLY I 288 21.41 -17.72 -0.33
N ALA I 289 21.45 -18.61 0.63
CA ALA I 289 21.22 -18.30 2.02
C ALA I 289 22.33 -17.50 2.66
N ILE I 290 21.95 -16.68 3.62
CA ILE I 290 22.92 -15.92 4.40
C ILE I 290 23.07 -16.64 5.75
N ASN I 291 24.30 -17.04 6.07
CA ASN I 291 24.74 -17.83 7.22
C ASN I 291 24.89 -17.03 8.56
N THR I 292 24.84 -15.69 8.41
CA THR I 292 25.60 -14.76 9.25
C THR I 292 24.72 -13.79 10.05
N SER I 293 25.36 -13.08 11.00
CA SER I 293 24.66 -12.14 11.90
C SER I 293 24.96 -10.61 11.90
N LEU I 294 25.72 -10.06 10.97
CA LEU I 294 25.97 -8.60 11.05
C LEU I 294 24.68 -7.85 10.65
N PRO I 295 24.47 -6.60 11.12
CA PRO I 295 23.29 -5.79 10.87
C PRO I 295 22.92 -5.42 9.43
N PHE I 296 23.90 -5.40 8.52
CA PHE I 296 23.57 -5.01 7.16
C PHE I 296 24.06 -6.01 6.15
N GLN I 297 23.42 -6.03 4.99
CA GLN I 297 23.86 -6.88 3.90
C GLN I 297 23.75 -6.13 2.60
N ASN I 298 24.58 -6.46 1.62
CA ASN I 298 24.48 -5.85 0.30
C ASN I 298 24.36 -6.90 -0.77
N ILE I 299 23.71 -7.99 -0.43
CA ILE I 299 23.56 -9.12 -1.30
C ILE I 299 22.32 -8.98 -2.14
N HIS I 300 21.18 -8.71 -1.50
CA HIS I 300 19.96 -8.60 -2.30
C HIS I 300 18.85 -7.92 -1.50
N PRO I 301 18.04 -7.01 -2.08
CA PRO I 301 16.93 -6.36 -1.42
C PRO I 301 15.74 -7.26 -1.08
N ILE I 302 15.56 -8.39 -1.76
CA ILE I 302 14.40 -9.22 -1.46
C ILE I 302 14.78 -10.45 -0.68
N THR I 303 14.39 -10.49 0.57
CA THR I 303 14.76 -11.59 1.41
C THR I 303 13.59 -12.20 2.17
N ILE I 304 13.77 -13.42 2.66
CA ILE I 304 12.80 -14.05 3.55
C ILE I 304 13.56 -14.47 4.82
N GLY I 305 13.06 -14.10 6.00
CA GLY I 305 13.76 -14.53 7.20
C GLY I 305 14.10 -13.39 8.14
N LYS I 306 14.85 -13.72 9.19
CA LYS I 306 15.29 -12.72 10.17
C LYS I 306 16.58 -12.10 9.63
N CYS I 307 16.42 -11.29 8.57
CA CYS I 307 17.48 -10.76 7.72
C CYS I 307 18.08 -9.42 8.16
N PRO I 308 19.38 -9.17 7.82
CA PRO I 308 20.09 -7.92 7.93
C PRO I 308 19.42 -6.95 6.98
N LYS I 309 19.53 -5.65 7.23
CA LYS I 309 18.89 -4.72 6.30
C LYS I 309 19.73 -4.56 5.06
N TYR I 310 19.07 -4.48 3.92
CA TYR I 310 19.79 -4.27 2.67
C TYR I 310 20.27 -2.84 2.58
N VAL I 311 21.52 -2.67 2.18
CA VAL I 311 22.09 -1.36 1.95
C VAL I 311 22.71 -1.28 0.58
N LYS I 312 22.93 -0.06 0.10
CA LYS I 312 23.55 0.15 -1.20
C LYS I 312 25.06 0.25 -1.09
N SER I 313 25.56 0.31 0.13
CA SER I 313 26.97 0.46 0.42
C SER I 313 27.76 -0.78 0.12
N THR I 314 29.01 -0.59 -0.27
CA THR I 314 29.91 -1.69 -0.55
C THR I 314 30.88 -1.93 0.58
N LYS I 315 30.87 -1.06 1.58
CA LYS I 315 31.79 -1.18 2.69
C LYS I 315 31.36 -0.47 3.96
N LEU I 316 31.21 -1.21 5.04
CA LEU I 316 30.88 -0.65 6.35
C LEU I 316 31.88 -1.24 7.29
N ARG I 317 33.08 -0.71 7.19
CA ARG I 317 34.20 -1.25 7.91
C ARG I 317 34.41 -0.40 9.16
N LEU I 318 34.18 -1.03 10.31
CA LEU I 318 34.23 -0.36 11.59
C LEU I 318 35.55 -0.67 12.29
N ALA I 319 36.32 0.34 12.60
CA ALA I 319 37.61 0.14 13.24
C ALA I 319 37.41 -0.35 14.64
N THR I 320 38.28 -1.23 15.10
CA THR I 320 38.22 -1.62 16.49
C THR I 320 39.50 -1.20 17.13
N GLY I 321 40.55 -1.10 16.31
CA GLY I 321 41.88 -0.79 16.78
C GLY I 321 42.28 0.65 16.56
N LEU I 322 43.55 0.90 16.81
CA LEU I 322 44.19 2.20 16.72
C LEU I 322 44.83 2.40 15.35
N ARG I 323 45.23 3.64 15.03
CA ARG I 323 45.84 3.86 13.72
C ARG I 323 47.14 3.08 13.63
N ASN I 324 47.32 2.38 12.53
CA ASN I 324 48.51 1.55 12.32
C ASN I 324 49.65 2.35 11.76
N ILE I 325 50.21 3.18 12.60
CA ILE I 325 51.31 4.02 12.18
C ILE I 325 52.56 3.58 12.91
N PRO I 326 53.48 2.81 12.29
CA PRO I 326 54.68 2.27 12.90
C PRO I 326 55.74 3.35 13.06
N ASP J 1 -10.21 -45.16 21.99
CA ASP J 1 -10.56 -45.80 20.72
C ASP J 1 -12.09 -45.93 20.59
N ILE J 2 -12.58 -45.93 19.33
CA ILE J 2 -14.01 -46.07 19.00
C ILE J 2 -14.24 -47.42 18.38
N GLN J 3 -15.03 -48.24 19.06
CA GLN J 3 -15.28 -49.61 18.59
C GLN J 3 -16.68 -49.81 18.08
N MET J 4 -16.76 -50.25 16.83
CA MET J 4 -18.06 -50.50 16.23
C MET J 4 -18.63 -51.82 16.70
N THR J 5 -19.92 -51.84 16.97
CA THR J 5 -20.62 -53.05 17.35
C THR J 5 -21.56 -53.44 16.26
N GLN J 6 -21.41 -54.64 15.73
CA GLN J 6 -22.22 -55.03 14.59
C GLN J 6 -23.18 -56.13 14.96
N SER J 7 -24.43 -56.02 14.50
CA SER J 7 -25.43 -57.02 14.82
C SER J 7 -26.52 -57.19 13.75
N PRO J 8 -26.94 -58.43 13.47
CA PRO J 8 -26.55 -59.73 14.01
C PRO J 8 -25.19 -60.12 13.48
N SER J 9 -24.51 -61.06 14.13
CA SER J 9 -23.24 -61.58 13.61
C SER J 9 -23.44 -62.58 12.47
N SER J 10 -24.66 -63.08 12.36
CA SER J 10 -25.05 -64.04 11.35
C SER J 10 -26.50 -63.83 10.97
N LEU J 11 -26.73 -63.76 9.67
CA LEU J 11 -28.04 -63.53 9.10
C LEU J 11 -28.32 -64.46 7.95
N SER J 12 -29.55 -64.94 7.84
CA SER J 12 -29.88 -65.71 6.67
C SER J 12 -31.27 -65.35 6.20
N ALA J 13 -31.45 -65.44 4.89
CA ALA J 13 -32.76 -65.19 4.27
C ALA J 13 -32.81 -65.84 2.90
N PHE J 14 -34.00 -65.98 2.36
CA PHE J 14 -34.18 -66.55 1.04
C PHE J 14 -34.09 -65.50 -0.04
N VAL J 15 -33.82 -65.91 -1.26
CA VAL J 15 -33.69 -64.95 -2.35
C VAL J 15 -34.97 -64.19 -2.58
N GLY J 16 -34.83 -62.89 -2.65
CA GLY J 16 -35.92 -61.95 -2.84
C GLY J 16 -36.39 -61.34 -1.53
N ASP J 17 -35.96 -61.89 -0.40
CA ASP J 17 -36.37 -61.34 0.89
C ASP J 17 -35.55 -60.08 1.18
N ARG J 18 -36.05 -59.24 2.06
CA ARG J 18 -35.35 -58.01 2.40
C ARG J 18 -34.38 -58.17 3.54
N VAL J 19 -33.13 -57.80 3.30
CA VAL J 19 -32.10 -57.95 4.28
C VAL J 19 -31.44 -56.69 4.79
N THR J 20 -31.47 -56.54 6.11
CA THR J 20 -30.83 -55.40 6.75
C THR J 20 -29.99 -55.83 7.93
N ILE J 21 -28.95 -55.05 8.20
CA ILE J 21 -28.10 -55.23 9.35
C ILE J 21 -27.93 -53.88 10.04
N ALA J 22 -27.49 -53.88 11.30
CA ALA J 22 -27.26 -52.62 12.00
C ALA J 22 -25.86 -52.61 12.61
N CYS J 23 -25.29 -51.41 12.84
CA CYS J 23 -23.98 -51.23 13.44
C CYS J 23 -23.94 -49.95 14.24
N GLN J 24 -23.39 -50.02 15.45
CA GLN J 24 -23.35 -48.84 16.31
C GLN J 24 -21.96 -48.42 16.71
N ALA J 25 -21.80 -47.13 16.91
CA ALA J 25 -20.52 -46.58 17.34
C ALA J 25 -20.54 -46.35 18.83
N SER J 26 -19.38 -46.44 19.45
CA SER J 26 -19.26 -46.16 20.87
C SER J 26 -19.16 -44.65 21.15
N GLN J 27 -18.91 -43.90 20.09
CA GLN J 27 -18.78 -42.45 20.11
C GLN J 27 -19.49 -41.89 18.90
N ASP J 28 -19.88 -40.63 18.96
CA ASP J 28 -20.50 -40.00 17.82
C ASP J 28 -19.47 -39.80 16.74
N ILE J 29 -19.69 -40.44 15.60
CA ILE J 29 -18.75 -40.40 14.49
C ILE J 29 -19.35 -39.78 13.26
N ARG J 30 -20.37 -38.93 13.47
CA ARG J 30 -20.99 -38.24 12.36
C ARG J 30 -21.43 -39.26 11.33
N ILE J 31 -20.87 -39.23 10.13
CA ILE J 31 -21.22 -40.18 9.09
C ILE J 31 -19.98 -40.83 8.51
N HIS J 32 -18.93 -40.89 9.29
CA HIS J 32 -17.66 -41.40 8.81
C HIS J 32 -17.56 -42.91 8.76
N LEU J 33 -18.37 -43.52 7.91
CA LEU J 33 -18.41 -44.99 7.72
C LEU J 33 -18.12 -45.51 6.33
N ASN J 34 -17.49 -46.66 6.32
CA ASN J 34 -17.21 -47.42 5.13
C ASN J 34 -17.70 -48.86 5.27
N TRP J 35 -18.71 -49.24 4.52
CA TRP J 35 -19.24 -50.59 4.61
C TRP J 35 -18.56 -51.45 3.56
N TYR J 36 -18.13 -52.64 3.98
CA TYR J 36 -17.43 -53.58 3.10
C TYR J 36 -18.12 -54.91 2.91
N GLN J 37 -17.90 -55.53 1.76
CA GLN J 37 -18.39 -56.87 1.45
C GLN J 37 -17.28 -57.84 1.15
N GLN J 38 -17.13 -58.88 1.96
CA GLN J 38 -16.06 -59.83 1.69
C GLN J 38 -16.53 -61.16 1.21
N LYS J 39 -16.30 -61.41 -0.07
CA LYS J 39 -16.70 -62.67 -0.64
C LYS J 39 -15.62 -63.63 -0.22
N PRO J 40 -15.90 -64.92 -0.06
CA PRO J 40 -14.90 -65.89 0.32
C PRO J 40 -13.73 -65.87 -0.65
N GLY J 41 -12.53 -65.85 -0.11
CA GLY J 41 -11.32 -65.87 -0.93
C GLY J 41 -10.88 -64.50 -1.46
N LYS J 42 -11.62 -63.44 -1.15
CA LYS J 42 -11.29 -62.12 -1.68
C LYS J 42 -10.99 -61.09 -0.61
N ALA J 43 -10.22 -60.05 -0.97
CA ALA J 43 -10.05 -58.90 -0.09
C ALA J 43 -11.43 -58.28 -0.04
N PRO J 44 -11.86 -57.64 1.05
CA PRO J 44 -13.16 -57.03 1.14
C PRO J 44 -13.30 -55.89 0.15
N LYS J 45 -14.46 -55.78 -0.46
CA LYS J 45 -14.74 -54.71 -1.41
C LYS J 45 -15.49 -53.59 -0.74
N LEU J 46 -15.07 -52.36 -0.97
CA LEU J 46 -15.83 -51.26 -0.38
C LEU J 46 -17.12 -51.08 -1.16
N LEU J 47 -18.26 -51.07 -0.47
CA LEU J 47 -19.51 -50.86 -1.19
C LEU J 47 -20.13 -49.51 -0.95
N ILE J 48 -20.08 -49.05 0.30
CA ILE J 48 -20.69 -47.76 0.64
C ILE J 48 -19.75 -46.87 1.41
N TYR J 49 -19.62 -45.61 1.01
CA TYR J 49 -18.69 -44.73 1.70
C TYR J 49 -19.38 -43.49 2.27
N ASP J 50 -18.78 -42.90 3.29
CA ASP J 50 -19.32 -41.73 3.96
C ASP J 50 -20.76 -42.04 4.41
N ALA J 51 -20.93 -43.24 4.95
CA ALA J 51 -22.16 -43.84 5.49
C ALA J 51 -23.22 -44.18 4.44
N SER J 52 -23.58 -43.25 3.55
CA SER J 52 -24.64 -43.49 2.58
C SER J 52 -24.33 -43.35 1.07
N ASN J 53 -23.09 -43.05 0.67
CA ASN J 53 -22.82 -42.87 -0.75
C ASN J 53 -22.48 -44.18 -1.43
N LEU J 54 -23.35 -44.63 -2.31
CA LEU J 54 -23.11 -45.92 -2.92
C LEU J 54 -21.92 -45.81 -3.86
N GLU J 55 -20.99 -46.75 -3.75
CA GLU J 55 -19.77 -46.77 -4.56
C GLU J 55 -20.03 -47.21 -6.00
N ALA J 56 -19.16 -46.78 -6.88
CA ALA J 56 -19.30 -47.09 -8.28
C ALA J 56 -19.25 -48.58 -8.52
N GLY J 57 -20.12 -49.05 -9.38
CA GLY J 57 -20.13 -50.47 -9.74
C GLY J 57 -20.95 -51.32 -8.78
N VAL J 58 -21.49 -50.71 -7.73
CA VAL J 58 -22.26 -51.45 -6.77
C VAL J 58 -23.72 -51.27 -7.16
N PRO J 59 -24.52 -52.33 -7.30
CA PRO J 59 -25.88 -52.27 -7.73
C PRO J 59 -26.76 -51.58 -6.71
N SER J 60 -27.89 -51.08 -7.21
CA SER J 60 -28.90 -50.30 -6.48
C SER J 60 -29.55 -50.99 -5.31
N ARG J 61 -29.33 -52.29 -5.21
CA ARG J 61 -29.84 -53.06 -4.09
C ARG J 61 -29.23 -52.54 -2.80
N PHE J 62 -27.99 -52.10 -2.87
CA PHE J 62 -27.28 -51.65 -1.70
C PHE J 62 -27.60 -50.21 -1.34
N SER J 63 -27.80 -49.99 -0.06
CA SER J 63 -28.05 -48.65 0.47
C SER J 63 -27.66 -48.52 1.92
N GLY J 64 -27.23 -47.33 2.32
CA GLY J 64 -26.88 -47.14 3.72
C GLY J 64 -27.49 -45.86 4.24
N SER J 65 -27.55 -45.76 5.56
CA SER J 65 -28.08 -44.55 6.19
C SER J 65 -27.72 -44.48 7.66
N GLY J 66 -28.00 -43.33 8.27
CA GLY J 66 -27.80 -43.15 9.70
C GLY J 66 -26.74 -42.12 9.98
N SER J 67 -26.63 -41.74 11.25
CA SER J 67 -25.68 -40.75 11.71
C SER J 67 -25.41 -40.89 13.20
N GLY J 68 -24.35 -40.26 13.64
CA GLY J 68 -24.05 -40.24 15.06
C GLY J 68 -23.56 -41.59 15.51
N THR J 69 -24.37 -42.28 16.29
CA THR J 69 -23.97 -43.58 16.79
C THR J 69 -24.76 -44.76 16.24
N ASP J 70 -25.73 -44.56 15.35
CA ASP J 70 -26.51 -45.72 14.89
C ASP J 70 -26.70 -45.71 13.39
N PHE J 71 -26.09 -46.71 12.74
CA PHE J 71 -26.05 -46.81 11.29
C PHE J 71 -26.67 -48.10 10.80
N THR J 72 -27.19 -48.07 9.59
CA THR J 72 -27.74 -49.27 9.00
C THR J 72 -27.24 -49.50 7.62
N PHE J 73 -27.47 -50.71 7.17
CA PHE J 73 -27.11 -51.14 5.84
C PHE J 73 -28.15 -52.11 5.31
N THR J 74 -28.54 -51.93 4.08
CA THR J 74 -29.49 -52.83 3.47
C THR J 74 -28.97 -53.28 2.16
N ILE J 75 -29.39 -54.49 1.79
CA ILE J 75 -29.03 -55.01 0.50
C ILE J 75 -30.30 -55.28 -0.28
N SER J 76 -31.39 -54.65 0.18
CA SER J 76 -32.69 -54.75 -0.43
C SER J 76 -33.08 -56.19 -0.61
N SER J 77 -33.62 -56.52 -1.78
CA SER J 77 -34.05 -57.88 -2.08
C SER J 77 -32.83 -58.70 -2.44
N LEU J 78 -32.53 -59.64 -1.57
CA LEU J 78 -31.34 -60.48 -1.58
C LEU J 78 -31.15 -61.36 -2.77
N GLN J 79 -29.96 -61.31 -3.39
CA GLN J 79 -29.68 -62.18 -4.53
C GLN J 79 -28.52 -63.11 -4.16
N PRO J 80 -28.35 -64.30 -4.76
CA PRO J 80 -27.28 -65.27 -4.51
C PRO J 80 -25.86 -64.69 -4.54
N GLU J 81 -25.65 -63.67 -5.35
CA GLU J 81 -24.37 -63.02 -5.50
C GLU J 81 -23.93 -62.27 -4.26
N ASP J 82 -24.85 -62.01 -3.36
CA ASP J 82 -24.63 -61.23 -2.18
C ASP J 82 -24.13 -62.05 -0.98
N ILE J 83 -23.82 -63.34 -1.16
CA ILE J 83 -23.28 -64.06 0.00
C ILE J 83 -21.94 -63.46 0.28
N ALA J 84 -21.76 -62.99 1.50
CA ALA J 84 -20.53 -62.35 1.91
C ALA J 84 -20.54 -62.08 3.39
N THR J 85 -19.39 -61.77 3.96
CA THR J 85 -19.38 -61.23 5.30
C THR J 85 -19.34 -59.72 5.16
N TYR J 86 -20.27 -59.03 5.80
CA TYR J 86 -20.28 -57.59 5.68
C TYR J 86 -19.61 -56.97 6.89
N TYR J 87 -18.80 -55.95 6.68
CA TYR J 87 -18.08 -55.33 7.80
C TYR J 87 -18.32 -53.82 7.93
N CYS J 88 -18.26 -53.34 9.19
CA CYS J 88 -18.33 -51.93 9.56
C CYS J 88 -16.91 -51.45 9.59
N GLN J 89 -16.72 -50.21 9.26
CA GLN J 89 -15.46 -49.55 9.44
C GLN J 89 -15.71 -48.09 9.59
N HIS J 90 -14.97 -47.44 10.43
CA HIS J 90 -15.17 -46.02 10.51
C HIS J 90 -13.83 -45.37 10.52
N TYR J 91 -13.84 -44.11 10.15
CA TYR J 91 -12.61 -43.34 10.09
C TYR J 91 -12.71 -42.01 10.79
N HIS J 92 -13.41 -41.98 11.88
CA HIS J 92 -13.59 -40.72 12.56
C HIS J 92 -12.29 -40.16 13.09
N ASN J 93 -11.50 -41.04 13.67
CA ASN J 93 -10.25 -40.66 14.26
C ASN J 93 -9.29 -41.81 14.13
N LEU J 94 -8.13 -41.69 14.72
CA LEU J 94 -7.23 -42.81 14.69
C LEU J 94 -7.28 -43.53 16.03
N PRO J 95 -7.14 -44.85 16.02
CA PRO J 95 -6.99 -45.77 14.91
C PRO J 95 -8.29 -45.97 14.18
N ARG J 96 -8.22 -46.29 12.91
CA ARG J 96 -9.42 -46.68 12.21
C ARG J 96 -9.78 -48.05 12.71
N THR J 97 -11.05 -48.26 13.03
CA THR J 97 -11.49 -49.54 13.58
C THR J 97 -12.61 -50.20 12.82
N PHE J 98 -12.57 -51.53 12.81
CA PHE J 98 -13.54 -52.39 12.15
C PHE J 98 -14.51 -53.03 13.12
N GLY J 99 -15.67 -53.39 12.58
CA GLY J 99 -16.70 -54.12 13.31
C GLY J 99 -16.35 -55.60 13.26
N GLY J 100 -17.21 -56.46 13.82
CA GLY J 100 -16.93 -57.89 13.87
C GLY J 100 -17.19 -58.65 12.57
N GLY J 101 -18.11 -58.18 11.76
CA GLY J 101 -18.46 -58.88 10.54
C GLY J 101 -19.76 -59.65 10.68
N THR J 102 -20.67 -59.48 9.72
CA THR J 102 -21.95 -60.19 9.71
C THR J 102 -21.98 -61.14 8.56
N LYS J 103 -22.16 -62.41 8.85
CA LYS J 103 -22.17 -63.34 7.75
C LYS J 103 -23.55 -63.45 7.18
N VAL J 104 -23.69 -63.19 5.88
CA VAL J 104 -24.99 -63.29 5.22
C VAL J 104 -25.04 -64.47 4.30
N GLU J 105 -25.94 -65.39 4.63
CA GLU J 105 -26.17 -66.63 3.89
C GLU J 105 -27.50 -66.59 3.18
N ILE J 106 -27.57 -67.30 2.05
CA ILE J 106 -28.79 -67.27 1.26
C ILE J 106 -29.37 -68.68 1.06
N LYS J 107 -30.68 -68.87 1.38
CA LYS J 107 -31.44 -70.14 1.25
C LYS J 107 -32.92 -69.94 1.65
N VAL K 1 -6.68 -50.18 -10.75
CA VAL K 1 -5.28 -50.20 -10.33
C VAL K 1 -4.97 -51.62 -9.82
N GLN K 2 -3.70 -51.85 -9.40
CA GLN K 2 -3.20 -53.07 -8.77
C GLN K 2 -2.29 -52.77 -7.60
N LEU K 3 -2.38 -53.62 -6.61
CA LEU K 3 -1.46 -53.65 -5.49
C LEU K 3 -1.12 -55.08 -5.27
N LEU K 4 0.16 -55.41 -5.33
CA LEU K 4 0.52 -56.80 -5.17
C LEU K 4 1.43 -57.06 -4.00
N GLU K 5 0.93 -57.81 -3.04
CA GLU K 5 1.71 -58.17 -1.88
C GLU K 5 2.76 -59.20 -2.26
N SER K 6 3.91 -59.12 -1.60
CA SER K 6 5.00 -60.04 -1.78
C SER K 6 5.68 -60.30 -0.46
N GLY K 7 6.16 -61.51 -0.29
CA GLY K 7 6.80 -61.90 0.95
C GLY K 7 5.70 -62.58 1.71
N GLY K 8 6.05 -63.39 2.69
CA GLY K 8 5.08 -64.12 3.46
C GLY K 8 5.67 -65.48 3.72
N GLY K 9 4.86 -66.41 4.22
CA GLY K 9 5.37 -67.73 4.53
C GLY K 9 5.39 -68.05 6.01
N LEU K 10 5.88 -69.24 6.31
CA LEU K 10 5.94 -69.78 7.66
C LEU K 10 7.29 -69.60 8.31
N VAL K 11 7.27 -68.96 9.47
CA VAL K 11 8.46 -68.74 10.26
C VAL K 11 8.22 -69.15 11.70
N GLN K 12 9.29 -69.37 12.43
CA GLN K 12 9.22 -69.68 13.85
C GLN K 12 9.08 -68.35 14.61
N PRO K 13 8.55 -68.32 15.84
CA PRO K 13 8.49 -67.14 16.70
C PRO K 13 9.87 -66.56 16.92
N GLY K 14 9.91 -65.25 17.03
CA GLY K 14 11.15 -64.53 17.19
C GLY K 14 11.61 -64.24 15.78
N GLY K 15 12.71 -63.52 15.64
CA GLY K 15 13.15 -63.24 14.29
C GLY K 15 12.20 -62.25 13.64
N SER K 16 12.19 -62.25 12.32
CA SER K 16 11.40 -61.30 11.56
C SER K 16 11.03 -61.83 10.19
N LEU K 17 10.04 -61.19 9.59
CA LEU K 17 9.64 -61.46 8.22
C LEU K 17 9.42 -60.13 7.49
N SER K 18 9.95 -60.01 6.29
CA SER K 18 9.78 -58.78 5.53
C SER K 18 8.74 -58.89 4.43
N LEU K 19 7.77 -57.97 4.48
CA LEU K 19 6.74 -57.88 3.46
C LEU K 19 6.93 -56.64 2.64
N SER K 20 6.45 -56.70 1.42
CA SER K 20 6.46 -55.53 0.58
C SER K 20 5.21 -55.58 -0.30
N CYS K 21 4.86 -54.44 -0.93
CA CYS K 21 3.74 -54.29 -1.84
C CYS K 21 4.12 -53.39 -3.00
N ALA K 22 3.93 -53.93 -4.20
CA ALA K 22 4.23 -53.23 -5.43
C ALA K 22 3.01 -52.54 -5.97
N ALA K 23 3.14 -51.25 -6.28
CA ALA K 23 2.00 -50.53 -6.79
C ALA K 23 2.05 -50.34 -8.29
N SER K 24 0.87 -50.37 -8.92
CA SER K 24 0.76 -50.10 -10.34
C SER K 24 -0.57 -49.46 -10.74
N GLY K 25 -0.50 -48.61 -11.77
CA GLY K 25 -1.69 -47.97 -12.32
C GLY K 25 -2.01 -46.60 -11.71
N PHE K 26 -1.16 -46.13 -10.81
CA PHE K 26 -1.40 -44.84 -10.18
C PHE K 26 -0.13 -44.19 -9.72
N THR K 27 -0.21 -42.91 -9.44
CA THR K 27 0.96 -42.23 -8.97
C THR K 27 1.13 -42.52 -7.50
N PHE K 28 1.89 -43.55 -7.22
CA PHE K 28 2.12 -44.06 -5.87
C PHE K 28 2.54 -42.97 -4.93
N SER K 29 3.42 -42.11 -5.38
CA SER K 29 4.01 -41.04 -4.56
C SER K 29 3.00 -39.99 -4.10
N SER K 30 1.80 -40.02 -4.65
CA SER K 30 0.76 -39.07 -4.29
C SER K 30 -0.14 -39.59 -3.17
N PHE K 31 0.02 -40.84 -2.75
CA PHE K 31 -0.91 -41.37 -1.76
C PHE K 31 -0.28 -42.01 -0.55
N ALA K 32 -0.98 -41.85 0.56
CA ALA K 32 -0.67 -42.54 1.79
C ALA K 32 -1.06 -44.00 1.62
N MET K 33 -0.32 -44.88 2.29
CA MET K 33 -0.51 -46.32 2.22
C MET K 33 -0.58 -46.97 3.60
N SER K 34 -1.31 -48.08 3.68
CA SER K 34 -1.41 -48.80 4.95
C SER K 34 -1.49 -50.32 4.84
N TRP K 35 -1.25 -50.99 5.98
CA TRP K 35 -1.40 -52.43 6.11
C TRP K 35 -2.53 -52.78 7.07
N VAL K 36 -3.32 -53.76 6.66
CA VAL K 36 -4.49 -54.31 7.35
C VAL K 36 -4.26 -55.78 7.68
N ARG K 37 -4.67 -56.20 8.88
CA ARG K 37 -4.47 -57.57 9.32
C ARG K 37 -5.76 -58.39 9.39
N GLN K 38 -5.84 -59.50 8.67
CA GLN K 38 -7.04 -60.32 8.76
C GLN K 38 -6.79 -61.62 9.50
N ALA K 39 -7.16 -61.63 10.76
CA ALA K 39 -6.92 -62.78 11.61
C ALA K 39 -8.04 -63.79 11.39
N PRO K 40 -7.82 -65.09 11.65
CA PRO K 40 -8.82 -66.14 11.61
C PRO K 40 -9.88 -66.03 12.71
N VAL K 41 -9.60 -65.26 13.75
CA VAL K 41 -10.53 -65.09 14.86
C VAL K 41 -11.13 -63.70 14.86
N LYS K 42 -10.27 -62.68 14.81
CA LYS K 42 -10.74 -61.31 14.74
C LYS K 42 -10.77 -60.94 13.28
N GLY K 43 -11.97 -60.74 12.73
CA GLY K 43 -12.17 -60.53 11.31
C GLY K 43 -11.22 -59.53 10.70
N LEU K 44 -11.29 -58.26 11.09
CA LEU K 44 -10.36 -57.30 10.52
C LEU K 44 -9.76 -56.40 11.58
N GLU K 45 -8.44 -56.40 11.61
CA GLU K 45 -7.62 -55.62 12.51
C GLU K 45 -6.82 -54.64 11.66
N TRP K 46 -6.02 -53.80 12.27
CA TRP K 46 -5.19 -52.89 11.51
C TRP K 46 -3.77 -52.85 12.05
N VAL K 47 -2.79 -52.66 11.17
CA VAL K 47 -1.42 -52.68 11.63
C VAL K 47 -0.70 -51.35 11.60
N SER K 48 -0.56 -50.76 10.43
CA SER K 48 0.21 -49.52 10.36
C SER K 48 -0.07 -48.70 9.12
N MET K 49 0.26 -47.42 9.17
CA MET K 49 0.13 -46.55 8.02
C MET K 49 1.24 -45.52 7.91
N ILE K 50 1.55 -45.15 6.67
CA ILE K 50 2.58 -44.16 6.34
C ILE K 50 2.05 -43.07 5.39
N SER K 51 2.44 -41.81 5.63
CA SER K 51 1.99 -40.70 4.79
C SER K 51 2.60 -40.75 3.41
N ALA K 52 2.02 -40.02 2.45
CA ALA K 52 2.51 -40.14 1.07
C ALA K 52 3.98 -39.82 0.89
N GLY K 53 4.50 -38.86 1.63
CA GLY K 53 5.90 -38.49 1.48
C GLY K 53 6.83 -39.26 2.41
N GLY K 54 6.25 -40.14 3.24
CA GLY K 54 7.01 -40.93 4.20
C GLY K 54 7.35 -40.17 5.49
N GLY K 55 6.90 -38.93 5.58
CA GLY K 55 7.21 -38.06 6.71
C GLY K 55 6.67 -38.53 8.05
N ASN K 56 5.51 -39.16 8.04
CA ASN K 56 4.90 -39.59 9.28
C ASN K 56 4.33 -40.97 9.21
N THR K 57 4.31 -41.63 10.35
CA THR K 57 3.73 -42.95 10.47
C THR K 57 2.83 -43.04 11.68
N TYR K 58 1.98 -44.03 11.65
CA TYR K 58 1.10 -44.35 12.75
C TYR K 58 0.99 -45.86 12.90
N TYR K 59 1.11 -46.35 14.12
CA TYR K 59 1.07 -47.78 14.37
C TYR K 59 0.01 -48.19 15.36
N ALA K 60 -0.52 -49.40 15.18
CA ALA K 60 -1.38 -50.00 16.17
C ALA K 60 -0.57 -50.16 17.42
N ASP K 61 -1.18 -50.03 18.59
CA ASP K 61 -0.46 -50.15 19.83
C ASP K 61 0.12 -51.54 19.98
N SER K 62 -0.58 -52.49 19.39
CA SER K 62 -0.22 -53.89 19.37
C SER K 62 1.04 -54.21 18.56
N VAL K 63 1.49 -53.31 17.66
CA VAL K 63 2.70 -53.56 16.91
C VAL K 63 3.69 -52.43 17.13
N LYS K 64 3.23 -51.35 17.76
CA LYS K 64 4.07 -50.21 17.99
C LYS K 64 5.23 -50.63 18.85
N GLY K 65 6.42 -50.21 18.44
CA GLY K 65 7.64 -50.53 19.17
C GLY K 65 8.35 -51.72 18.56
N ARG K 66 7.66 -52.44 17.68
CA ARG K 66 8.26 -53.57 17.04
C ARG K 66 8.33 -53.34 15.55
N PHE K 67 7.18 -53.11 14.96
CA PHE K 67 7.13 -53.02 13.50
C PHE K 67 7.67 -51.72 13.00
N THR K 68 8.27 -51.79 11.82
CA THR K 68 8.70 -50.59 11.12
C THR K 68 8.04 -50.49 9.75
N ILE K 69 7.47 -49.34 9.44
CA ILE K 69 6.84 -49.16 8.14
C ILE K 69 7.65 -48.13 7.38
N SER K 70 7.90 -48.40 6.10
CA SER K 70 8.67 -47.48 5.27
C SER K 70 8.29 -47.62 3.81
N ARG K 71 8.69 -46.67 2.99
CA ARG K 71 8.37 -46.73 1.57
C ARG K 71 9.43 -46.05 0.74
N ASP K 72 9.47 -46.40 -0.53
CA ASP K 72 10.35 -45.76 -1.48
C ASP K 72 9.57 -45.46 -2.73
N ASN K 73 9.25 -44.19 -2.88
CA ASN K 73 8.38 -43.79 -3.94
C ASN K 73 8.98 -43.98 -5.32
N SER K 74 10.30 -43.99 -5.42
CA SER K 74 10.93 -44.10 -6.73
C SER K 74 10.80 -45.50 -7.31
N LYS K 75 10.40 -46.45 -6.46
CA LYS K 75 10.26 -47.84 -6.85
C LYS K 75 8.81 -48.25 -6.76
N SER K 76 7.93 -47.29 -6.48
CA SER K 76 6.52 -47.56 -6.26
C SER K 76 6.32 -48.69 -5.26
N THR K 77 7.12 -48.70 -4.18
CA THR K 77 7.02 -49.82 -3.24
C THR K 77 6.87 -49.45 -1.77
N LEU K 78 5.95 -50.17 -1.15
CA LEU K 78 5.64 -50.12 0.27
C LEU K 78 6.31 -51.29 1.00
N TYR K 79 6.91 -51.05 2.17
CA TYR K 79 7.54 -52.11 2.94
C TYR K 79 7.04 -52.21 4.39
N LEU K 80 7.03 -53.42 4.94
CA LEU K 80 6.73 -53.62 6.35
C LEU K 80 7.72 -54.60 6.98
N GLN K 81 8.38 -54.15 8.04
CA GLN K 81 9.36 -54.98 8.72
C GLN K 81 8.74 -55.61 9.94
N MET K 82 8.34 -56.85 9.82
CA MET K 82 7.63 -57.48 10.90
C MET K 82 8.60 -58.10 11.88
N SER K 83 9.18 -57.26 12.72
CA SER K 83 10.20 -57.67 13.67
C SER K 83 9.58 -58.31 14.90
N SER K 84 10.41 -59.03 15.66
CA SER K 84 9.98 -59.58 16.94
C SER K 84 8.63 -60.28 16.86
N LEU K 85 8.51 -61.20 15.90
CA LEU K 85 7.28 -61.93 15.63
C LEU K 85 6.80 -62.91 16.68
N THR K 86 5.47 -62.97 16.83
CA THR K 86 4.86 -63.95 17.71
C THR K 86 3.74 -64.72 17.06
N ALA K 87 3.23 -65.73 17.76
CA ALA K 87 2.14 -66.56 17.26
C ALA K 87 0.89 -65.74 16.97
N GLU K 88 0.65 -64.71 17.76
CA GLU K 88 -0.49 -63.85 17.63
C GLU K 88 -0.48 -63.00 16.37
N ASP K 89 0.64 -62.97 15.64
CA ASP K 89 0.72 -62.17 14.44
C ASP K 89 0.33 -63.00 13.22
N THR K 90 -0.10 -64.25 13.42
CA THR K 90 -0.52 -65.00 12.25
C THR K 90 -1.77 -64.36 11.69
N ALA K 91 -1.74 -64.02 10.41
CA ALA K 91 -2.85 -63.36 9.74
C ALA K 91 -2.60 -63.22 8.25
N VAL K 92 -3.64 -62.91 7.50
CA VAL K 92 -3.44 -62.51 6.12
C VAL K 92 -3.22 -61.01 6.11
N TYR K 93 -2.16 -60.57 5.48
CA TYR K 93 -1.88 -59.16 5.45
C TYR K 93 -2.22 -58.57 4.13
N TYR K 94 -2.80 -57.38 4.16
CA TYR K 94 -3.17 -56.65 2.95
C TYR K 94 -2.57 -55.25 2.96
N CYS K 95 -2.16 -54.74 1.78
CA CYS K 95 -1.72 -53.35 1.57
C CYS K 95 -2.90 -52.59 0.94
N ALA K 96 -3.01 -51.31 1.24
CA ALA K 96 -4.10 -50.54 0.64
C ALA K 96 -3.81 -49.06 0.44
N LYS K 97 -4.48 -48.53 -0.59
CA LYS K 97 -4.46 -47.14 -1.02
C LYS K 97 -5.55 -46.34 -0.30
N SER K 98 -5.15 -45.25 0.37
CA SER K 98 -6.05 -44.40 1.17
C SER K 98 -6.74 -43.24 0.44
N ASP K 99 -6.34 -42.97 -0.78
CA ASP K 99 -6.89 -41.87 -1.60
C ASP K 99 -6.85 -40.49 -0.98
N SER K 100 -5.75 -40.25 -0.30
CA SER K 100 -5.36 -39.02 0.33
C SER K 100 -3.89 -39.14 0.64
N SER K 101 -3.24 -38.01 0.92
CA SER K 101 -1.83 -38.05 1.31
C SER K 101 -1.50 -37.91 2.81
N GLY K 102 -2.44 -37.40 3.64
CA GLY K 102 -2.14 -37.04 5.04
C GLY K 102 -2.80 -37.78 6.22
N PHE K 103 -3.37 -38.95 6.02
CA PHE K 103 -4.04 -39.76 7.07
C PHE K 103 -5.41 -39.26 7.54
N GLN K 104 -5.52 -37.97 7.83
CA GLN K 104 -6.76 -37.42 8.39
C GLN K 104 -7.93 -37.39 7.42
N TYR K 105 -7.73 -36.98 6.19
CA TYR K 105 -8.83 -37.00 5.21
C TYR K 105 -8.61 -38.26 4.41
N GLY K 106 -9.65 -38.98 3.96
CA GLY K 106 -9.39 -40.18 3.12
C GLY K 106 -10.48 -41.27 3.10
N ARG K 107 -10.18 -42.34 2.34
CA ARG K 107 -11.03 -43.53 2.11
C ARG K 107 -10.15 -44.71 1.66
N ARG K 108 -10.16 -45.85 2.37
CA ARG K 108 -9.32 -47.00 1.96
C ARG K 108 -9.98 -47.80 0.87
N GLU K 109 -10.03 -47.19 -0.29
CA GLU K 109 -10.70 -47.70 -1.47
C GLU K 109 -10.15 -48.98 -2.03
N PHE K 110 -8.82 -49.10 -2.10
CA PHE K 110 -8.32 -50.25 -2.82
C PHE K 110 -7.29 -51.07 -2.09
N TRP K 111 -7.61 -52.34 -1.92
CA TRP K 111 -6.76 -53.27 -1.21
C TRP K 111 -6.19 -54.28 -2.19
N GLY K 112 -5.01 -54.78 -1.92
CA GLY K 112 -4.44 -55.86 -2.73
C GLY K 112 -5.11 -57.14 -2.27
N GLN K 113 -4.72 -58.32 -2.77
CA GLN K 113 -5.44 -59.51 -2.35
C GLN K 113 -4.80 -60.20 -1.17
N GLY K 114 -3.66 -59.70 -0.75
CA GLY K 114 -3.00 -60.16 0.45
C GLY K 114 -2.05 -61.32 0.32
N THR K 115 -1.37 -61.56 1.43
CA THR K 115 -0.40 -62.63 1.60
C THR K 115 -0.56 -63.26 2.98
N LEU K 116 -0.18 -64.50 3.14
CA LEU K 116 -0.30 -65.13 4.45
C LEU K 116 1.00 -65.25 5.22
N VAL K 117 0.98 -64.74 6.45
CA VAL K 117 2.12 -64.83 7.35
C VAL K 117 1.75 -65.72 8.50
N THR K 118 2.53 -66.78 8.71
CA THR K 118 2.25 -67.71 9.78
C THR K 118 3.42 -67.81 10.71
N VAL K 119 3.17 -67.70 12.00
CA VAL K 119 4.25 -67.81 12.96
C VAL K 119 3.97 -69.02 13.86
N SER K 120 4.90 -70.02 13.86
CA SER K 120 4.81 -71.31 14.57
C SER K 120 6.18 -72.04 14.53
N GLY L 12 36.27 10.29 44.18
CA GLY L 12 34.83 10.15 44.40
C GLY L 12 34.19 11.47 44.76
N GLY L 13 32.89 11.54 44.64
CA GLY L 13 32.18 12.75 44.95
C GLY L 13 31.82 12.89 46.40
N TRP L 14 31.25 14.02 46.69
CA TRP L 14 30.88 14.38 48.01
C TRP L 14 29.40 14.23 48.19
N THR L 15 28.99 13.31 49.05
CA THR L 15 27.57 13.07 49.27
C THR L 15 27.01 14.15 50.15
N GLY L 16 27.91 14.92 50.74
CA GLY L 16 27.53 16.03 51.57
C GLY L 16 27.39 17.33 50.76
N MET L 17 27.68 17.32 49.45
CA MET L 17 27.57 18.55 48.68
C MET L 17 26.41 18.46 47.76
N VAL L 18 25.31 19.09 48.15
CA VAL L 18 24.07 18.97 47.42
C VAL L 18 23.54 20.30 46.87
N ASP L 19 24.37 21.32 46.83
CA ASP L 19 23.98 22.63 46.33
C ASP L 19 24.39 22.90 44.87
N GLY L 20 24.81 21.86 44.18
CA GLY L 20 25.21 21.95 42.78
C GLY L 20 26.03 20.73 42.39
N TRP L 21 26.24 20.55 41.10
CA TRP L 21 27.01 19.42 40.59
C TRP L 21 28.50 19.52 40.87
N TYR L 22 29.05 20.71 40.82
CA TYR L 22 30.50 20.84 40.99
C TYR L 22 30.81 21.82 42.06
N GLY L 23 31.94 21.67 42.73
CA GLY L 23 32.29 22.61 43.78
C GLY L 23 33.56 22.30 44.48
N TYR L 24 33.82 23.09 45.51
CA TYR L 24 35.05 23.00 46.26
C TYR L 24 34.87 22.68 47.72
N HIS L 25 35.89 22.07 48.27
CA HIS L 25 35.98 21.79 49.69
C HIS L 25 37.32 22.26 50.17
N HIS L 26 37.35 22.83 51.35
CA HIS L 26 38.61 23.30 51.88
C HIS L 26 38.78 23.08 53.35
N GLN L 27 40.05 23.10 53.76
CA GLN L 27 40.44 23.07 55.15
C GLN L 27 41.59 24.04 55.36
N ASN L 28 41.45 24.94 56.33
CA ASN L 28 42.53 25.87 56.63
C ASN L 28 42.52 26.21 58.11
N GLU L 29 43.48 27.02 58.51
CA GLU L 29 43.59 27.46 59.90
C GLU L 29 42.29 28.03 60.50
N GLN L 30 41.50 28.75 59.70
CA GLN L 30 40.28 29.39 60.19
C GLN L 30 39.01 28.56 60.11
N GLY L 31 39.09 27.35 59.56
CA GLY L 31 37.87 26.55 59.41
C GLY L 31 37.84 25.68 58.16
N SER L 32 36.68 25.08 57.92
CA SER L 32 36.53 24.18 56.79
C SER L 32 35.09 24.05 56.33
N GLY L 33 34.93 23.50 55.15
CA GLY L 33 33.60 23.28 54.59
C GLY L 33 33.66 23.22 53.09
N TYR L 34 32.50 23.30 52.45
CA TYR L 34 32.43 23.20 51.01
C TYR L 34 31.35 24.11 50.47
N ALA L 35 31.43 24.38 49.18
CA ALA L 35 30.38 25.10 48.48
C ALA L 35 30.39 24.76 47.00
N ALA L 36 29.22 24.77 46.37
CA ALA L 36 29.14 24.56 44.93
C ALA L 36 29.74 25.72 44.17
N ASP L 37 30.36 25.40 43.05
CA ASP L 37 30.85 26.38 42.11
C ASP L 37 29.71 26.59 41.16
N LEU L 38 28.99 27.68 41.36
CA LEU L 38 27.76 27.83 40.62
C LEU L 38 27.94 28.42 39.25
N LYS L 39 29.16 28.83 38.90
CA LYS L 39 29.34 29.34 37.56
C LYS L 39 29.38 28.11 36.71
N SER L 40 30.16 27.14 37.18
CA SER L 40 30.32 25.89 36.47
C SER L 40 29.06 25.10 36.48
N THR L 41 28.42 24.99 37.64
CA THR L 41 27.22 24.21 37.73
C THR L 41 26.15 24.81 36.86
N GLN L 42 25.96 26.14 36.86
CA GLN L 42 24.89 26.63 36.02
C GLN L 42 25.20 26.42 34.56
N ASN L 43 26.46 26.56 34.15
CA ASN L 43 26.73 26.36 32.75
C ASN L 43 26.47 24.91 32.37
N ALA L 44 26.82 23.99 33.28
CA ALA L 44 26.61 22.58 33.03
C ALA L 44 25.14 22.30 32.92
N ILE L 45 24.33 22.96 33.76
CA ILE L 45 22.90 22.77 33.72
C ILE L 45 22.33 23.27 32.44
N ASP L 46 22.73 24.45 31.98
CA ASP L 46 22.16 24.94 30.74
C ASP L 46 22.50 24.01 29.60
N GLY L 47 23.72 23.46 29.62
CA GLY L 47 24.16 22.53 28.59
C GLY L 47 23.28 21.29 28.59
N ILE L 48 23.11 20.69 29.75
CA ILE L 48 22.31 19.50 29.87
C ILE L 48 20.85 19.76 29.54
N THR L 49 20.32 20.88 30.00
CA THR L 49 18.93 21.19 29.75
C THR L 49 18.69 21.35 28.27
N ASN L 50 19.59 22.06 27.57
CA ASN L 50 19.38 22.24 26.14
C ASN L 50 19.47 20.92 25.42
N LYS L 51 20.37 20.04 25.85
CA LYS L 51 20.53 18.75 25.24
C LYS L 51 19.30 17.88 25.37
N VAL L 52 18.75 17.81 26.58
CA VAL L 52 17.60 16.97 26.81
C VAL L 52 16.42 17.53 26.07
N ASN L 53 16.25 18.84 26.13
CA ASN L 53 15.13 19.40 25.45
C ASN L 53 15.26 19.22 23.96
N SER L 54 16.45 19.34 23.36
CA SER L 54 16.51 19.15 21.92
C SER L 54 16.12 17.74 21.53
N VAL L 55 16.50 16.76 22.33
CA VAL L 55 16.15 15.39 22.01
C VAL L 55 14.64 15.21 21.96
N ILE L 56 13.92 15.83 22.89
CA ILE L 56 12.47 15.69 22.98
C ILE L 56 11.70 16.66 22.07
N GLU L 57 12.06 17.93 22.13
CA GLU L 57 11.41 19.05 21.44
C GLU L 57 11.52 19.05 19.94
N LYS L 58 12.56 18.43 19.37
CA LYS L 58 12.69 18.40 17.93
C LYS L 58 11.82 17.31 17.29
N MET L 59 11.38 16.30 18.06
CA MET L 59 10.65 15.23 17.42
C MET L 59 9.17 15.54 17.35
N ASN L 60 8.84 16.39 16.40
CA ASN L 60 7.49 16.93 16.26
C ASN L 60 6.61 16.16 15.31
N THR L 61 5.63 15.46 15.88
CA THR L 61 4.72 14.61 15.13
C THR L 61 3.42 15.34 14.84
N GLN L 62 2.62 14.75 13.95
CA GLN L 62 1.31 15.28 13.57
C GLN L 62 0.24 14.32 14.00
N PHE L 63 -1.01 14.66 13.76
CA PHE L 63 -2.09 13.76 14.11
C PHE L 63 -2.16 12.63 13.11
N THR L 64 -2.07 11.40 13.58
CA THR L 64 -2.15 10.27 12.68
C THR L 64 -3.09 9.20 13.19
N ALA L 65 -3.41 8.26 12.33
CA ALA L 65 -4.16 7.08 12.74
C ALA L 65 -3.44 5.91 12.13
N VAL L 66 -2.90 5.07 12.98
CA VAL L 66 -2.05 3.98 12.56
C VAL L 66 -2.79 2.77 12.04
N GLY L 67 -3.85 2.36 12.71
CA GLY L 67 -4.50 1.13 12.32
C GLY L 67 -5.18 1.27 10.98
N LYS L 68 -5.19 0.17 10.23
CA LYS L 68 -5.82 0.06 8.93
C LYS L 68 -6.55 -1.26 8.89
N GLU L 69 -7.65 -1.32 8.18
CA GLU L 69 -8.37 -2.58 8.10
C GLU L 69 -8.51 -3.11 6.69
N PHE L 70 -8.22 -4.40 6.55
CA PHE L 70 -8.28 -5.10 5.26
C PHE L 70 -9.09 -6.38 5.38
N ASN L 71 -9.68 -6.83 4.28
CA ASN L 71 -10.47 -8.07 4.27
C ASN L 71 -9.59 -9.28 3.91
N HIS L 72 -10.20 -10.45 3.82
CA HIS L 72 -9.45 -11.69 3.60
C HIS L 72 -8.87 -11.85 2.21
N LEU L 73 -9.28 -11.02 1.27
CA LEU L 73 -8.76 -11.08 -0.09
C LEU L 73 -7.79 -9.93 -0.34
N GLU L 74 -7.37 -9.27 0.73
CA GLU L 74 -6.45 -8.18 0.68
C GLU L 74 -5.22 -8.50 1.52
N LYS L 75 -4.86 -9.77 1.63
CA LYS L 75 -3.75 -10.19 2.48
C LYS L 75 -2.47 -9.49 2.07
N ARG L 76 -2.27 -9.30 0.77
CA ARG L 76 -1.05 -8.68 0.32
C ARG L 76 -0.94 -7.21 0.75
N ILE L 77 -2.07 -6.57 1.00
CA ILE L 77 -2.06 -5.17 1.34
C ILE L 77 -1.84 -5.07 2.81
N GLU L 78 -2.48 -5.95 3.56
CA GLU L 78 -2.29 -5.95 4.98
C GLU L 78 -0.83 -6.22 5.25
N ASN L 79 -0.22 -7.12 4.48
CA ASN L 79 1.17 -7.45 4.68
C ASN L 79 2.04 -6.27 4.31
N LEU L 80 1.64 -5.49 3.30
CA LEU L 80 2.41 -4.29 2.98
C LEU L 80 2.31 -3.34 4.13
N ASN L 81 1.13 -3.15 4.68
CA ASN L 81 0.99 -2.27 5.81
C ASN L 81 1.88 -2.70 6.95
N LYS L 82 1.95 -4.01 7.20
CA LYS L 82 2.80 -4.50 8.26
C LYS L 82 4.24 -4.17 7.93
N LYS L 83 4.65 -4.38 6.69
CA LYS L 83 6.01 -4.10 6.27
C LYS L 83 6.38 -2.66 6.57
N VAL L 84 5.43 -1.75 6.36
CA VAL L 84 5.65 -0.35 6.63
C VAL L 84 5.84 -0.13 8.13
N ASP L 85 4.96 -0.72 8.95
CA ASP L 85 5.06 -0.56 10.39
C ASP L 85 6.34 -1.13 10.95
N ASP L 86 6.77 -2.25 10.40
CA ASP L 86 7.94 -2.93 10.89
C ASP L 86 9.19 -2.17 10.55
N GLY L 87 9.26 -1.63 9.35
CA GLY L 87 10.44 -0.88 8.99
C GLY L 87 10.58 0.34 9.87
N PHE L 88 9.47 1.04 10.09
CA PHE L 88 9.54 2.24 10.92
C PHE L 88 9.89 1.87 12.34
N LEU L 89 9.36 0.78 12.83
CA LEU L 89 9.64 0.35 14.18
C LEU L 89 11.10 -0.02 14.36
N ASP L 90 11.69 -0.73 13.42
CA ASP L 90 13.09 -1.10 13.57
C ASP L 90 13.99 0.12 13.50
N ILE L 91 13.63 1.08 12.65
CA ILE L 91 14.44 2.27 12.53
C ILE L 91 14.42 3.07 13.78
N TRP L 92 13.22 3.31 14.32
CA TRP L 92 13.15 4.11 15.53
C TRP L 92 13.72 3.42 16.72
N THR L 93 13.52 2.11 16.87
CA THR L 93 14.03 1.45 18.04
C THR L 93 15.54 1.50 18.02
N TYR L 94 16.14 1.20 16.87
CA TYR L 94 17.57 1.17 16.79
C TYR L 94 18.19 2.52 16.94
N ASN L 95 17.62 3.52 16.26
CA ASN L 95 18.22 4.82 16.36
C ASN L 95 18.10 5.34 17.78
N ALA L 96 16.98 5.06 18.44
CA ALA L 96 16.78 5.51 19.79
C ALA L 96 17.79 4.88 20.72
N GLU L 97 18.10 3.60 20.52
CA GLU L 97 19.08 2.97 21.40
C GLU L 97 20.43 3.58 21.19
N LEU L 98 20.78 3.87 19.94
CA LEU L 98 22.09 4.44 19.69
C LEU L 98 22.17 5.85 20.20
N LEU L 99 21.07 6.59 20.11
CA LEU L 99 21.07 7.96 20.55
C LEU L 99 21.27 7.99 22.05
N VAL L 100 20.60 7.11 22.77
CA VAL L 100 20.75 7.08 24.20
C VAL L 100 22.14 6.67 24.60
N LEU L 101 22.69 5.63 23.98
CA LEU L 101 24.01 5.17 24.37
C LEU L 101 25.09 6.20 24.04
N LEU L 102 24.96 6.84 22.88
CA LEU L 102 25.92 7.81 22.46
C LEU L 102 25.84 9.04 23.32
N GLU L 103 24.63 9.52 23.59
CA GLU L 103 24.52 10.70 24.38
C GLU L 103 24.92 10.41 25.81
N ASN L 104 24.63 9.24 26.35
CA ASN L 104 25.03 9.04 27.71
C ASN L 104 26.54 9.12 27.83
N GLU L 105 27.27 8.62 26.83
CA GLU L 105 28.72 8.72 26.94
C GLU L 105 29.15 10.17 26.80
N ARG L 106 28.53 10.91 25.89
CA ARG L 106 28.91 12.30 25.69
C ARG L 106 28.59 13.16 26.90
N THR L 107 27.49 12.86 27.58
CA THR L 107 27.03 13.55 28.76
C THR L 107 28.03 13.40 29.85
N LEU L 108 28.47 12.18 30.05
CA LEU L 108 29.39 11.91 31.10
C LEU L 108 30.74 12.55 30.80
N ASP L 109 31.14 12.61 29.52
CA ASP L 109 32.39 13.29 29.17
C ASP L 109 32.25 14.79 29.38
N TYR L 110 31.10 15.35 29.06
CA TYR L 110 30.85 16.77 29.26
C TYR L 110 31.01 17.14 30.71
N HIS L 111 30.44 16.34 31.59
CA HIS L 111 30.56 16.60 33.01
C HIS L 111 32.01 16.50 33.47
N ASP L 112 32.72 15.51 32.95
CA ASP L 112 34.10 15.31 33.29
C ASP L 112 34.93 16.51 32.79
N SER L 113 34.54 17.09 31.66
CA SER L 113 35.20 18.26 31.09
C SER L 113 35.05 19.46 31.97
N ASN L 114 33.83 19.71 32.42
CA ASN L 114 33.59 20.89 33.22
C ASN L 114 34.37 20.88 34.52
N VAL L 115 34.48 19.73 35.16
CA VAL L 115 35.22 19.73 36.41
C VAL L 115 36.73 19.78 36.14
N LYS L 116 37.18 19.18 35.03
CA LYS L 116 38.58 19.27 34.65
C LYS L 116 38.96 20.73 34.43
N ASN L 117 38.05 21.50 33.82
CA ASN L 117 38.31 22.90 33.54
C ASN L 117 38.50 23.68 34.83
N LEU L 118 37.72 23.35 35.85
CA LEU L 118 37.87 24.07 37.10
C LEU L 118 39.21 23.79 37.73
N TYR L 119 39.68 22.55 37.65
CA TYR L 119 40.99 22.25 38.22
C TYR L 119 42.04 23.10 37.57
N GLU L 120 42.01 23.15 36.22
CA GLU L 120 43.02 23.91 35.52
C GLU L 120 42.96 25.40 35.84
N LYS L 121 41.76 25.96 36.01
CA LYS L 121 41.67 27.38 36.34
C LYS L 121 42.34 27.66 37.69
N VAL L 122 42.16 26.77 38.66
CA VAL L 122 42.79 26.96 39.94
C VAL L 122 44.29 26.81 39.83
N ARG L 123 44.75 25.81 39.10
CA ARG L 123 46.17 25.60 38.95
C ARG L 123 46.84 26.80 38.31
N SER L 124 46.16 27.41 37.34
CA SER L 124 46.67 28.57 36.63
C SER L 124 46.89 29.73 37.58
N GLN L 125 45.94 29.97 38.48
CA GLN L 125 46.11 31.04 39.46
C GLN L 125 47.18 30.76 40.50
N LEU L 126 47.28 29.52 40.96
CA LEU L 126 48.20 29.20 42.04
C LEU L 126 49.64 29.06 41.60
N LYS L 127 49.87 28.62 40.38
CA LYS L 127 51.21 28.50 39.87
C LYS L 127 52.13 27.73 40.83
N ASN L 128 53.17 28.40 41.32
CA ASN L 128 54.16 27.77 42.17
C ASN L 128 53.92 27.97 43.65
N ASN L 129 52.74 28.45 44.02
CA ASN L 129 52.41 28.66 45.42
C ASN L 129 51.64 27.51 46.07
N ALA L 130 51.40 26.42 45.34
CA ALA L 130 50.72 25.26 45.91
C ALA L 130 51.18 23.97 45.21
N LYS L 131 51.15 22.87 45.95
CA LYS L 131 51.50 21.56 45.44
C LYS L 131 50.29 20.84 44.88
N GLU L 132 50.46 20.17 43.76
CA GLU L 132 49.37 19.36 43.24
C GLU L 132 49.50 17.99 43.89
N ILE L 133 48.57 17.67 44.78
CA ILE L 133 48.68 16.43 45.54
C ILE L 133 47.73 15.32 45.07
N GLY L 134 46.53 15.68 44.62
CA GLY L 134 45.57 14.65 44.19
C GLY L 134 44.21 14.83 44.83
N ASN L 135 43.22 14.06 44.37
CA ASN L 135 41.84 14.20 44.88
C ASN L 135 41.35 15.64 44.66
N GLY L 136 41.81 16.22 43.56
CA GLY L 136 41.47 17.59 43.19
C GLY L 136 42.13 18.69 44.04
N CYS L 137 43.05 18.31 44.96
CA CYS L 137 43.66 19.16 45.96
C CYS L 137 44.99 19.78 45.58
N PHE L 138 45.03 21.05 45.97
CA PHE L 138 46.16 21.93 45.91
C PHE L 138 46.55 22.30 47.34
N GLU L 139 47.75 21.90 47.72
CA GLU L 139 48.24 22.14 49.06
C GLU L 139 49.00 23.45 49.06
N PHE L 140 48.56 24.40 49.82
CA PHE L 140 49.21 25.70 49.75
C PHE L 140 50.54 25.65 50.44
N TYR L 141 51.53 26.39 49.93
CA TYR L 141 52.82 26.39 50.60
C TYR L 141 52.95 27.56 51.53
N HIS L 142 51.87 28.28 51.69
CA HIS L 142 51.77 29.48 52.50
C HIS L 142 50.45 29.48 53.20
N LYS L 143 50.33 30.26 54.26
CA LYS L 143 49.03 30.35 54.88
C LYS L 143 48.04 30.91 53.86
N CYS L 144 46.87 30.25 53.71
CA CYS L 144 45.81 30.64 52.80
C CYS L 144 44.49 30.47 53.56
N ASP L 145 44.08 31.58 54.12
CA ASP L 145 42.95 31.72 54.99
C ASP L 145 41.65 31.82 54.21
N ASN L 146 40.53 32.07 54.87
CA ASN L 146 39.29 32.05 54.13
C ASN L 146 39.24 33.09 53.03
N THR L 147 39.81 34.27 53.25
CA THR L 147 39.80 35.32 52.23
C THR L 147 40.57 34.87 50.97
N CYS L 148 41.78 34.25 51.18
CA CYS L 148 42.66 33.70 50.13
C CYS L 148 41.92 32.64 49.33
N MET L 149 41.29 31.67 50.00
CA MET L 149 40.61 30.63 49.27
C MET L 149 39.42 31.15 48.49
N GLU L 150 38.69 32.13 49.02
CA GLU L 150 37.57 32.66 48.26
C GLU L 150 38.11 33.37 47.03
N SER L 151 39.24 34.06 47.18
CA SER L 151 39.88 34.78 46.09
C SER L 151 40.28 33.79 45.00
N VAL L 152 40.80 32.62 45.39
CA VAL L 152 41.18 31.63 44.39
C VAL L 152 39.93 31.12 43.66
N LYS L 153 38.89 30.79 44.41
CA LYS L 153 37.68 30.26 43.79
C LYS L 153 37.03 31.25 42.83
N ASN L 154 37.15 32.54 43.14
CA ASN L 154 36.55 33.57 42.32
C ASN L 154 37.43 34.05 41.17
N GLY L 155 38.63 33.48 41.00
CA GLY L 155 39.50 33.89 39.91
C GLY L 155 40.33 35.16 40.18
N THR L 156 40.50 35.56 41.43
CA THR L 156 41.23 36.76 41.76
C THR L 156 42.46 36.55 42.64
N TYR L 157 43.00 35.34 42.72
CA TYR L 157 44.14 35.15 43.62
C TYR L 157 45.29 36.05 43.25
N ASP L 158 45.74 36.84 44.21
CA ASP L 158 46.82 37.76 43.95
C ASP L 158 48.16 37.09 44.19
N TYR L 159 48.51 36.21 43.27
CA TYR L 159 49.71 35.37 43.38
C TYR L 159 50.95 36.03 43.97
N PRO L 160 51.42 37.20 43.53
CA PRO L 160 52.64 37.80 44.01
C PRO L 160 52.70 38.03 45.51
N LYS L 161 51.56 38.18 46.20
CA LYS L 161 51.62 38.47 47.62
C LYS L 161 51.79 37.25 48.47
N TYR L 162 51.74 36.10 47.83
CA TYR L 162 51.87 34.86 48.52
C TYR L 162 53.14 34.13 48.09
N SER L 163 53.88 34.70 47.12
CA SER L 163 55.00 33.94 46.59
C SER L 163 56.18 33.97 47.52
N GLU L 164 56.28 35.02 48.34
CA GLU L 164 57.40 35.10 49.24
C GLU L 164 57.24 34.06 50.31
N GLU L 165 56.02 33.95 50.85
CA GLU L 165 55.81 33.00 51.91
C GLU L 165 55.95 31.59 51.38
N ALA L 166 55.43 31.33 50.18
CA ALA L 166 55.51 30.01 49.64
C ALA L 166 56.96 29.57 49.45
N LYS L 167 57.86 30.47 49.00
CA LYS L 167 59.23 29.99 48.87
C LYS L 167 59.93 29.89 50.22
N LEU L 168 59.59 30.76 51.18
CA LEU L 168 60.28 30.71 52.47
C LEU L 168 59.99 29.42 53.20
N ASN L 169 58.81 28.86 52.99
CA ASN L 169 58.43 27.62 53.65
C ASN L 169 59.03 26.39 52.96
N ARG L 170 59.71 26.60 51.83
CA ARG L 170 60.39 25.54 51.07
C ARG L 170 61.93 25.60 51.07
N GLU L 171 62.53 26.81 51.25
CA GLU L 171 63.99 27.09 51.26
C GLU L 171 64.71 26.55 52.52
#